data_2JOV
#
_entry.id   2JOV
#
_entity_poly.entity_id   1
_entity_poly.type   'polypeptide(L)'
_entity_poly.pdbx_seq_one_letter_code
;MHKDIFTSVVRVRGSKKYNVVPVKSNKPVEISKWIDFSNVLSRLYVGVPTKSGNVVCKNIMNTGVDIICTKNLPKDSLEH
HHHHH
;
_entity_poly.pdbx_strand_id   A
#
# COMPACT_ATOMS: atom_id res chain seq x y z
N MET A 1 10.36 0.89 -21.53
CA MET A 1 10.82 -0.26 -22.34
C MET A 1 9.63 -1.13 -22.76
N HIS A 2 9.02 -1.80 -21.79
CA HIS A 2 7.79 -2.55 -22.05
C HIS A 2 6.69 -2.03 -21.15
N LYS A 3 6.80 -2.33 -19.86
CA LYS A 3 5.84 -1.89 -18.87
C LYS A 3 6.58 -1.36 -17.65
N ASP A 4 5.88 -0.61 -16.81
CA ASP A 4 6.51 0.04 -15.66
C ASP A 4 5.95 -0.54 -14.36
N ILE A 5 6.80 -0.64 -13.33
CA ILE A 5 6.36 -1.12 -12.04
C ILE A 5 5.38 -0.14 -11.41
N PHE A 6 4.17 -0.60 -11.14
CA PHE A 6 3.15 0.22 -10.51
C PHE A 6 3.63 0.69 -9.15
N THR A 7 3.61 2.00 -8.95
CA THR A 7 3.94 2.58 -7.66
C THR A 7 3.06 3.81 -7.44
N SER A 8 2.28 3.80 -6.38
CA SER A 8 1.31 4.85 -6.14
C SER A 8 1.13 5.06 -4.64
N VAL A 9 0.29 6.03 -4.27
CA VAL A 9 0.04 6.34 -2.88
C VAL A 9 -1.41 6.05 -2.52
N VAL A 10 -1.61 5.17 -1.56
CA VAL A 10 -2.97 4.81 -1.13
C VAL A 10 -3.23 5.31 0.30
N ARG A 11 -4.48 5.61 0.59
CA ARG A 11 -4.86 6.14 1.89
C ARG A 11 -4.91 5.04 2.93
N VAL A 12 -4.34 5.30 4.10
CA VAL A 12 -4.32 4.34 5.18
C VAL A 12 -5.16 4.83 6.34
N ARG A 13 -6.28 4.15 6.57
CA ARG A 13 -7.26 4.58 7.55
C ARG A 13 -6.95 3.95 8.91
N GLY A 14 -6.34 4.73 9.80
CA GLY A 14 -6.09 4.27 11.14
C GLY A 14 -5.05 5.12 11.83
N SER A 15 -4.99 5.04 13.15
CA SER A 15 -4.01 5.80 13.90
C SER A 15 -2.70 5.02 13.95
N LYS A 16 -1.78 5.42 13.08
CA LYS A 16 -0.51 4.72 12.94
C LYS A 16 0.59 5.69 12.52
N LYS A 17 0.55 6.88 13.13
CA LYS A 17 1.51 7.96 12.86
C LYS A 17 1.32 8.56 11.46
N TYR A 18 1.56 7.75 10.43
CA TYR A 18 1.44 8.21 9.04
C TYR A 18 -0.03 8.34 8.64
N ASN A 19 -0.26 8.73 7.39
CA ASN A 19 -1.63 8.87 6.88
C ASN A 19 -1.82 8.11 5.57
N VAL A 20 -0.79 8.10 4.74
CA VAL A 20 -0.82 7.36 3.48
C VAL A 20 0.40 6.47 3.36
N VAL A 21 0.33 5.45 2.52
CA VAL A 21 1.45 4.54 2.33
C VAL A 21 1.78 4.38 0.85
N PRO A 22 3.07 4.47 0.49
CA PRO A 22 3.54 4.19 -0.86
C PRO A 22 3.51 2.70 -1.18
N VAL A 23 2.73 2.33 -2.17
CA VAL A 23 2.59 0.94 -2.57
C VAL A 23 3.19 0.71 -3.94
N LYS A 24 3.67 -0.49 -4.17
CA LYS A 24 4.26 -0.85 -5.43
C LYS A 24 3.78 -2.23 -5.86
N SER A 25 4.08 -2.61 -7.08
CA SER A 25 3.68 -3.90 -7.59
C SER A 25 4.88 -4.82 -7.74
N ASN A 26 4.62 -6.12 -7.70
CA ASN A 26 5.66 -7.13 -7.85
C ASN A 26 6.05 -7.30 -9.31
N LYS A 27 5.09 -7.12 -10.21
CA LYS A 27 5.32 -7.34 -11.63
C LYS A 27 5.01 -6.07 -12.44
N PRO A 28 5.70 -5.88 -13.59
CA PRO A 28 5.55 -4.68 -14.42
C PRO A 28 4.16 -4.53 -15.02
N VAL A 29 3.64 -3.31 -14.98
CA VAL A 29 2.30 -3.02 -15.46
C VAL A 29 2.35 -1.93 -16.51
N GLU A 30 1.42 -1.93 -17.45
CA GLU A 30 1.37 -0.86 -18.43
C GLU A 30 0.91 0.43 -17.76
N ILE A 31 1.44 1.56 -18.23
CA ILE A 31 1.19 2.85 -17.60
C ILE A 31 -0.30 3.20 -17.61
N SER A 32 -1.03 2.67 -18.57
CA SER A 32 -2.47 2.88 -18.65
C SER A 32 -3.18 2.22 -17.46
N LYS A 33 -2.59 1.15 -16.94
CA LYS A 33 -3.16 0.45 -15.79
C LYS A 33 -2.63 1.03 -14.49
N TRP A 34 -1.49 1.72 -14.56
CA TRP A 34 -0.97 2.44 -13.41
C TRP A 34 -2.00 3.44 -12.92
N ILE A 35 -2.62 4.14 -13.88
CA ILE A 35 -3.68 5.09 -13.58
C ILE A 35 -4.91 4.35 -13.05
N ASP A 36 -5.26 3.27 -13.75
CA ASP A 36 -6.44 2.47 -13.41
C ASP A 36 -6.37 1.94 -11.98
N PHE A 37 -5.23 1.39 -11.60
CA PHE A 37 -5.05 0.86 -10.25
C PHE A 37 -5.07 1.98 -9.22
N SER A 38 -4.49 3.13 -9.57
CA SER A 38 -4.50 4.28 -8.68
C SER A 38 -5.93 4.78 -8.46
N ASN A 39 -6.76 4.65 -9.49
CA ASN A 39 -8.17 4.98 -9.39
C ASN A 39 -8.86 4.09 -8.36
N VAL A 40 -8.48 2.81 -8.37
CA VAL A 40 -9.02 1.85 -7.40
C VAL A 40 -8.57 2.23 -5.99
N LEU A 41 -7.30 2.57 -5.84
CA LEU A 41 -6.74 2.94 -4.55
C LEU A 41 -7.37 4.22 -4.02
N SER A 42 -7.94 5.02 -4.91
CA SER A 42 -8.57 6.28 -4.51
C SER A 42 -9.90 6.03 -3.80
N ARG A 43 -10.42 4.81 -3.89
CA ARG A 43 -11.64 4.44 -3.18
C ARG A 43 -11.30 3.44 -2.08
N LEU A 44 -10.00 3.13 -1.97
CA LEU A 44 -9.55 2.04 -1.12
C LEU A 44 -8.83 2.59 0.10
N TYR A 45 -9.17 2.07 1.26
CA TYR A 45 -8.54 2.47 2.50
C TYR A 45 -7.87 1.29 3.17
N VAL A 46 -6.56 1.30 3.20
CA VAL A 46 -5.79 0.27 3.90
C VAL A 46 -5.81 0.59 5.38
N GLY A 47 -6.21 -0.37 6.20
CA GLY A 47 -6.28 -0.12 7.62
C GLY A 47 -5.36 -0.98 8.43
N VAL A 48 -4.22 -1.34 7.84
CA VAL A 48 -3.26 -2.22 8.49
C VAL A 48 -1.87 -1.60 8.50
N PRO A 49 -1.37 -1.24 9.68
CA PRO A 49 0.02 -0.84 9.86
C PRO A 49 0.96 -2.05 9.84
N THR A 50 1.63 -2.24 8.71
CA THR A 50 2.42 -3.44 8.50
C THR A 50 3.87 -3.11 8.10
N LYS A 51 4.64 -4.17 7.86
CA LYS A 51 6.02 -4.04 7.43
C LYS A 51 6.09 -3.95 5.90
N SER A 52 7.30 -3.86 5.37
CA SER A 52 7.50 -3.73 3.94
C SER A 52 7.24 -5.05 3.23
N GLY A 53 6.60 -4.96 2.06
CA GLY A 53 6.29 -6.14 1.30
C GLY A 53 4.99 -6.77 1.74
N ASN A 54 4.06 -5.95 2.18
CA ASN A 54 2.74 -6.45 2.60
C ASN A 54 1.73 -6.33 1.48
N VAL A 55 1.06 -7.44 1.18
CA VAL A 55 0.10 -7.47 0.07
C VAL A 55 -1.25 -6.91 0.52
N VAL A 56 -1.70 -5.86 -0.15
CA VAL A 56 -3.02 -5.28 0.12
C VAL A 56 -4.08 -6.05 -0.63
N CYS A 57 -3.96 -6.05 -1.94
CA CYS A 57 -4.90 -6.75 -2.81
C CYS A 57 -4.14 -7.60 -3.82
N LYS A 58 -4.41 -8.90 -3.80
CA LYS A 58 -3.84 -9.79 -4.79
C LYS A 58 -4.81 -9.92 -5.95
N ASN A 59 -4.27 -9.87 -7.17
CA ASN A 59 -5.08 -9.91 -8.38
C ASN A 59 -5.97 -8.68 -8.47
N ILE A 60 -5.36 -7.50 -8.42
CA ILE A 60 -6.12 -6.25 -8.44
C ILE A 60 -6.76 -6.05 -9.81
N MET A 61 -8.08 -5.85 -9.81
CA MET A 61 -8.87 -5.75 -11.05
C MET A 61 -8.81 -7.09 -11.80
N ASN A 62 -8.55 -8.15 -11.03
CA ASN A 62 -8.37 -9.50 -11.57
C ASN A 62 -7.35 -9.51 -12.70
N THR A 63 -6.11 -9.28 -12.34
CA THR A 63 -5.01 -9.28 -13.29
C THR A 63 -4.05 -10.43 -13.01
N GLY A 64 -3.88 -10.74 -11.73
CA GLY A 64 -2.92 -11.75 -11.34
C GLY A 64 -1.67 -11.13 -10.74
N VAL A 65 -1.73 -9.83 -10.49
CA VAL A 65 -0.60 -9.10 -9.97
C VAL A 65 -0.79 -8.81 -8.48
N ASP A 66 0.30 -8.57 -7.76
CA ASP A 66 0.23 -8.28 -6.34
C ASP A 66 0.58 -6.82 -6.09
N ILE A 67 -0.17 -6.18 -5.19
CA ILE A 67 0.13 -4.82 -4.79
C ILE A 67 0.59 -4.81 -3.34
N ILE A 68 1.83 -4.39 -3.12
CA ILE A 68 2.43 -4.45 -1.80
C ILE A 68 2.92 -3.09 -1.32
N CYS A 69 2.66 -2.77 -0.07
CA CYS A 69 3.19 -1.56 0.53
C CYS A 69 4.62 -1.83 0.99
N THR A 70 5.53 -0.93 0.71
CA THR A 70 6.92 -1.15 1.05
C THR A 70 7.37 -0.22 2.18
N LYS A 71 6.44 0.55 2.71
CA LYS A 71 6.72 1.40 3.85
C LYS A 71 6.29 0.70 5.13
N ASN A 72 7.06 0.88 6.19
CA ASN A 72 6.74 0.28 7.47
C ASN A 72 5.87 1.22 8.28
N LEU A 73 4.67 0.77 8.66
CA LEU A 73 3.76 1.62 9.41
C LEU A 73 3.84 1.32 10.90
N PRO A 74 4.35 2.26 11.71
CA PRO A 74 4.43 2.12 13.14
C PRO A 74 3.15 2.59 13.82
N LYS A 75 2.26 1.66 14.12
CA LYS A 75 0.99 1.98 14.76
C LYS A 75 1.21 2.42 16.19
N ASP A 76 1.81 1.54 16.97
CA ASP A 76 2.11 1.82 18.36
C ASP A 76 3.60 2.06 18.53
N SER A 77 3.96 3.28 18.88
CA SER A 77 5.35 3.65 19.04
C SER A 77 5.84 3.29 20.44
N LEU A 78 6.15 2.02 20.64
CA LEU A 78 6.66 1.56 21.93
C LEU A 78 8.16 1.37 21.87
N GLU A 79 8.88 2.44 22.18
CA GLU A 79 10.33 2.38 22.24
C GLU A 79 10.79 2.33 23.69
N HIS A 80 11.46 1.25 24.05
CA HIS A 80 11.86 1.03 25.43
C HIS A 80 13.37 1.11 25.57
N HIS A 81 13.96 2.15 24.99
CA HIS A 81 15.37 2.42 25.15
C HIS A 81 15.56 3.52 26.19
N HIS A 82 14.71 4.54 26.12
CA HIS A 82 14.70 5.58 27.11
C HIS A 82 13.55 5.36 28.09
N HIS A 83 13.72 5.81 29.33
CA HIS A 83 12.63 5.75 30.30
C HIS A 83 11.67 6.91 30.04
N HIS A 84 11.90 8.04 30.70
CA HIS A 84 11.04 9.21 30.58
C HIS A 84 11.51 10.30 31.54
N HIS A 85 11.43 11.55 31.10
CA HIS A 85 11.77 12.67 31.98
C HIS A 85 10.55 13.06 32.81
N MET A 1 4.70 -1.55 -25.42
CA MET A 1 6.15 -1.41 -25.68
C MET A 1 6.96 -1.54 -24.40
N HIS A 2 6.62 -0.74 -23.39
CA HIS A 2 7.37 -0.76 -22.14
C HIS A 2 6.42 -0.81 -20.96
N LYS A 3 6.63 -1.79 -20.10
CA LYS A 3 5.86 -1.89 -18.87
C LYS A 3 6.71 -1.46 -17.70
N ASP A 4 6.09 -0.85 -16.70
CA ASP A 4 6.83 -0.33 -15.56
C ASP A 4 6.15 -0.71 -14.25
N ILE A 5 6.96 -0.88 -13.22
CA ILE A 5 6.46 -1.16 -11.89
C ILE A 5 5.60 -0.02 -11.38
N PHE A 6 4.30 -0.28 -11.27
CA PHE A 6 3.38 0.73 -10.78
C PHE A 6 3.66 1.03 -9.32
N THR A 7 4.16 2.22 -9.05
CA THR A 7 4.49 2.64 -7.70
C THR A 7 3.75 3.92 -7.36
N SER A 8 3.05 3.93 -6.24
CA SER A 8 2.27 5.09 -5.84
C SER A 8 2.09 5.10 -4.31
N VAL A 9 1.51 6.17 -3.80
CA VAL A 9 1.28 6.30 -2.38
C VAL A 9 -0.22 6.38 -2.11
N VAL A 10 -0.71 5.51 -1.25
CA VAL A 10 -2.13 5.47 -0.93
C VAL A 10 -2.39 6.05 0.44
N ARG A 11 -3.61 6.52 0.67
CA ARG A 11 -3.97 7.16 1.92
C ARG A 11 -4.49 6.12 2.90
N VAL A 12 -3.77 5.96 4.00
CA VAL A 12 -4.03 4.91 4.96
C VAL A 12 -4.64 5.46 6.24
N ARG A 13 -5.59 4.75 6.80
CA ARG A 13 -6.22 5.14 8.04
C ARG A 13 -5.58 4.40 9.22
N GLY A 14 -5.71 4.95 10.42
CA GLY A 14 -5.23 4.27 11.60
C GLY A 14 -4.24 5.11 12.38
N SER A 15 -4.09 4.82 13.66
CA SER A 15 -3.19 5.56 14.53
C SER A 15 -1.74 5.10 14.38
N LYS A 16 -1.34 4.94 13.13
CA LYS A 16 -0.01 4.45 12.80
C LYS A 16 0.94 5.60 12.44
N LYS A 17 0.71 6.74 13.11
CA LYS A 17 1.52 7.96 12.92
C LYS A 17 1.30 8.60 11.55
N TYR A 18 1.57 7.86 10.50
CA TYR A 18 1.41 8.37 9.14
C TYR A 18 -0.04 8.31 8.70
N ASN A 19 -0.29 8.70 7.46
CA ASN A 19 -1.61 8.58 6.86
C ASN A 19 -1.49 8.23 5.39
N VAL A 20 -0.28 7.86 4.97
CA VAL A 20 -0.02 7.42 3.62
C VAL A 20 1.08 6.36 3.62
N VAL A 21 1.00 5.41 2.68
CA VAL A 21 2.05 4.40 2.54
C VAL A 21 2.37 4.16 1.07
N PRO A 22 3.68 4.13 0.72
CA PRO A 22 4.12 3.81 -0.64
C PRO A 22 3.91 2.34 -0.99
N VAL A 23 3.05 2.10 -1.97
CA VAL A 23 2.77 0.76 -2.45
C VAL A 23 3.45 0.55 -3.80
N LYS A 24 3.80 -0.70 -4.08
CA LYS A 24 4.48 -1.05 -5.31
C LYS A 24 3.87 -2.30 -5.91
N SER A 25 4.16 -2.54 -7.19
CA SER A 25 3.66 -3.70 -7.88
C SER A 25 4.81 -4.66 -8.15
N ASN A 26 4.61 -5.94 -7.83
CA ASN A 26 5.65 -6.94 -8.06
C ASN A 26 5.76 -7.30 -9.53
N LYS A 27 4.78 -6.88 -10.31
CA LYS A 27 4.76 -7.13 -11.75
C LYS A 27 4.84 -5.80 -12.50
N PRO A 28 5.56 -5.77 -13.63
CA PRO A 28 5.60 -4.59 -14.50
C PRO A 28 4.25 -4.35 -15.15
N VAL A 29 3.68 -3.20 -14.89
CA VAL A 29 2.32 -2.89 -15.32
C VAL A 29 2.34 -2.05 -16.59
N GLU A 30 1.32 -2.24 -17.42
CA GLU A 30 1.13 -1.40 -18.59
C GLU A 30 0.84 0.03 -18.13
N ILE A 31 1.70 0.96 -18.53
CA ILE A 31 1.60 2.34 -18.05
C ILE A 31 0.28 3.00 -18.45
N SER A 32 -0.36 2.45 -19.48
CA SER A 32 -1.64 2.98 -19.96
C SER A 32 -2.75 2.68 -18.95
N LYS A 33 -2.49 1.75 -18.04
CA LYS A 33 -3.50 1.31 -17.09
C LYS A 33 -3.33 2.00 -15.73
N TRP A 34 -2.49 3.04 -15.69
CA TRP A 34 -2.19 3.72 -14.43
C TRP A 34 -3.45 4.37 -13.86
N ILE A 35 -4.32 4.86 -14.73
CA ILE A 35 -5.58 5.46 -14.31
C ILE A 35 -6.49 4.40 -13.70
N ASP A 36 -6.49 3.23 -14.32
CA ASP A 36 -7.34 2.12 -13.89
C ASP A 36 -7.00 1.70 -12.46
N PHE A 37 -5.71 1.52 -12.21
CA PHE A 37 -5.23 1.14 -10.89
C PHE A 37 -5.48 2.24 -9.86
N SER A 38 -5.25 3.49 -10.26
CA SER A 38 -5.46 4.63 -9.39
C SER A 38 -6.93 4.71 -8.94
N ASN A 39 -7.84 4.42 -9.87
CA ASN A 39 -9.27 4.41 -9.55
C ASN A 39 -9.58 3.36 -8.49
N VAL A 40 -9.00 2.19 -8.65
CA VAL A 40 -9.20 1.09 -7.69
C VAL A 40 -8.62 1.46 -6.33
N LEU A 41 -7.41 2.01 -6.34
CA LEU A 41 -6.72 2.39 -5.11
C LEU A 41 -7.47 3.50 -4.36
N SER A 42 -8.21 4.32 -5.10
CA SER A 42 -8.96 5.42 -4.51
C SER A 42 -10.18 4.93 -3.74
N ARG A 43 -10.43 3.63 -3.81
CA ARG A 43 -11.55 3.02 -3.10
C ARG A 43 -11.01 2.08 -2.03
N LEU A 44 -9.70 2.07 -1.87
CA LEU A 44 -9.04 1.10 -1.02
C LEU A 44 -8.48 1.78 0.24
N TYR A 45 -9.27 2.68 0.82
CA TYR A 45 -8.90 3.32 2.08
C TYR A 45 -8.97 2.33 3.22
N VAL A 46 -7.83 1.73 3.54
CA VAL A 46 -7.76 0.72 4.58
C VAL A 46 -7.02 1.27 5.81
N GLY A 47 -7.33 0.72 6.98
CA GLY A 47 -6.68 1.16 8.18
C GLY A 47 -6.01 0.02 8.92
N VAL A 48 -4.71 -0.11 8.74
CA VAL A 48 -3.94 -1.17 9.41
C VAL A 48 -2.44 -0.93 9.24
N PRO A 49 -1.70 -0.90 10.36
CA PRO A 49 -0.24 -0.80 10.34
C PRO A 49 0.40 -2.11 9.89
N THR A 50 1.17 -2.07 8.81
CA THR A 50 1.71 -3.26 8.21
C THR A 50 3.24 -3.25 8.13
N LYS A 51 3.80 -4.33 7.57
CA LYS A 51 5.24 -4.48 7.43
C LYS A 51 5.65 -4.30 5.96
N SER A 52 6.94 -4.27 5.69
CA SER A 52 7.43 -4.14 4.32
C SER A 52 7.15 -5.42 3.53
N GLY A 53 6.49 -5.26 2.39
CA GLY A 53 6.16 -6.39 1.56
C GLY A 53 4.82 -6.98 1.92
N ASN A 54 3.92 -6.14 2.40
CA ASN A 54 2.58 -6.59 2.75
C ASN A 54 1.67 -6.49 1.55
N VAL A 55 0.98 -7.59 1.23
CA VAL A 55 0.10 -7.61 0.08
C VAL A 55 -1.29 -7.13 0.46
N VAL A 56 -1.69 -5.98 -0.05
CA VAL A 56 -3.01 -5.45 0.22
C VAL A 56 -4.05 -6.21 -0.61
N CYS A 57 -3.93 -6.11 -1.93
CA CYS A 57 -4.83 -6.79 -2.82
C CYS A 57 -4.04 -7.55 -3.88
N LYS A 58 -4.06 -8.88 -3.78
CA LYS A 58 -3.43 -9.72 -4.78
C LYS A 58 -4.40 -9.96 -5.93
N ASN A 59 -3.90 -9.91 -7.15
CA ASN A 59 -4.73 -10.04 -8.35
C ASN A 59 -5.77 -8.93 -8.36
N ILE A 60 -5.30 -7.73 -8.02
CA ILE A 60 -6.16 -6.56 -7.84
C ILE A 60 -7.12 -6.34 -9.02
N MET A 61 -6.62 -6.57 -10.22
CA MET A 61 -7.42 -6.38 -11.41
C MET A 61 -7.31 -7.63 -12.30
N ASN A 62 -7.28 -8.79 -11.65
CA ASN A 62 -7.12 -10.08 -12.34
C ASN A 62 -5.76 -10.13 -13.03
N THR A 63 -4.87 -9.27 -12.59
CA THR A 63 -3.57 -9.09 -13.20
C THR A 63 -2.56 -10.13 -12.71
N GLY A 64 -2.79 -10.65 -11.52
CA GLY A 64 -1.83 -11.55 -10.91
C GLY A 64 -0.74 -10.79 -10.20
N VAL A 65 -0.99 -9.51 -9.96
CA VAL A 65 -0.03 -8.63 -9.31
C VAL A 65 -0.27 -8.60 -7.80
N ASP A 66 0.81 -8.62 -7.05
CA ASP A 66 0.76 -8.43 -5.61
C ASP A 66 1.03 -6.96 -5.31
N ILE A 67 -0.02 -6.21 -5.03
CA ILE A 67 0.14 -4.83 -4.63
C ILE A 67 0.61 -4.77 -3.19
N ILE A 68 1.90 -4.53 -3.01
CA ILE A 68 2.51 -4.61 -1.70
C ILE A 68 3.02 -3.25 -1.24
N CYS A 69 2.77 -2.93 0.02
CA CYS A 69 3.33 -1.72 0.61
C CYS A 69 4.71 -2.05 1.18
N THR A 70 5.68 -1.20 0.94
CA THR A 70 7.05 -1.49 1.34
C THR A 70 7.50 -0.66 2.53
N LYS A 71 6.62 0.21 3.02
CA LYS A 71 6.93 0.99 4.21
C LYS A 71 6.22 0.39 5.41
N ASN A 72 6.90 0.35 6.53
CA ASN A 72 6.33 -0.23 7.75
C ASN A 72 5.58 0.83 8.53
N LEU A 73 4.37 0.51 8.95
CA LEU A 73 3.56 1.46 9.72
C LEU A 73 3.73 1.20 11.21
N PRO A 74 4.15 2.23 11.96
CA PRO A 74 4.38 2.13 13.40
C PRO A 74 3.10 1.77 14.15
N LYS A 75 3.17 0.71 14.95
CA LYS A 75 2.04 0.27 15.75
C LYS A 75 1.84 1.22 16.94
N ASP A 76 2.92 1.88 17.33
CA ASP A 76 2.91 2.72 18.52
C ASP A 76 2.40 4.12 18.22
N SER A 77 1.25 4.45 18.79
CA SER A 77 0.70 5.78 18.68
C SER A 77 1.02 6.58 19.95
N LEU A 78 2.29 6.54 20.34
CA LEU A 78 2.73 7.14 21.60
C LEU A 78 2.67 8.66 21.57
N GLU A 79 2.34 9.23 20.42
CA GLU A 79 2.30 10.67 20.27
C GLU A 79 1.04 11.27 20.89
N HIS A 80 1.07 11.40 22.21
CA HIS A 80 0.03 12.13 22.93
C HIS A 80 0.69 13.29 23.66
N HIS A 81 1.51 12.95 24.65
CA HIS A 81 2.37 13.90 25.36
C HIS A 81 1.59 14.90 26.20
N HIS A 82 0.98 15.89 25.55
CA HIS A 82 0.32 16.97 26.29
C HIS A 82 -1.09 17.19 25.75
N HIS A 83 -2.08 17.17 26.63
CA HIS A 83 -3.46 17.41 26.22
C HIS A 83 -3.83 18.87 26.45
N HIS A 84 -3.27 19.74 25.61
CA HIS A 84 -3.64 21.15 25.58
C HIS A 84 -3.61 21.63 24.15
N HIS A 85 -2.40 21.86 23.67
CA HIS A 85 -2.15 22.23 22.28
C HIS A 85 -0.66 22.49 22.11
N MET A 1 3.19 -0.40 -25.70
CA MET A 1 2.86 -0.44 -24.26
C MET A 1 4.10 -0.82 -23.45
N HIS A 2 4.47 0.03 -22.52
CA HIS A 2 5.67 -0.20 -21.71
C HIS A 2 5.28 -0.67 -20.31
N LYS A 3 5.64 -1.91 -19.98
CA LYS A 3 5.40 -2.44 -18.64
C LYS A 3 6.51 -1.99 -17.70
N ASP A 4 6.12 -1.39 -16.59
CA ASP A 4 7.06 -0.93 -15.58
C ASP A 4 6.47 -1.22 -14.20
N ILE A 5 7.18 -0.88 -13.14
CA ILE A 5 6.70 -1.14 -11.80
C ILE A 5 5.86 0.03 -11.29
N PHE A 6 4.54 -0.12 -11.33
CA PHE A 6 3.64 0.91 -10.83
C PHE A 6 3.91 1.16 -9.35
N THR A 7 4.51 2.31 -9.06
CA THR A 7 4.79 2.70 -7.70
C THR A 7 4.06 4.00 -7.38
N SER A 8 3.30 4.00 -6.28
CA SER A 8 2.50 5.16 -5.92
C SER A 8 2.29 5.19 -4.41
N VAL A 9 1.44 6.10 -3.95
CA VAL A 9 1.09 6.17 -2.54
C VAL A 9 -0.42 6.11 -2.37
N VAL A 10 -0.87 5.40 -1.34
CA VAL A 10 -2.30 5.28 -1.07
C VAL A 10 -2.61 5.82 0.31
N ARG A 11 -3.85 6.26 0.53
CA ARG A 11 -4.24 6.79 1.81
C ARG A 11 -4.61 5.67 2.76
N VAL A 12 -4.02 5.72 3.93
CA VAL A 12 -4.20 4.68 4.94
C VAL A 12 -5.26 5.12 5.95
N ARG A 13 -6.09 4.17 6.40
CA ARG A 13 -7.17 4.48 7.30
C ARG A 13 -7.27 3.44 8.41
N GLY A 14 -6.74 3.78 9.57
CA GLY A 14 -6.73 2.88 10.70
C GLY A 14 -5.98 3.48 11.86
N SER A 15 -5.82 2.71 12.92
CA SER A 15 -5.16 3.22 14.12
C SER A 15 -3.64 3.03 14.00
N LYS A 16 -3.02 3.93 13.27
CA LYS A 16 -1.57 3.95 13.09
C LYS A 16 -1.14 5.32 12.60
N LYS A 17 0.07 5.74 12.98
CA LYS A 17 0.48 7.14 12.85
C LYS A 17 1.01 7.48 11.45
N TYR A 18 0.38 6.91 10.43
CA TYR A 18 0.74 7.20 9.04
C TYR A 18 -0.48 7.02 8.13
N ASN A 19 -1.01 8.12 7.62
CA ASN A 19 -2.20 8.06 6.77
C ASN A 19 -1.82 7.91 5.30
N VAL A 20 -0.55 7.68 5.03
CA VAL A 20 -0.09 7.44 3.66
C VAL A 20 0.99 6.37 3.64
N VAL A 21 0.85 5.41 2.73
CA VAL A 21 1.87 4.38 2.54
C VAL A 21 2.19 4.18 1.06
N PRO A 22 3.49 4.17 0.71
CA PRO A 22 3.93 3.89 -0.65
C PRO A 22 3.76 2.43 -1.03
N VAL A 23 3.05 2.19 -2.13
CA VAL A 23 2.78 0.85 -2.62
C VAL A 23 3.43 0.64 -3.98
N LYS A 24 3.71 -0.62 -4.31
CA LYS A 24 4.33 -0.95 -5.58
C LYS A 24 3.68 -2.20 -6.17
N SER A 25 4.04 -2.51 -7.41
CA SER A 25 3.52 -3.69 -8.09
C SER A 25 4.62 -4.73 -8.24
N ASN A 26 4.32 -5.95 -7.83
CA ASN A 26 5.29 -7.05 -7.93
C ASN A 26 5.45 -7.50 -9.39
N LYS A 27 4.44 -7.19 -10.20
CA LYS A 27 4.47 -7.54 -11.60
C LYS A 27 4.47 -6.25 -12.42
N PRO A 28 5.31 -6.17 -13.47
CA PRO A 28 5.42 -4.98 -14.31
C PRO A 28 4.14 -4.71 -15.10
N VAL A 29 3.53 -3.58 -14.81
CA VAL A 29 2.28 -3.17 -15.45
C VAL A 29 2.52 -2.05 -16.45
N GLU A 30 1.72 -2.02 -17.50
CA GLU A 30 1.87 -1.04 -18.57
C GLU A 30 1.61 0.37 -18.04
N ILE A 31 2.39 1.32 -18.54
CA ILE A 31 2.24 2.72 -18.15
C ILE A 31 1.04 3.37 -18.87
N SER A 32 0.12 2.53 -19.31
CA SER A 32 -1.12 3.01 -19.90
C SER A 32 -2.29 2.61 -19.00
N LYS A 33 -1.97 2.01 -17.86
CA LYS A 33 -2.99 1.50 -16.96
C LYS A 33 -3.12 2.38 -15.72
N TRP A 34 -2.59 3.60 -15.80
CA TRP A 34 -2.67 4.56 -14.68
C TRP A 34 -4.11 4.72 -14.21
N ILE A 35 -5.01 4.95 -15.16
CA ILE A 35 -6.41 5.24 -14.86
C ILE A 35 -7.04 4.17 -13.98
N ASP A 36 -6.88 2.90 -14.36
CA ASP A 36 -7.54 1.81 -13.67
C ASP A 36 -7.01 1.66 -12.25
N PHE A 37 -5.69 1.66 -12.11
CA PHE A 37 -5.07 1.50 -10.80
C PHE A 37 -5.36 2.71 -9.90
N SER A 38 -5.39 3.89 -10.48
CA SER A 38 -5.68 5.11 -9.72
C SER A 38 -7.07 5.06 -9.12
N ASN A 39 -8.03 4.57 -9.91
CA ASN A 39 -9.41 4.46 -9.46
C ASN A 39 -9.53 3.49 -8.28
N VAL A 40 -8.82 2.36 -8.39
CA VAL A 40 -8.87 1.33 -7.36
C VAL A 40 -8.24 1.83 -6.06
N LEU A 41 -7.05 2.39 -6.16
CA LEU A 41 -6.32 2.86 -4.97
C LEU A 41 -7.04 4.03 -4.31
N SER A 42 -7.74 4.82 -5.11
CA SER A 42 -8.48 5.96 -4.60
C SER A 42 -9.72 5.49 -3.82
N ARG A 43 -10.14 4.27 -4.09
CA ARG A 43 -11.31 3.68 -3.44
C ARG A 43 -10.89 2.68 -2.36
N LEU A 44 -9.59 2.47 -2.22
CA LEU A 44 -9.07 1.50 -1.29
C LEU A 44 -8.44 2.18 -0.08
N TYR A 45 -9.23 2.36 0.96
CA TYR A 45 -8.71 2.90 2.20
C TYR A 45 -8.38 1.77 3.15
N VAL A 46 -7.14 1.31 3.08
CA VAL A 46 -6.69 0.22 3.93
C VAL A 46 -5.86 0.77 5.08
N GLY A 47 -6.05 0.22 6.27
CA GLY A 47 -5.31 0.67 7.42
C GLY A 47 -4.33 -0.38 7.92
N VAL A 48 -4.38 -0.62 9.21
CA VAL A 48 -3.56 -1.66 9.85
C VAL A 48 -2.07 -1.28 9.89
N PRO A 49 -1.38 -1.59 11.01
CA PRO A 49 0.08 -1.44 11.09
C PRO A 49 0.80 -2.56 10.33
N THR A 50 1.22 -2.27 9.11
CA THR A 50 1.86 -3.26 8.27
C THR A 50 3.35 -2.97 8.12
N LYS A 51 4.10 -3.97 7.65
CA LYS A 51 5.53 -3.80 7.42
C LYS A 51 5.83 -3.97 5.94
N SER A 52 7.09 -3.78 5.58
CA SER A 52 7.51 -3.85 4.18
C SER A 52 7.24 -5.23 3.59
N GLY A 53 6.62 -5.25 2.42
CA GLY A 53 6.33 -6.50 1.74
C GLY A 53 4.95 -7.01 2.07
N ASN A 54 4.06 -6.11 2.44
CA ASN A 54 2.69 -6.51 2.78
C ASN A 54 1.78 -6.37 1.56
N VAL A 55 1.10 -7.45 1.21
CA VAL A 55 0.16 -7.42 0.09
C VAL A 55 -1.20 -6.95 0.57
N VAL A 56 -1.58 -5.74 0.20
CA VAL A 56 -2.90 -5.24 0.54
C VAL A 56 -3.96 -5.83 -0.38
N CYS A 57 -3.63 -5.92 -1.66
CA CYS A 57 -4.52 -6.50 -2.65
C CYS A 57 -3.77 -7.54 -3.47
N LYS A 58 -4.04 -8.80 -3.20
CA LYS A 58 -3.37 -9.89 -3.89
C LYS A 58 -4.17 -10.27 -5.13
N ASN A 59 -3.49 -10.34 -6.27
CA ASN A 59 -4.14 -10.58 -7.56
C ASN A 59 -5.14 -9.47 -7.89
N ILE A 60 -4.70 -8.22 -7.73
CA ILE A 60 -5.56 -7.08 -8.02
C ILE A 60 -5.98 -7.09 -9.49
N MET A 61 -7.25 -6.83 -9.74
CA MET A 61 -7.80 -6.81 -11.11
C MET A 61 -7.71 -8.19 -11.75
N ASN A 62 -7.40 -9.20 -10.94
CA ASN A 62 -7.32 -10.59 -11.40
C ASN A 62 -6.29 -10.75 -12.52
N THR A 63 -5.27 -9.90 -12.52
CA THR A 63 -4.21 -9.99 -13.50
C THR A 63 -2.97 -10.64 -12.88
N GLY A 64 -3.01 -10.85 -11.57
CA GLY A 64 -1.92 -11.52 -10.90
C GLY A 64 -0.94 -10.56 -10.25
N VAL A 65 -1.25 -9.28 -10.28
CA VAL A 65 -0.40 -8.28 -9.65
C VAL A 65 -0.77 -8.17 -8.18
N ASP A 66 0.25 -8.21 -7.34
CA ASP A 66 0.07 -8.09 -5.90
C ASP A 66 0.56 -6.73 -5.46
N ILE A 67 -0.38 -5.88 -5.06
CA ILE A 67 -0.03 -4.53 -4.61
C ILE A 67 0.53 -4.61 -3.20
N ILE A 68 1.83 -4.38 -3.08
CA ILE A 68 2.51 -4.50 -1.82
C ILE A 68 3.04 -3.16 -1.36
N CYS A 69 2.85 -2.87 -0.08
CA CYS A 69 3.41 -1.66 0.50
C CYS A 69 4.78 -1.99 1.09
N THR A 70 5.74 -1.12 0.85
CA THR A 70 7.11 -1.40 1.27
C THR A 70 7.53 -0.53 2.45
N LYS A 71 6.59 0.20 3.01
CA LYS A 71 6.88 1.02 4.18
C LYS A 71 6.38 0.34 5.44
N ASN A 72 7.07 0.55 6.55
CA ASN A 72 6.71 -0.07 7.81
C ASN A 72 5.95 0.92 8.67
N LEU A 73 4.75 0.55 9.08
CA LEU A 73 3.88 1.45 9.82
C LEU A 73 3.78 1.06 11.29
N PRO A 74 4.17 1.96 12.19
CA PRO A 74 4.04 1.76 13.64
C PRO A 74 2.59 1.93 14.11
N LYS A 75 2.19 1.12 15.08
CA LYS A 75 0.84 1.18 15.61
C LYS A 75 0.80 2.06 16.86
N ASP A 76 -0.41 2.44 17.27
CA ASP A 76 -0.61 3.17 18.50
C ASP A 76 -0.39 2.28 19.72
N SER A 77 -0.40 2.88 20.90
CA SER A 77 -0.30 2.13 22.14
C SER A 77 -1.62 2.17 22.88
N LEU A 78 -2.15 1.00 23.23
CA LEU A 78 -3.42 0.91 23.94
C LEU A 78 -3.31 1.50 25.34
N GLU A 79 -2.09 1.75 25.79
CA GLU A 79 -1.85 2.25 27.13
C GLU A 79 -1.88 3.78 27.14
N HIS A 80 -2.36 4.39 26.05
CA HIS A 80 -2.56 5.84 26.01
C HIS A 80 -3.53 6.25 27.12
N HIS A 81 -4.50 5.40 27.39
CA HIS A 81 -5.39 5.59 28.53
C HIS A 81 -5.05 4.57 29.61
N HIS A 82 -4.44 5.04 30.68
CA HIS A 82 -4.04 4.16 31.76
C HIS A 82 -5.00 4.32 32.92
N HIS A 83 -5.87 3.34 33.08
CA HIS A 83 -6.89 3.38 34.10
C HIS A 83 -6.30 3.01 35.46
N HIS A 84 -6.03 4.02 36.27
CA HIS A 84 -5.50 3.78 37.61
C HIS A 84 -6.60 3.18 38.50
N HIS A 85 -6.27 2.10 39.19
CA HIS A 85 -7.20 1.46 40.10
C HIS A 85 -6.44 0.54 41.04
N MET A 1 9.19 -5.95 -24.29
CA MET A 1 8.33 -4.76 -24.19
C MET A 1 8.54 -4.09 -22.83
N HIS A 2 8.89 -2.81 -22.84
CA HIS A 2 9.15 -2.10 -21.60
C HIS A 2 7.85 -1.81 -20.85
N LYS A 3 7.67 -2.48 -19.73
CA LYS A 3 6.60 -2.14 -18.81
C LYS A 3 7.19 -1.51 -17.56
N ASP A 4 6.37 -0.77 -16.85
CA ASP A 4 6.83 -0.05 -15.66
C ASP A 4 6.03 -0.49 -14.45
N ILE A 5 6.71 -0.70 -13.34
CA ILE A 5 6.03 -1.15 -12.14
C ILE A 5 5.24 -0.02 -11.52
N PHE A 6 3.95 -0.26 -11.29
CA PHE A 6 3.09 0.73 -10.68
C PHE A 6 3.57 1.00 -9.25
N THR A 7 3.97 2.23 -9.00
CA THR A 7 4.44 2.62 -7.68
C THR A 7 3.82 3.96 -7.31
N SER A 8 3.08 3.99 -6.21
CA SER A 8 2.38 5.20 -5.80
C SER A 8 2.26 5.24 -4.28
N VAL A 9 1.46 6.17 -3.77
CA VAL A 9 1.24 6.28 -2.35
C VAL A 9 -0.26 6.42 -2.06
N VAL A 10 -0.77 5.57 -1.18
CA VAL A 10 -2.20 5.55 -0.87
C VAL A 10 -2.44 5.99 0.57
N ARG A 11 -3.62 6.54 0.82
CA ARG A 11 -4.00 6.96 2.16
C ARG A 11 -4.35 5.76 3.02
N VAL A 12 -3.75 5.69 4.21
CA VAL A 12 -3.95 4.57 5.11
C VAL A 12 -5.18 4.81 5.98
N ARG A 13 -6.10 3.86 5.97
CA ARG A 13 -7.28 3.94 6.81
C ARG A 13 -7.22 2.90 7.92
N GLY A 14 -7.29 3.36 9.16
CA GLY A 14 -7.33 2.45 10.29
C GLY A 14 -6.59 3.01 11.48
N SER A 15 -6.47 2.21 12.52
CA SER A 15 -5.69 2.62 13.69
C SER A 15 -4.21 2.59 13.36
N LYS A 16 -3.67 3.74 12.98
CA LYS A 16 -2.29 3.84 12.53
C LYS A 16 -1.62 5.09 13.09
N LYS A 17 -0.33 5.23 12.79
CA LYS A 17 0.41 6.44 13.10
C LYS A 17 0.76 7.20 11.83
N TYR A 18 0.95 6.46 10.73
CA TYR A 18 1.33 7.05 9.46
C TYR A 18 0.12 7.28 8.57
N ASN A 19 0.09 8.44 7.91
CA ASN A 19 -1.07 8.84 7.13
C ASN A 19 -1.15 8.11 5.79
N VAL A 20 -0.03 8.05 5.11
CA VAL A 20 0.02 7.47 3.77
C VAL A 20 1.09 6.40 3.65
N VAL A 21 0.84 5.40 2.81
CA VAL A 21 1.80 4.33 2.60
C VAL A 21 2.06 4.12 1.10
N PRO A 22 3.33 4.26 0.68
CA PRO A 22 3.76 3.90 -0.69
C PRO A 22 3.52 2.43 -1.00
N VAL A 23 2.82 2.19 -2.10
CA VAL A 23 2.51 0.83 -2.56
C VAL A 23 3.13 0.60 -3.93
N LYS A 24 3.38 -0.65 -4.26
CA LYS A 24 3.98 -0.99 -5.53
C LYS A 24 3.42 -2.29 -6.09
N SER A 25 3.86 -2.65 -7.28
CA SER A 25 3.46 -3.90 -7.92
C SER A 25 4.63 -4.87 -7.92
N ASN A 26 4.33 -6.16 -7.82
CA ASN A 26 5.38 -7.17 -7.80
C ASN A 26 5.77 -7.55 -9.22
N LYS A 27 5.03 -7.05 -10.20
CA LYS A 27 5.35 -7.25 -11.60
C LYS A 27 5.12 -5.97 -12.40
N PRO A 28 5.96 -5.72 -13.41
CA PRO A 28 5.85 -4.51 -14.24
C PRO A 28 4.55 -4.49 -15.03
N VAL A 29 3.85 -3.38 -14.96
CA VAL A 29 2.58 -3.23 -15.64
C VAL A 29 2.65 -2.11 -16.69
N GLU A 30 1.57 -1.94 -17.44
CA GLU A 30 1.47 -0.84 -18.38
C GLU A 30 1.41 0.48 -17.62
N ILE A 31 2.34 1.38 -17.93
CA ILE A 31 2.43 2.67 -17.24
C ILE A 31 1.16 3.50 -17.48
N SER A 32 0.48 3.22 -18.58
CA SER A 32 -0.73 3.94 -18.94
C SER A 32 -1.97 3.39 -18.23
N LYS A 33 -1.75 2.38 -17.38
CA LYS A 33 -2.84 1.82 -16.58
C LYS A 33 -2.88 2.46 -15.20
N TRP A 34 -2.06 3.49 -15.00
CA TRP A 34 -1.99 4.18 -13.73
C TRP A 34 -3.36 4.76 -13.36
N ILE A 35 -4.14 5.12 -14.38
CA ILE A 35 -5.47 5.66 -14.18
C ILE A 35 -6.42 4.61 -13.60
N ASP A 36 -6.28 3.37 -14.06
CA ASP A 36 -7.16 2.29 -13.63
C ASP A 36 -6.78 1.81 -12.23
N PHE A 37 -5.48 1.73 -11.97
CA PHE A 37 -5.01 1.33 -10.65
C PHE A 37 -5.37 2.37 -9.60
N SER A 38 -5.03 3.63 -9.87
CA SER A 38 -5.37 4.72 -8.96
C SER A 38 -6.88 4.87 -8.84
N ASN A 39 -7.60 4.44 -9.87
CA ASN A 39 -9.06 4.45 -9.87
C ASN A 39 -9.58 3.60 -8.73
N VAL A 40 -9.06 2.38 -8.64
CA VAL A 40 -9.46 1.46 -7.59
C VAL A 40 -8.90 1.90 -6.24
N LEU A 41 -7.66 2.39 -6.25
CA LEU A 41 -7.01 2.85 -5.02
C LEU A 41 -7.77 4.02 -4.39
N SER A 42 -8.39 4.83 -5.23
CA SER A 42 -9.18 5.97 -4.77
C SER A 42 -10.39 5.50 -3.96
N ARG A 43 -10.79 4.25 -4.18
CA ARG A 43 -11.93 3.69 -3.48
C ARG A 43 -11.45 2.64 -2.48
N LEU A 44 -10.14 2.47 -2.39
CA LEU A 44 -9.56 1.45 -1.53
C LEU A 44 -8.89 2.08 -0.33
N TYR A 45 -9.65 2.21 0.75
CA TYR A 45 -9.11 2.75 1.99
C TYR A 45 -8.76 1.63 2.95
N VAL A 46 -7.49 1.24 2.94
CA VAL A 46 -7.00 0.14 3.75
C VAL A 46 -5.61 0.47 4.28
N GLY A 47 -4.86 -0.56 4.63
CA GLY A 47 -3.49 -0.35 5.06
C GLY A 47 -3.14 -1.20 6.26
N VAL A 48 -3.39 -0.66 7.45
CA VAL A 48 -3.03 -1.32 8.70
C VAL A 48 -1.51 -1.33 8.88
N PRO A 49 -1.01 -0.67 9.94
CA PRO A 49 0.43 -0.59 10.23
C PRO A 49 1.16 -1.92 10.07
N THR A 50 1.91 -2.03 8.98
CA THR A 50 2.62 -3.25 8.63
C THR A 50 4.08 -2.97 8.28
N LYS A 51 4.72 -3.93 7.63
CA LYS A 51 6.11 -3.77 7.22
C LYS A 51 6.25 -3.92 5.71
N SER A 52 7.48 -3.88 5.23
CA SER A 52 7.75 -3.93 3.80
C SER A 52 7.36 -5.27 3.19
N GLY A 53 6.61 -5.21 2.09
CA GLY A 53 6.23 -6.41 1.38
C GLY A 53 4.89 -6.95 1.83
N ASN A 54 4.06 -6.10 2.39
CA ASN A 54 2.74 -6.52 2.86
C ASN A 54 1.75 -6.47 1.71
N VAL A 55 0.96 -7.53 1.57
CA VAL A 55 -0.01 -7.63 0.49
C VAL A 55 -1.35 -7.07 0.92
N VAL A 56 -1.84 -6.05 0.23
CA VAL A 56 -3.16 -5.53 0.51
C VAL A 56 -4.20 -6.20 -0.38
N CYS A 57 -3.98 -6.21 -1.69
CA CYS A 57 -4.88 -6.85 -2.63
C CYS A 57 -4.10 -7.75 -3.57
N LYS A 58 -4.38 -9.04 -3.52
CA LYS A 58 -3.72 -10.00 -4.38
C LYS A 58 -4.62 -10.34 -5.56
N ASN A 59 -4.04 -10.31 -6.76
CA ASN A 59 -4.76 -10.64 -8.00
C ASN A 59 -5.83 -9.58 -8.28
N ILE A 60 -5.47 -8.32 -8.02
CA ILE A 60 -6.37 -7.20 -8.30
C ILE A 60 -6.67 -7.14 -9.79
N MET A 61 -7.95 -7.08 -10.13
CA MET A 61 -8.42 -7.06 -11.52
C MET A 61 -8.12 -8.39 -12.22
N ASN A 62 -7.82 -9.43 -11.44
CA ASN A 62 -7.46 -10.75 -11.98
C ASN A 62 -6.22 -10.66 -12.86
N THR A 63 -5.30 -9.81 -12.44
CA THR A 63 -4.06 -9.60 -13.18
C THR A 63 -3.02 -10.67 -12.84
N GLY A 64 -3.14 -11.23 -11.65
CA GLY A 64 -2.12 -12.12 -11.15
C GLY A 64 -1.07 -11.36 -10.38
N VAL A 65 -1.35 -10.09 -10.10
CA VAL A 65 -0.43 -9.24 -9.35
C VAL A 65 -0.98 -8.96 -7.95
N ASP A 66 -0.15 -9.13 -6.94
CA ASP A 66 -0.50 -8.70 -5.59
C ASP A 66 0.17 -7.36 -5.30
N ILE A 67 -0.65 -6.40 -4.93
CA ILE A 67 -0.17 -5.06 -4.63
C ILE A 67 0.38 -5.03 -3.21
N ILE A 68 1.65 -4.67 -3.09
CA ILE A 68 2.32 -4.71 -1.81
C ILE A 68 2.85 -3.35 -1.40
N CYS A 69 2.70 -3.03 -0.13
CA CYS A 69 3.22 -1.80 0.42
C CYS A 69 4.62 -2.07 0.95
N THR A 70 5.52 -1.12 0.77
CA THR A 70 6.91 -1.34 1.16
C THR A 70 7.30 -0.45 2.34
N LYS A 71 6.34 0.30 2.84
CA LYS A 71 6.59 1.23 3.94
C LYS A 71 6.22 0.58 5.27
N ASN A 72 7.11 0.68 6.23
CA ASN A 72 6.87 0.14 7.55
C ASN A 72 6.08 1.15 8.37
N LEU A 73 4.85 0.80 8.70
CA LEU A 73 3.95 1.73 9.35
C LEU A 73 3.94 1.51 10.87
N PRO A 74 4.19 2.58 11.64
CA PRO A 74 4.14 2.54 13.11
C PRO A 74 2.75 2.15 13.61
N LYS A 75 2.72 1.34 14.65
CA LYS A 75 1.47 0.74 15.12
C LYS A 75 1.21 1.11 16.57
N ASP A 76 1.63 2.32 16.94
CA ASP A 76 1.50 2.82 18.30
C ASP A 76 0.05 2.88 18.74
N SER A 77 -0.33 1.94 19.59
CA SER A 77 -1.68 1.87 20.12
C SER A 77 -1.66 1.34 21.55
N LEU A 78 -0.83 1.97 22.38
CA LEU A 78 -0.61 1.53 23.76
C LEU A 78 -1.93 1.47 24.55
N GLU A 79 -2.79 2.44 24.30
CA GLU A 79 -4.09 2.45 24.94
C GLU A 79 -5.11 1.76 24.03
N HIS A 80 -5.58 0.61 24.46
CA HIS A 80 -6.50 -0.18 23.65
C HIS A 80 -7.87 0.48 23.62
N HIS A 81 -8.59 0.30 22.52
CA HIS A 81 -9.86 0.99 22.32
C HIS A 81 -10.93 0.46 23.28
N HIS A 82 -11.28 1.30 24.25
CA HIS A 82 -12.32 1.00 25.24
C HIS A 82 -11.94 -0.17 26.14
N HIS A 83 -11.40 0.16 27.31
CA HIS A 83 -11.13 -0.84 28.32
C HIS A 83 -12.25 -0.76 29.37
N HIS A 84 -12.49 -1.85 30.09
CA HIS A 84 -13.60 -1.87 31.03
C HIS A 84 -13.12 -2.05 32.46
N HIS A 85 -14.05 -1.94 33.38
CA HIS A 85 -13.78 -2.21 34.78
C HIS A 85 -14.89 -3.10 35.32
N MET A 1 7.39 0.17 -24.93
CA MET A 1 8.53 -0.34 -24.13
C MET A 1 8.05 -1.45 -23.23
N HIS A 2 8.96 -2.01 -22.42
CA HIS A 2 8.57 -3.04 -21.47
C HIS A 2 7.74 -2.42 -20.35
N LYS A 3 7.05 -3.27 -19.60
CA LYS A 3 6.13 -2.81 -18.58
C LYS A 3 6.90 -2.29 -17.37
N ASP A 4 6.26 -1.44 -16.58
CA ASP A 4 6.95 -0.75 -15.50
C ASP A 4 6.26 -1.02 -14.17
N ILE A 5 6.99 -0.84 -13.08
CA ILE A 5 6.44 -1.08 -11.75
C ILE A 5 5.52 0.07 -11.33
N PHE A 6 4.24 -0.24 -11.21
CA PHE A 6 3.25 0.73 -10.77
C PHE A 6 3.54 1.13 -9.33
N THR A 7 4.08 2.32 -9.15
CA THR A 7 4.40 2.81 -7.84
C THR A 7 3.56 4.05 -7.51
N SER A 8 2.80 3.99 -6.43
CA SER A 8 1.92 5.09 -6.06
C SER A 8 1.77 5.19 -4.55
N VAL A 9 0.85 6.01 -4.09
CA VAL A 9 0.58 6.15 -2.66
C VAL A 9 -0.89 5.84 -2.37
N VAL A 10 -1.13 5.01 -1.37
CA VAL A 10 -2.49 4.64 -1.00
C VAL A 10 -2.86 5.26 0.34
N ARG A 11 -4.15 5.45 0.57
CA ARG A 11 -4.63 6.08 1.78
C ARG A 11 -4.91 5.04 2.86
N VAL A 12 -4.37 5.29 4.05
CA VAL A 12 -4.35 4.29 5.13
C VAL A 12 -5.49 4.52 6.11
N ARG A 13 -5.99 3.43 6.65
CA ARG A 13 -7.13 3.45 7.56
C ARG A 13 -6.73 2.86 8.92
N GLY A 14 -7.32 3.37 9.98
CA GLY A 14 -7.17 2.74 11.28
C GLY A 14 -6.15 3.43 12.16
N SER A 15 -5.79 2.79 13.26
CA SER A 15 -4.84 3.35 14.20
C SER A 15 -3.42 3.27 13.65
N LYS A 16 -2.94 4.37 13.12
CA LYS A 16 -1.60 4.47 12.57
C LYS A 16 -1.14 5.91 12.53
N LYS A 17 0.15 6.12 12.28
CA LYS A 17 0.72 7.47 12.22
C LYS A 17 0.52 8.11 10.85
N TYR A 18 0.97 7.42 9.81
CA TYR A 18 0.92 7.97 8.47
C TYR A 18 -0.42 7.68 7.81
N ASN A 19 -1.06 8.73 7.30
CA ASN A 19 -2.36 8.60 6.65
C ASN A 19 -2.22 8.09 5.22
N VAL A 20 -0.99 8.12 4.71
CA VAL A 20 -0.72 7.65 3.36
C VAL A 20 0.55 6.79 3.36
N VAL A 21 0.52 5.70 2.60
CA VAL A 21 1.67 4.80 2.51
C VAL A 21 1.94 4.42 1.05
N PRO A 22 3.21 4.46 0.63
CA PRO A 22 3.60 4.14 -0.75
C PRO A 22 3.46 2.64 -1.06
N VAL A 23 2.83 2.35 -2.19
CA VAL A 23 2.65 0.99 -2.66
C VAL A 23 3.30 0.82 -4.03
N LYS A 24 3.45 -0.43 -4.44
CA LYS A 24 4.05 -0.76 -5.71
C LYS A 24 3.45 -2.04 -6.26
N SER A 25 3.88 -2.45 -7.44
CA SER A 25 3.33 -3.62 -8.09
C SER A 25 4.32 -4.77 -8.08
N ASN A 26 3.84 -5.95 -7.67
CA ASN A 26 4.64 -7.16 -7.60
C ASN A 26 5.32 -7.46 -8.94
N LYS A 27 4.60 -7.27 -10.03
CA LYS A 27 5.15 -7.50 -11.35
C LYS A 27 4.96 -6.25 -12.21
N PRO A 28 5.85 -6.02 -13.18
CA PRO A 28 5.76 -4.87 -14.08
C PRO A 28 4.44 -4.84 -14.85
N VAL A 29 3.75 -3.72 -14.77
CA VAL A 29 2.44 -3.58 -15.36
C VAL A 29 2.45 -2.46 -16.40
N GLU A 30 1.52 -2.50 -17.34
CA GLU A 30 1.45 -1.49 -18.39
C GLU A 30 0.92 -0.18 -17.82
N ILE A 31 1.48 0.94 -18.28
CA ILE A 31 1.06 2.26 -17.81
C ILE A 31 -0.35 2.60 -18.30
N SER A 32 -0.89 1.77 -19.18
CA SER A 32 -2.24 1.95 -19.66
C SER A 32 -3.24 1.73 -18.53
N LYS A 33 -2.84 0.95 -17.53
CA LYS A 33 -3.70 0.66 -16.39
C LYS A 33 -3.36 1.55 -15.20
N TRP A 34 -2.39 2.45 -15.40
CA TRP A 34 -1.91 3.32 -14.33
C TRP A 34 -3.06 4.11 -13.71
N ILE A 35 -3.81 4.79 -14.55
CA ILE A 35 -4.90 5.64 -14.09
C ILE A 35 -6.04 4.82 -13.50
N ASP A 36 -6.19 3.59 -13.95
CA ASP A 36 -7.28 2.74 -13.49
C ASP A 36 -6.97 2.16 -12.11
N PHE A 37 -5.75 1.65 -11.96
CA PHE A 37 -5.30 1.10 -10.68
C PHE A 37 -5.32 2.16 -9.59
N SER A 38 -4.87 3.36 -9.94
CA SER A 38 -4.82 4.45 -8.98
C SER A 38 -6.23 4.88 -8.56
N ASN A 39 -7.17 4.84 -9.50
CA ASN A 39 -8.58 5.12 -9.18
C ASN A 39 -9.07 4.18 -8.08
N VAL A 40 -8.75 2.90 -8.22
CA VAL A 40 -9.13 1.89 -7.25
C VAL A 40 -8.46 2.18 -5.90
N LEU A 41 -7.15 2.42 -5.93
CA LEU A 41 -6.39 2.67 -4.72
C LEU A 41 -6.84 3.94 -4.00
N SER A 42 -7.35 4.90 -4.76
CA SER A 42 -7.82 6.15 -4.17
C SER A 42 -9.14 5.96 -3.43
N ARG A 43 -9.72 4.78 -3.59
CA ARG A 43 -10.97 4.44 -2.92
C ARG A 43 -10.78 3.19 -2.07
N LEU A 44 -9.55 2.73 -1.99
CA LEU A 44 -9.23 1.52 -1.25
C LEU A 44 -8.39 1.87 -0.04
N TYR A 45 -9.03 1.95 1.12
CA TYR A 45 -8.34 2.29 2.35
C TYR A 45 -7.80 1.04 3.02
N VAL A 46 -6.48 0.90 3.01
CA VAL A 46 -5.83 -0.22 3.68
C VAL A 46 -5.59 0.13 5.13
N GLY A 47 -6.15 -0.65 6.03
CA GLY A 47 -6.05 -0.31 7.43
C GLY A 47 -5.37 -1.37 8.26
N VAL A 48 -4.32 -1.93 7.73
CA VAL A 48 -3.53 -2.90 8.47
C VAL A 48 -2.07 -2.48 8.50
N PRO A 49 -1.68 -1.64 9.48
CA PRO A 49 -0.29 -1.23 9.68
C PRO A 49 0.66 -2.41 9.72
N THR A 50 1.58 -2.46 8.79
CA THR A 50 2.46 -3.61 8.61
C THR A 50 3.90 -3.19 8.35
N LYS A 51 4.72 -4.17 8.00
CA LYS A 51 6.10 -3.94 7.61
C LYS A 51 6.17 -3.86 6.08
N SER A 52 7.38 -3.80 5.54
CA SER A 52 7.56 -3.73 4.10
C SER A 52 7.24 -5.06 3.44
N GLY A 53 6.52 -5.02 2.32
CA GLY A 53 6.21 -6.22 1.59
C GLY A 53 4.86 -6.78 1.96
N ASN A 54 3.95 -5.91 2.35
CA ASN A 54 2.59 -6.34 2.68
C ASN A 54 1.70 -6.23 1.45
N VAL A 55 0.92 -7.27 1.18
CA VAL A 55 0.07 -7.29 0.01
C VAL A 55 -1.29 -6.67 0.32
N VAL A 56 -1.51 -5.47 -0.17
CA VAL A 56 -2.78 -4.78 0.01
C VAL A 56 -3.84 -5.39 -0.89
N CYS A 57 -3.49 -5.57 -2.15
CA CYS A 57 -4.42 -6.12 -3.13
C CYS A 57 -3.85 -7.40 -3.73
N LYS A 58 -4.32 -8.53 -3.24
CA LYS A 58 -3.89 -9.82 -3.77
C LYS A 58 -4.59 -10.08 -5.09
N ASN A 59 -3.86 -9.88 -6.19
CA ASN A 59 -4.44 -9.90 -7.54
C ASN A 59 -5.57 -8.88 -7.61
N ILE A 60 -5.21 -7.60 -7.71
CA ILE A 60 -6.17 -6.49 -7.62
C ILE A 60 -7.42 -6.74 -8.47
N MET A 61 -7.23 -7.05 -9.74
CA MET A 61 -8.36 -7.36 -10.62
C MET A 61 -7.99 -8.49 -11.58
N ASN A 62 -7.55 -9.61 -11.00
CA ASN A 62 -7.18 -10.81 -11.76
C ASN A 62 -6.05 -10.48 -12.75
N THR A 63 -5.23 -9.50 -12.39
CA THR A 63 -4.17 -9.02 -13.26
C THR A 63 -2.92 -9.87 -13.15
N GLY A 64 -2.81 -10.61 -12.06
CA GLY A 64 -1.61 -11.38 -11.80
C GLY A 64 -0.58 -10.57 -11.05
N VAL A 65 -0.95 -9.33 -10.72
CA VAL A 65 -0.08 -8.44 -9.98
C VAL A 65 -0.66 -8.17 -8.60
N ASP A 66 0.18 -8.34 -7.59
CA ASP A 66 -0.20 -8.03 -6.22
C ASP A 66 0.28 -6.62 -5.89
N ILE A 67 -0.58 -5.84 -5.28
CA ILE A 67 -0.22 -4.48 -4.93
C ILE A 67 0.30 -4.46 -3.49
N ILE A 68 1.59 -4.26 -3.34
CA ILE A 68 2.23 -4.34 -2.04
C ILE A 68 2.67 -2.97 -1.55
N CYS A 69 2.54 -2.75 -0.26
CA CYS A 69 3.08 -1.55 0.35
C CYS A 69 4.48 -1.86 0.86
N THR A 70 5.37 -0.89 0.73
CA THR A 70 6.76 -1.11 1.10
C THR A 70 7.15 -0.26 2.30
N LYS A 71 6.18 0.45 2.87
CA LYS A 71 6.47 1.30 4.01
C LYS A 71 6.13 0.57 5.30
N ASN A 72 6.96 0.76 6.31
CA ASN A 72 6.77 0.10 7.59
C ASN A 72 5.97 0.99 8.51
N LEU A 73 4.76 0.59 8.85
CA LEU A 73 3.89 1.42 9.68
C LEU A 73 4.12 1.15 11.17
N PRO A 74 4.38 2.21 11.94
CA PRO A 74 4.43 2.13 13.39
C PRO A 74 3.05 2.30 14.01
N LYS A 75 2.43 1.20 14.40
CA LYS A 75 1.07 1.24 14.92
C LYS A 75 1.05 1.35 16.43
N ASP A 76 1.99 0.69 17.09
CA ASP A 76 2.05 0.70 18.55
C ASP A 76 2.59 2.04 19.03
N SER A 77 1.80 2.74 19.83
CA SER A 77 2.20 4.04 20.31
C SER A 77 1.85 4.22 21.78
N LEU A 78 2.73 3.74 22.66
CA LEU A 78 2.58 3.98 24.08
C LEU A 78 3.24 5.29 24.44
N GLU A 79 2.58 6.38 24.06
CA GLU A 79 3.12 7.70 24.27
C GLU A 79 2.72 8.25 25.63
N HIS A 80 3.67 8.85 26.32
CA HIS A 80 3.39 9.47 27.61
C HIS A 80 3.63 10.97 27.50
N HIS A 81 2.59 11.69 27.12
CA HIS A 81 2.66 13.13 26.99
C HIS A 81 2.45 13.75 28.37
N HIS A 82 3.47 14.45 28.86
CA HIS A 82 3.43 14.99 30.21
C HIS A 82 2.41 16.11 30.34
N HIS A 83 1.30 15.80 30.99
CA HIS A 83 0.23 16.75 31.22
C HIS A 83 -0.75 16.16 32.22
N HIS A 84 -1.03 16.86 33.31
CA HIS A 84 -1.98 16.37 34.28
C HIS A 84 -3.39 16.65 33.80
N HIS A 85 -4.07 15.58 33.37
CA HIS A 85 -5.42 15.67 32.83
C HIS A 85 -5.45 16.58 31.60
N MET A 1 5.09 -5.22 -25.13
CA MET A 1 5.40 -3.81 -24.86
C MET A 1 6.18 -3.69 -23.56
N HIS A 2 6.61 -2.48 -23.24
CA HIS A 2 7.42 -2.24 -22.05
C HIS A 2 6.52 -2.14 -20.82
N LYS A 3 6.62 -3.12 -19.94
CA LYS A 3 5.89 -3.08 -18.68
C LYS A 3 6.72 -2.36 -17.61
N ASP A 4 6.07 -1.43 -16.91
CA ASP A 4 6.74 -0.64 -15.88
C ASP A 4 6.26 -1.05 -14.49
N ILE A 5 6.78 -0.42 -13.46
CA ILE A 5 6.38 -0.72 -12.10
C ILE A 5 5.41 0.34 -11.59
N PHE A 6 4.18 -0.08 -11.33
CA PHE A 6 3.17 0.82 -10.83
C PHE A 6 3.37 1.09 -9.35
N THR A 7 3.52 2.36 -9.00
CA THR A 7 3.69 2.75 -7.61
C THR A 7 2.93 4.05 -7.35
N SER A 8 2.25 4.11 -6.22
CA SER A 8 1.45 5.28 -5.85
C SER A 8 1.34 5.38 -4.34
N VAL A 9 0.66 6.41 -3.85
CA VAL A 9 0.43 6.55 -2.43
C VAL A 9 -1.05 6.35 -2.12
N VAL A 10 -1.34 5.50 -1.13
CA VAL A 10 -2.71 5.19 -0.77
C VAL A 10 -2.98 5.62 0.68
N ARG A 11 -4.24 5.84 1.01
CA ARG A 11 -4.62 6.27 2.34
C ARG A 11 -4.68 5.08 3.29
N VAL A 12 -3.99 5.19 4.42
CA VAL A 12 -3.91 4.09 5.37
C VAL A 12 -5.12 4.14 6.30
N ARG A 13 -5.78 3.00 6.46
CA ARG A 13 -6.96 2.91 7.30
C ARG A 13 -6.64 2.16 8.60
N GLY A 14 -7.41 2.42 9.65
CA GLY A 14 -7.22 1.70 10.90
C GLY A 14 -6.58 2.54 11.98
N SER A 15 -6.46 1.96 13.18
CA SER A 15 -5.88 2.67 14.30
C SER A 15 -4.35 2.66 14.22
N LYS A 16 -3.79 3.80 13.86
CA LYS A 16 -2.35 3.98 13.76
C LYS A 16 -2.02 5.47 13.74
N LYS A 17 -0.75 5.80 13.56
CA LYS A 17 -0.31 7.18 13.49
C LYS A 17 0.32 7.49 12.13
N TYR A 18 -0.28 6.94 11.09
CA TYR A 18 0.11 7.23 9.71
C TYR A 18 -1.12 7.60 8.90
N ASN A 19 -0.95 8.37 7.84
CA ASN A 19 -2.08 8.84 7.06
C ASN A 19 -2.07 8.26 5.66
N VAL A 20 -0.92 8.32 5.02
CA VAL A 20 -0.77 7.81 3.66
C VAL A 20 0.50 6.97 3.54
N VAL A 21 0.42 5.90 2.75
CA VAL A 21 1.54 4.99 2.58
C VAL A 21 1.82 4.73 1.10
N PRO A 22 3.10 4.74 0.70
CA PRO A 22 3.51 4.40 -0.67
C PRO A 22 3.47 2.89 -0.93
N VAL A 23 2.73 2.51 -1.98
CA VAL A 23 2.62 1.13 -2.39
C VAL A 23 3.26 0.94 -3.76
N LYS A 24 3.52 -0.31 -4.12
CA LYS A 24 4.17 -0.62 -5.38
C LYS A 24 3.63 -1.92 -5.95
N SER A 25 4.12 -2.30 -7.11
CA SER A 25 3.73 -3.55 -7.72
C SER A 25 4.90 -4.53 -7.66
N ASN A 26 4.60 -5.76 -7.28
CA ASN A 26 5.62 -6.80 -7.17
C ASN A 26 6.09 -7.21 -8.56
N LYS A 27 5.16 -7.26 -9.49
CA LYS A 27 5.46 -7.59 -10.86
C LYS A 27 5.09 -6.42 -11.76
N PRO A 28 5.79 -6.25 -12.88
CA PRO A 28 5.59 -5.10 -13.77
C PRO A 28 4.23 -5.12 -14.46
N VAL A 29 3.63 -3.94 -14.56
CA VAL A 29 2.32 -3.75 -15.15
C VAL A 29 2.45 -2.94 -16.42
N GLU A 30 1.36 -2.79 -17.16
CA GLU A 30 1.38 -1.95 -18.34
C GLU A 30 0.79 -0.59 -18.03
N ILE A 31 1.46 0.45 -18.50
CA ILE A 31 1.06 1.83 -18.27
C ILE A 31 -0.39 2.09 -18.72
N SER A 32 -0.89 1.24 -19.60
CA SER A 32 -2.26 1.35 -20.09
C SER A 32 -3.27 1.30 -18.95
N LYS A 33 -2.95 0.55 -17.89
CA LYS A 33 -3.87 0.39 -16.77
C LYS A 33 -3.47 1.26 -15.57
N TRP A 34 -2.59 2.23 -15.80
CA TRP A 34 -2.18 3.15 -14.73
C TRP A 34 -3.38 3.92 -14.20
N ILE A 35 -4.23 4.40 -15.10
CA ILE A 35 -5.40 5.17 -14.72
C ILE A 35 -6.42 4.28 -14.01
N ASP A 36 -6.50 3.03 -14.42
CA ASP A 36 -7.44 2.07 -13.85
C ASP A 36 -7.04 1.74 -12.42
N PHE A 37 -5.75 1.52 -12.20
CA PHE A 37 -5.25 1.22 -10.85
C PHE A 37 -5.34 2.45 -9.95
N SER A 38 -5.03 3.62 -10.50
CA SER A 38 -5.16 4.87 -9.76
C SER A 38 -6.62 5.07 -9.36
N ASN A 39 -7.53 4.66 -10.24
CA ASN A 39 -8.96 4.72 -9.99
C ASN A 39 -9.30 3.91 -8.74
N VAL A 40 -8.73 2.72 -8.66
CA VAL A 40 -8.99 1.82 -7.54
C VAL A 40 -8.38 2.36 -6.24
N LEU A 41 -7.12 2.76 -6.29
CA LEU A 41 -6.40 3.18 -5.09
C LEU A 41 -6.97 4.47 -4.48
N SER A 42 -7.47 5.36 -5.32
CA SER A 42 -7.96 6.65 -4.82
C SER A 42 -9.28 6.50 -4.05
N ARG A 43 -9.87 5.31 -4.14
CA ARG A 43 -11.09 5.02 -3.39
C ARG A 43 -10.85 3.84 -2.45
N LEU A 44 -9.59 3.44 -2.31
CA LEU A 44 -9.25 2.25 -1.54
C LEU A 44 -8.65 2.64 -0.19
N TYR A 45 -9.20 2.09 0.88
CA TYR A 45 -8.70 2.32 2.22
C TYR A 45 -8.27 1.01 2.86
N VAL A 46 -6.99 0.71 2.79
CA VAL A 46 -6.46 -0.51 3.39
C VAL A 46 -5.59 -0.15 4.58
N GLY A 47 -5.69 -0.94 5.64
CA GLY A 47 -4.93 -0.66 6.83
C GLY A 47 -4.07 -1.83 7.26
N VAL A 48 -4.10 -2.11 8.56
CA VAL A 48 -3.23 -3.12 9.15
C VAL A 48 -1.77 -2.74 8.94
N PRO A 49 -1.25 -1.82 9.77
CA PRO A 49 0.13 -1.34 9.66
C PRO A 49 1.14 -2.49 9.79
N THR A 50 1.91 -2.69 8.75
CA THR A 50 2.83 -3.81 8.70
C THR A 50 4.20 -3.40 8.16
N LYS A 51 5.08 -4.39 7.97
CA LYS A 51 6.43 -4.12 7.49
C LYS A 51 6.45 -4.13 5.97
N SER A 52 7.65 -3.97 5.40
CA SER A 52 7.82 -3.89 3.96
C SER A 52 7.49 -5.23 3.30
N GLY A 53 6.72 -5.18 2.23
CA GLY A 53 6.38 -6.39 1.52
C GLY A 53 5.04 -6.93 1.94
N ASN A 54 4.18 -6.06 2.42
CA ASN A 54 2.83 -6.48 2.83
C ASN A 54 1.86 -6.26 1.67
N VAL A 55 0.91 -7.18 1.51
CA VAL A 55 -0.01 -7.11 0.38
C VAL A 55 -1.21 -6.21 0.70
N VAL A 56 -1.32 -5.13 -0.05
CA VAL A 56 -2.43 -4.20 0.09
C VAL A 56 -3.62 -4.69 -0.71
N CYS A 57 -3.40 -4.89 -2.01
CA CYS A 57 -4.45 -5.39 -2.88
C CYS A 57 -3.90 -6.55 -3.70
N LYS A 58 -4.47 -7.73 -3.53
CA LYS A 58 -3.97 -8.93 -4.19
C LYS A 58 -4.76 -9.22 -5.45
N ASN A 59 -4.04 -9.44 -6.56
CA ASN A 59 -4.67 -9.75 -7.84
C ASN A 59 -5.69 -8.68 -8.20
N ILE A 60 -5.26 -7.42 -8.06
CA ILE A 60 -6.11 -6.30 -8.37
C ILE A 60 -6.66 -6.42 -9.79
N MET A 61 -7.96 -6.67 -9.87
CA MET A 61 -8.67 -6.82 -11.15
C MET A 61 -8.19 -8.07 -11.89
N ASN A 62 -7.81 -9.10 -11.13
CA ASN A 62 -7.49 -10.44 -11.67
C ASN A 62 -6.16 -10.43 -12.44
N THR A 63 -5.48 -9.30 -12.45
CA THR A 63 -4.24 -9.12 -13.19
C THR A 63 -3.17 -10.14 -12.80
N GLY A 64 -3.06 -10.38 -11.51
CA GLY A 64 -2.05 -11.29 -11.02
C GLY A 64 -0.97 -10.57 -10.24
N VAL A 65 -1.00 -9.24 -10.31
CA VAL A 65 -0.06 -8.43 -9.57
C VAL A 65 -0.54 -8.23 -8.13
N ASP A 66 0.40 -8.34 -7.21
CA ASP A 66 0.12 -8.13 -5.80
C ASP A 66 0.61 -6.75 -5.41
N ILE A 67 -0.32 -5.83 -5.20
CA ILE A 67 0.03 -4.46 -4.86
C ILE A 67 0.48 -4.41 -3.41
N ILE A 68 1.79 -4.31 -3.23
CA ILE A 68 2.38 -4.42 -1.91
C ILE A 68 2.88 -3.09 -1.39
N CYS A 69 2.77 -2.91 -0.09
CA CYS A 69 3.32 -1.76 0.58
C CYS A 69 4.74 -2.05 1.03
N THR A 70 5.62 -1.06 0.95
CA THR A 70 7.01 -1.26 1.28
C THR A 70 7.42 -0.34 2.43
N LYS A 71 6.44 0.22 3.10
CA LYS A 71 6.68 1.07 4.26
C LYS A 71 6.54 0.24 5.52
N ASN A 72 7.38 0.49 6.49
CA ASN A 72 7.29 -0.21 7.77
C ASN A 72 6.37 0.57 8.68
N LEU A 73 5.12 0.15 8.76
CA LEU A 73 4.11 0.90 9.48
C LEU A 73 3.88 0.31 10.87
N PRO A 74 4.16 1.08 11.93
CA PRO A 74 3.98 0.63 13.30
C PRO A 74 2.52 0.70 13.74
N LYS A 75 1.87 -0.46 13.78
CA LYS A 75 0.54 -0.58 14.37
C LYS A 75 0.60 -0.21 15.85
N ASP A 76 1.16 -1.11 16.63
CA ASP A 76 1.50 -0.85 18.02
C ASP A 76 2.72 -1.65 18.40
N SER A 77 3.32 -2.26 17.38
CA SER A 77 4.52 -3.07 17.55
C SER A 77 5.76 -2.17 17.48
N LEU A 78 5.59 -0.95 17.96
CA LEU A 78 6.65 0.06 17.89
C LEU A 78 7.71 -0.19 18.95
N GLU A 79 8.82 -0.78 18.52
CA GLU A 79 9.98 -0.94 19.36
C GLU A 79 11.09 -0.02 18.87
N HIS A 80 12.15 0.07 19.64
CA HIS A 80 13.34 0.80 19.22
C HIS A 80 14.28 -0.14 18.47
N HIS A 81 13.68 -1.11 17.78
CA HIS A 81 14.44 -2.13 17.08
C HIS A 81 14.23 -2.02 15.57
N HIS A 82 15.18 -1.38 14.92
CA HIS A 82 15.23 -1.31 13.45
C HIS A 82 16.65 -1.02 13.04
N HIS A 83 17.09 0.17 13.41
CA HIS A 83 18.44 0.67 13.20
C HIS A 83 18.38 2.18 13.28
N HIS A 84 19.51 2.86 13.11
CA HIS A 84 19.49 4.31 12.99
C HIS A 84 19.20 4.68 11.54
N HIS A 85 18.70 3.69 10.81
CA HIS A 85 18.34 3.81 9.42
C HIS A 85 16.98 3.16 9.21
N MET A 1 2.53 -4.87 -24.42
CA MET A 1 3.94 -5.15 -24.07
C MET A 1 4.73 -3.85 -23.87
N HIS A 2 4.59 -3.27 -22.69
CA HIS A 2 5.32 -2.08 -22.29
C HIS A 2 5.05 -1.83 -20.81
N LYS A 3 5.87 -2.42 -19.97
CA LYS A 3 5.57 -2.49 -18.55
C LYS A 3 6.52 -1.65 -17.71
N ASP A 4 5.97 -1.06 -16.67
CA ASP A 4 6.76 -0.35 -15.67
C ASP A 4 6.17 -0.65 -14.30
N ILE A 5 6.98 -0.56 -13.25
CA ILE A 5 6.50 -0.85 -11.90
C ILE A 5 5.55 0.24 -11.42
N PHE A 6 4.32 -0.13 -11.17
CA PHE A 6 3.32 0.80 -10.68
C PHE A 6 3.53 1.05 -9.19
N THR A 7 3.98 2.23 -8.86
CA THR A 7 4.18 2.62 -7.48
C THR A 7 3.39 3.89 -7.18
N SER A 8 2.65 3.88 -6.09
CA SER A 8 1.81 5.00 -5.71
C SER A 8 1.62 5.04 -4.20
N VAL A 9 0.65 5.81 -3.74
CA VAL A 9 0.41 5.94 -2.31
C VAL A 9 -1.06 5.68 -1.99
N VAL A 10 -1.29 4.89 -0.94
CA VAL A 10 -2.65 4.58 -0.51
C VAL A 10 -2.88 5.08 0.91
N ARG A 11 -4.12 5.46 1.22
CA ARG A 11 -4.43 6.00 2.54
C ARG A 11 -4.50 4.90 3.59
N VAL A 12 -3.89 5.18 4.73
CA VAL A 12 -3.87 4.26 5.85
C VAL A 12 -4.68 4.83 7.00
N ARG A 13 -5.41 3.98 7.70
CA ARG A 13 -6.23 4.41 8.81
C ARG A 13 -5.90 3.59 10.06
N GLY A 14 -6.49 3.96 11.18
CA GLY A 14 -6.22 3.27 12.42
C GLY A 14 -5.18 4.00 13.26
N SER A 15 -4.82 3.41 14.40
CA SER A 15 -3.85 4.02 15.29
C SER A 15 -2.44 3.85 14.75
N LYS A 16 -1.96 4.88 14.06
CA LYS A 16 -0.63 4.90 13.48
C LYS A 16 -0.13 6.33 13.37
N LYS A 17 1.02 6.54 12.74
CA LYS A 17 1.50 7.88 12.46
C LYS A 17 1.21 8.26 11.01
N TYR A 18 1.64 7.42 10.08
CA TYR A 18 1.51 7.73 8.66
C TYR A 18 0.08 7.58 8.17
N ASN A 19 -0.44 8.66 7.59
CA ASN A 19 -1.80 8.66 7.05
C ASN A 19 -1.83 7.99 5.69
N VAL A 20 -0.65 7.82 5.11
CA VAL A 20 -0.52 7.20 3.79
C VAL A 20 0.73 6.32 3.75
N VAL A 21 0.66 5.23 3.00
CA VAL A 21 1.81 4.34 2.85
C VAL A 21 2.14 4.15 1.37
N PRO A 22 3.44 4.24 1.01
CA PRO A 22 3.91 3.99 -0.35
C PRO A 22 3.78 2.52 -0.76
N VAL A 23 3.11 2.28 -1.88
CA VAL A 23 2.92 0.93 -2.38
C VAL A 23 3.65 0.77 -3.72
N LYS A 24 3.86 -0.47 -4.11
CA LYS A 24 4.55 -0.77 -5.36
C LYS A 24 3.95 -2.02 -6.00
N SER A 25 4.47 -2.40 -7.15
CA SER A 25 3.95 -3.56 -7.85
C SER A 25 4.94 -4.72 -7.81
N ASN A 26 4.41 -5.90 -7.51
CA ASN A 26 5.17 -7.15 -7.53
C ASN A 26 5.73 -7.40 -8.93
N LYS A 27 4.88 -7.21 -9.93
CA LYS A 27 5.26 -7.43 -11.31
C LYS A 27 5.09 -6.13 -12.10
N PRO A 28 5.88 -5.94 -13.18
CA PRO A 28 5.76 -4.76 -14.03
C PRO A 28 4.39 -4.65 -14.68
N VAL A 29 3.87 -3.43 -14.74
CA VAL A 29 2.51 -3.20 -15.20
C VAL A 29 2.51 -2.45 -16.53
N GLU A 30 1.67 -2.89 -17.46
CA GLU A 30 1.43 -2.14 -18.69
C GLU A 30 0.99 -0.73 -18.35
N ILE A 31 1.77 0.26 -18.78
CA ILE A 31 1.57 1.66 -18.40
C ILE A 31 0.16 2.17 -18.72
N SER A 32 -0.46 1.57 -19.74
CA SER A 32 -1.79 2.00 -20.16
C SER A 32 -2.85 1.72 -19.08
N LYS A 33 -2.52 0.84 -18.13
CA LYS A 33 -3.47 0.48 -17.08
C LYS A 33 -3.17 1.21 -15.78
N TRP A 34 -2.39 2.28 -15.87
CA TRP A 34 -2.10 3.12 -14.71
C TRP A 34 -3.41 3.63 -14.10
N ILE A 35 -4.33 4.01 -14.98
CA ILE A 35 -5.61 4.56 -14.57
C ILE A 35 -6.41 3.54 -13.76
N ASP A 36 -6.45 2.32 -14.25
CA ASP A 36 -7.17 1.22 -13.60
C ASP A 36 -6.74 1.10 -12.14
N PHE A 37 -5.43 0.95 -11.96
CA PHE A 37 -4.85 0.75 -10.63
C PHE A 37 -5.11 1.96 -9.74
N SER A 38 -4.97 3.15 -10.31
CA SER A 38 -5.18 4.39 -9.59
C SER A 38 -6.61 4.48 -9.05
N ASN A 39 -7.57 4.20 -9.93
CA ASN A 39 -8.99 4.32 -9.56
C ASN A 39 -9.38 3.29 -8.51
N VAL A 40 -8.69 2.17 -8.47
CA VAL A 40 -8.95 1.14 -7.48
C VAL A 40 -8.36 1.53 -6.13
N LEU A 41 -7.11 1.97 -6.14
CA LEU A 41 -6.41 2.30 -4.90
C LEU A 41 -6.94 3.58 -4.25
N SER A 42 -7.44 4.50 -5.05
CA SER A 42 -7.99 5.75 -4.53
C SER A 42 -9.30 5.49 -3.79
N ARG A 43 -9.95 4.38 -4.10
CA ARG A 43 -11.21 4.03 -3.47
C ARG A 43 -11.01 2.88 -2.49
N LEU A 44 -9.74 2.57 -2.22
CA LEU A 44 -9.40 1.53 -1.27
C LEU A 44 -8.69 2.13 -0.06
N TYR A 45 -8.96 1.58 1.12
CA TYR A 45 -8.35 2.05 2.35
C TYR A 45 -7.79 0.88 3.14
N VAL A 46 -6.64 1.09 3.76
CA VAL A 46 -6.01 0.05 4.56
C VAL A 46 -5.88 0.52 6.00
N GLY A 47 -6.05 -0.39 6.95
CA GLY A 47 -5.96 -0.01 8.35
C GLY A 47 -4.90 -0.80 9.08
N VAL A 48 -4.51 -0.30 10.25
CA VAL A 48 -3.51 -0.95 11.11
C VAL A 48 -2.10 -0.73 10.57
N PRO A 49 -1.18 -0.24 11.44
CA PRO A 49 0.23 -0.05 11.09
C PRO A 49 0.85 -1.34 10.55
N THR A 50 1.16 -1.32 9.26
CA THR A 50 1.59 -2.53 8.56
C THR A 50 3.11 -2.61 8.41
N LYS A 51 3.55 -3.48 7.52
CA LYS A 51 4.95 -3.80 7.35
C LYS A 51 5.37 -3.65 5.88
N SER A 52 6.38 -4.39 5.46
CA SER A 52 6.71 -4.48 4.04
C SER A 52 6.13 -5.77 3.47
N GLY A 53 5.52 -5.67 2.28
CA GLY A 53 4.95 -6.84 1.65
C GLY A 53 3.45 -6.93 1.88
N ASN A 54 2.83 -5.79 2.15
CA ASN A 54 1.40 -5.72 2.42
C ASN A 54 0.63 -5.78 1.12
N VAL A 55 0.12 -6.95 0.76
CA VAL A 55 -0.65 -7.07 -0.45
C VAL A 55 -2.06 -6.53 -0.23
N VAL A 56 -2.25 -5.25 -0.54
CA VAL A 56 -3.54 -4.63 -0.36
C VAL A 56 -4.53 -5.08 -1.43
N CYS A 57 -4.07 -5.11 -2.68
CA CYS A 57 -4.87 -5.62 -3.77
C CYS A 57 -4.04 -6.61 -4.59
N LYS A 58 -4.52 -7.84 -4.68
CA LYS A 58 -3.83 -8.88 -5.43
C LYS A 58 -4.57 -9.13 -6.75
N ASN A 59 -3.82 -9.41 -7.82
CA ASN A 59 -4.39 -9.58 -9.17
C ASN A 59 -5.40 -8.49 -9.48
N ILE A 60 -5.07 -7.28 -9.04
CA ILE A 60 -5.92 -6.11 -9.22
C ILE A 60 -6.26 -5.89 -10.69
N MET A 61 -7.57 -5.78 -10.97
CA MET A 61 -8.06 -5.53 -12.32
C MET A 61 -7.73 -6.68 -13.25
N ASN A 62 -7.65 -7.89 -12.68
CA ASN A 62 -7.48 -9.13 -13.45
C ASN A 62 -6.09 -9.22 -14.07
N THR A 63 -5.15 -8.44 -13.56
CA THR A 63 -3.81 -8.40 -14.12
C THR A 63 -2.97 -9.60 -13.65
N GLY A 64 -2.77 -9.69 -12.35
CA GLY A 64 -1.91 -10.70 -11.79
C GLY A 64 -0.82 -10.09 -10.96
N VAL A 65 -0.84 -8.76 -10.86
CA VAL A 65 0.13 -8.03 -10.06
C VAL A 65 -0.34 -7.90 -8.62
N ASP A 66 0.59 -8.04 -7.69
CA ASP A 66 0.32 -7.83 -6.29
C ASP A 66 0.70 -6.41 -5.90
N ILE A 67 -0.27 -5.60 -5.52
CA ILE A 67 0.00 -4.26 -5.06
C ILE A 67 0.38 -4.30 -3.59
N ILE A 68 1.65 -4.10 -3.32
CA ILE A 68 2.16 -4.29 -1.97
C ILE A 68 2.76 -3.02 -1.40
N CYS A 69 2.40 -2.70 -0.17
CA CYS A 69 3.03 -1.62 0.56
C CYS A 69 4.37 -2.12 1.09
N THR A 70 5.36 -1.24 1.18
CA THR A 70 6.70 -1.70 1.52
C THR A 70 7.36 -0.86 2.62
N LYS A 71 6.58 -0.05 3.31
CA LYS A 71 7.15 0.73 4.39
C LYS A 71 6.58 0.27 5.73
N ASN A 72 7.47 -0.13 6.63
CA ASN A 72 7.08 -0.55 7.97
C ASN A 72 6.55 0.64 8.74
N LEU A 73 5.24 0.66 8.98
CA LEU A 73 4.59 1.81 9.58
C LEU A 73 4.64 1.76 11.11
N PRO A 74 5.32 2.72 11.73
CA PRO A 74 5.36 2.84 13.19
C PRO A 74 4.14 3.58 13.73
N LYS A 75 3.87 3.41 15.01
CA LYS A 75 2.75 4.07 15.66
C LYS A 75 3.26 5.23 16.50
N ASP A 76 4.43 5.02 17.09
CA ASP A 76 4.99 5.99 18.03
C ASP A 76 6.20 6.68 17.42
N SER A 77 6.21 8.00 17.54
CA SER A 77 7.38 8.77 17.20
C SER A 77 8.34 8.77 18.38
N LEU A 78 9.36 7.91 18.32
CA LEU A 78 10.36 7.85 19.37
C LEU A 78 11.09 9.18 19.45
N GLU A 79 10.81 9.94 20.50
CA GLU A 79 11.35 11.28 20.63
C GLU A 79 12.87 11.25 20.72
N HIS A 80 13.52 11.77 19.68
CA HIS A 80 14.97 11.79 19.64
C HIS A 80 15.52 12.91 20.52
N HIS A 81 15.51 12.67 21.82
CA HIS A 81 16.09 13.61 22.77
C HIS A 81 17.58 13.34 22.92
N HIS A 82 18.37 14.38 23.16
CA HIS A 82 19.81 14.26 23.14
C HIS A 82 20.45 15.06 24.28
N HIS A 83 19.71 15.25 25.36
CA HIS A 83 20.24 15.98 26.51
C HIS A 83 19.97 15.20 27.79
N HIS A 84 21.01 14.52 28.29
CA HIS A 84 20.89 13.66 29.48
C HIS A 84 20.03 12.44 29.12
N HIS A 85 20.03 12.10 27.85
CA HIS A 85 19.24 10.99 27.35
C HIS A 85 20.09 9.75 27.19
N MET A 1 5.61 -0.74 -24.88
CA MET A 1 6.63 -1.82 -24.74
C MET A 1 7.28 -1.74 -23.35
N HIS A 2 7.55 -0.54 -22.88
CA HIS A 2 8.13 -0.35 -21.56
C HIS A 2 7.10 -0.66 -20.49
N LYS A 3 7.27 -1.79 -19.83
CA LYS A 3 6.43 -2.16 -18.71
C LYS A 3 7.14 -1.80 -17.41
N ASP A 4 6.45 -1.10 -16.54
CA ASP A 4 7.08 -0.51 -15.37
C ASP A 4 6.41 -0.98 -14.09
N ILE A 5 7.02 -0.68 -12.96
CA ILE A 5 6.46 -1.01 -11.67
C ILE A 5 5.52 0.09 -11.21
N PHE A 6 4.22 -0.13 -11.33
CA PHE A 6 3.24 0.85 -10.90
C PHE A 6 3.40 1.15 -9.41
N THR A 7 3.71 2.40 -9.10
CA THR A 7 3.88 2.83 -7.74
C THR A 7 2.95 4.01 -7.45
N SER A 8 2.21 3.95 -6.36
CA SER A 8 1.25 4.97 -6.02
C SER A 8 1.21 5.19 -4.51
N VAL A 9 0.26 5.99 -4.04
CA VAL A 9 0.11 6.24 -2.62
C VAL A 9 -1.35 6.07 -2.20
N VAL A 10 -1.59 5.21 -1.22
CA VAL A 10 -2.93 4.95 -0.74
C VAL A 10 -3.11 5.49 0.67
N ARG A 11 -4.35 5.66 1.10
CA ARG A 11 -4.64 6.20 2.41
C ARG A 11 -4.79 5.10 3.44
N VAL A 12 -4.10 5.26 4.56
CA VAL A 12 -4.14 4.30 5.65
C VAL A 12 -4.92 4.89 6.82
N ARG A 13 -5.98 4.21 7.22
CA ARG A 13 -6.77 4.66 8.35
C ARG A 13 -6.38 3.86 9.58
N GLY A 14 -6.57 4.43 10.76
CA GLY A 14 -6.22 3.72 11.97
C GLY A 14 -5.28 4.53 12.84
N SER A 15 -5.12 4.09 14.09
CA SER A 15 -4.30 4.79 15.06
C SER A 15 -2.83 4.43 14.91
N LYS A 16 -2.15 5.13 14.02
CA LYS A 16 -0.72 4.93 13.79
C LYS A 16 -0.08 6.25 13.37
N LYS A 17 1.19 6.21 13.01
CA LYS A 17 1.90 7.41 12.59
C LYS A 17 1.71 7.67 11.10
N TYR A 18 2.13 6.71 10.27
CA TYR A 18 2.05 6.86 8.83
C TYR A 18 0.62 6.74 8.34
N ASN A 19 0.05 7.86 7.89
CA ASN A 19 -1.35 7.90 7.48
C ASN A 19 -1.50 7.60 5.99
N VAL A 20 -0.39 7.66 5.26
CA VAL A 20 -0.40 7.35 3.83
C VAL A 20 0.82 6.50 3.47
N VAL A 21 0.59 5.40 2.77
CA VAL A 21 1.68 4.52 2.41
C VAL A 21 1.81 4.39 0.88
N PRO A 22 3.04 4.58 0.37
CA PRO A 22 3.36 4.31 -1.03
C PRO A 22 3.33 2.80 -1.32
N VAL A 23 2.55 2.44 -2.32
CA VAL A 23 2.39 1.04 -2.71
C VAL A 23 2.97 0.81 -4.09
N LYS A 24 3.29 -0.42 -4.39
CA LYS A 24 3.94 -0.77 -5.64
C LYS A 24 3.40 -2.07 -6.19
N SER A 25 3.83 -2.42 -7.39
CA SER A 25 3.40 -3.65 -8.04
C SER A 25 4.54 -4.66 -8.07
N ASN A 26 4.27 -5.87 -7.58
CA ASN A 26 5.29 -6.92 -7.57
C ASN A 26 5.67 -7.33 -8.98
N LYS A 27 4.72 -7.23 -9.90
CA LYS A 27 4.97 -7.54 -11.29
C LYS A 27 4.92 -6.27 -12.12
N PRO A 28 5.84 -6.11 -13.08
CA PRO A 28 5.86 -4.94 -13.97
C PRO A 28 4.64 -4.88 -14.85
N VAL A 29 3.85 -3.84 -14.67
CA VAL A 29 2.59 -3.69 -15.35
C VAL A 29 2.75 -2.88 -16.62
N GLU A 30 1.77 -2.98 -17.51
CA GLU A 30 1.78 -2.23 -18.74
C GLU A 30 1.33 -0.80 -18.49
N ILE A 31 1.90 0.13 -19.23
CA ILE A 31 1.58 1.55 -19.07
C ILE A 31 0.19 1.86 -19.59
N SER A 32 -0.22 3.11 -19.44
CA SER A 32 -1.58 3.56 -19.81
C SER A 32 -2.64 3.02 -18.84
N LYS A 33 -2.36 1.89 -18.19
CA LYS A 33 -3.27 1.31 -17.22
C LYS A 33 -3.07 1.95 -15.85
N TRP A 34 -2.24 3.00 -15.81
CA TRP A 34 -1.95 3.71 -14.56
C TRP A 34 -3.21 4.33 -13.97
N ILE A 35 -4.10 4.79 -14.85
CA ILE A 35 -5.35 5.41 -14.42
C ILE A 35 -6.28 4.36 -13.82
N ASP A 36 -6.19 3.15 -14.34
CA ASP A 36 -7.02 2.04 -13.90
C ASP A 36 -6.70 1.66 -12.45
N PHE A 37 -5.44 1.34 -12.19
CA PHE A 37 -5.02 0.91 -10.87
C PHE A 37 -5.18 2.04 -9.84
N SER A 38 -4.93 3.28 -10.25
CA SER A 38 -5.06 4.41 -9.35
C SER A 38 -6.52 4.62 -8.96
N ASN A 39 -7.44 4.41 -9.91
CA ASN A 39 -8.87 4.46 -9.63
C ASN A 39 -9.23 3.52 -8.50
N VAL A 40 -8.76 2.29 -8.60
CA VAL A 40 -9.03 1.27 -7.61
C VAL A 40 -8.43 1.65 -6.26
N LEU A 41 -7.16 2.02 -6.28
CA LEU A 41 -6.40 2.28 -5.06
C LEU A 41 -6.86 3.54 -4.32
N SER A 42 -7.14 4.61 -5.06
CA SER A 42 -7.56 5.86 -4.44
C SER A 42 -8.94 5.72 -3.80
N ARG A 43 -9.69 4.72 -4.21
CA ARG A 43 -11.00 4.45 -3.64
C ARG A 43 -10.91 3.28 -2.65
N LEU A 44 -9.67 2.90 -2.33
CA LEU A 44 -9.42 1.79 -1.42
C LEU A 44 -8.70 2.30 -0.17
N TYR A 45 -9.32 2.14 0.97
CA TYR A 45 -8.72 2.55 2.22
C TYR A 45 -8.32 1.34 3.04
N VAL A 46 -7.08 1.33 3.50
CA VAL A 46 -6.57 0.22 4.29
C VAL A 46 -6.38 0.65 5.74
N GLY A 47 -6.72 -0.23 6.68
CA GLY A 47 -6.61 0.12 8.07
C GLY A 47 -5.80 -0.90 8.86
N VAL A 48 -4.50 -0.91 8.64
CA VAL A 48 -3.60 -1.79 9.36
C VAL A 48 -2.15 -1.36 9.17
N PRO A 49 -1.43 -1.10 10.27
CA PRO A 49 0.00 -0.79 10.24
C PRO A 49 0.82 -2.02 9.88
N THR A 50 1.45 -1.98 8.72
CA THR A 50 2.19 -3.13 8.20
C THR A 50 3.65 -2.80 7.93
N LYS A 51 4.44 -3.83 7.64
CA LYS A 51 5.84 -3.67 7.31
C LYS A 51 6.06 -3.83 5.80
N SER A 52 7.29 -3.61 5.35
CA SER A 52 7.59 -3.62 3.92
C SER A 52 7.28 -4.97 3.28
N GLY A 53 6.64 -4.94 2.12
CA GLY A 53 6.34 -6.15 1.41
C GLY A 53 4.99 -6.72 1.79
N ASN A 54 4.09 -5.84 2.21
CA ASN A 54 2.75 -6.28 2.62
C ASN A 54 1.77 -6.08 1.48
N VAL A 55 0.96 -7.09 1.21
CA VAL A 55 0.03 -7.03 0.09
C VAL A 55 -1.33 -6.52 0.55
N VAL A 56 -1.82 -5.46 -0.08
CA VAL A 56 -3.13 -4.93 0.23
C VAL A 56 -4.18 -5.45 -0.74
N CYS A 57 -3.83 -5.55 -2.01
CA CYS A 57 -4.75 -6.03 -3.02
C CYS A 57 -4.09 -7.15 -3.81
N LYS A 58 -4.73 -8.32 -3.80
CA LYS A 58 -4.20 -9.50 -4.46
C LYS A 58 -4.98 -9.77 -5.72
N ASN A 59 -4.28 -9.94 -6.84
CA ASN A 59 -4.91 -10.19 -8.14
C ASN A 59 -5.85 -9.04 -8.47
N ILE A 60 -5.33 -7.83 -8.33
CA ILE A 60 -6.10 -6.62 -8.54
C ILE A 60 -6.66 -6.55 -9.96
N MET A 61 -7.97 -6.34 -10.06
CA MET A 61 -8.66 -6.24 -11.36
C MET A 61 -8.56 -7.54 -12.14
N ASN A 62 -8.31 -8.64 -11.43
CA ASN A 62 -8.12 -9.96 -12.03
C ASN A 62 -6.96 -9.92 -13.01
N THR A 63 -5.75 -9.97 -12.48
CA THR A 63 -4.55 -9.87 -13.30
C THR A 63 -3.48 -10.86 -12.83
N GLY A 64 -3.14 -10.77 -11.57
CA GLY A 64 -2.08 -11.58 -11.01
C GLY A 64 -1.09 -10.73 -10.26
N VAL A 65 -1.24 -9.42 -10.40
CA VAL A 65 -0.38 -8.47 -9.71
C VAL A 65 -0.83 -8.30 -8.26
N ASP A 66 0.14 -8.39 -7.36
CA ASP A 66 -0.10 -8.17 -5.95
C ASP A 66 0.39 -6.79 -5.55
N ILE A 67 -0.53 -5.92 -5.17
CA ILE A 67 -0.17 -4.57 -4.79
C ILE A 67 0.36 -4.55 -3.36
N ILE A 68 1.63 -4.22 -3.23
CA ILE A 68 2.32 -4.30 -1.94
C ILE A 68 2.82 -2.95 -1.49
N CYS A 69 2.70 -2.70 -0.19
CA CYS A 69 3.23 -1.49 0.40
C CYS A 69 4.64 -1.76 0.89
N THR A 70 5.51 -0.76 0.82
CA THR A 70 6.91 -0.97 1.12
C THR A 70 7.39 -0.12 2.30
N LYS A 71 6.46 0.49 3.02
CA LYS A 71 6.80 1.23 4.22
C LYS A 71 6.61 0.37 5.45
N ASN A 72 7.32 0.68 6.51
CA ASN A 72 7.16 -0.04 7.76
C ASN A 72 6.42 0.84 8.75
N LEU A 73 5.15 0.52 8.97
CA LEU A 73 4.33 1.30 9.89
C LEU A 73 4.49 0.81 11.32
N PRO A 74 4.71 1.73 12.26
CA PRO A 74 4.83 1.39 13.68
C PRO A 74 3.50 0.93 14.29
N LYS A 75 3.39 -0.36 14.53
CA LYS A 75 2.18 -0.93 15.10
C LYS A 75 2.06 -0.54 16.56
N ASP A 76 2.85 -1.19 17.40
CA ASP A 76 2.83 -0.92 18.84
C ASP A 76 4.23 -0.75 19.39
N SER A 77 5.23 -0.82 18.49
CA SER A 77 6.65 -0.71 18.84
C SER A 77 7.08 -1.74 19.88
N LEU A 78 6.90 -1.41 21.14
CA LEU A 78 7.25 -2.32 22.23
C LEU A 78 6.19 -2.25 23.33
N GLU A 79 5.95 -3.38 23.98
CA GLU A 79 5.07 -3.43 25.13
C GLU A 79 5.86 -4.01 26.31
N HIS A 80 5.54 -3.55 27.52
CA HIS A 80 6.36 -3.85 28.69
C HIS A 80 6.53 -5.36 28.91
N HIS A 81 5.45 -6.02 29.36
CA HIS A 81 5.48 -7.45 29.70
C HIS A 81 6.42 -7.73 30.87
N HIS A 82 7.72 -7.69 30.60
CA HIS A 82 8.75 -7.89 31.61
C HIS A 82 10.10 -7.46 31.03
N HIS A 83 10.62 -8.28 30.13
CA HIS A 83 11.87 -8.01 29.44
C HIS A 83 12.05 -9.03 28.33
N HIS A 84 12.60 -8.60 27.20
CA HIS A 84 12.77 -9.49 26.05
C HIS A 84 13.76 -10.60 26.38
N HIS A 85 13.25 -11.82 26.42
CA HIS A 85 14.08 -12.99 26.67
C HIS A 85 14.14 -13.85 25.42
N MET A 1 3.29 0.09 -25.79
CA MET A 1 3.02 0.48 -24.38
C MET A 1 3.98 -0.25 -23.46
N HIS A 2 4.71 0.50 -22.65
CA HIS A 2 5.69 -0.07 -21.73
C HIS A 2 5.00 -0.69 -20.52
N LYS A 3 5.72 -1.55 -19.82
CA LYS A 3 5.24 -2.12 -18.57
C LYS A 3 6.26 -1.85 -17.48
N ASP A 4 5.84 -1.14 -16.44
CA ASP A 4 6.75 -0.71 -15.41
C ASP A 4 6.15 -0.95 -14.02
N ILE A 5 7.02 -1.06 -13.03
CA ILE A 5 6.60 -1.24 -11.65
C ILE A 5 5.82 -0.01 -11.18
N PHE A 6 4.53 -0.20 -10.98
CA PHE A 6 3.66 0.90 -10.58
C PHE A 6 3.86 1.22 -9.10
N THR A 7 4.50 2.33 -8.83
CA THR A 7 4.67 2.80 -7.48
C THR A 7 3.83 4.06 -7.26
N SER A 8 3.10 4.12 -6.17
CA SER A 8 2.22 5.24 -5.90
C SER A 8 2.03 5.40 -4.39
N VAL A 9 1.06 6.20 -4.00
CA VAL A 9 0.75 6.40 -2.59
C VAL A 9 -0.72 6.09 -2.32
N VAL A 10 -0.99 5.32 -1.30
CA VAL A 10 -2.36 4.97 -0.95
C VAL A 10 -2.72 5.58 0.40
N ARG A 11 -3.99 5.91 0.57
CA ARG A 11 -4.46 6.45 1.83
C ARG A 11 -4.87 5.31 2.75
N VAL A 12 -4.12 5.17 3.83
CA VAL A 12 -4.20 3.99 4.67
C VAL A 12 -5.34 4.11 5.69
N ARG A 13 -6.04 3.01 5.89
CA ARG A 13 -7.16 2.98 6.83
C ARG A 13 -6.74 2.20 8.08
N GLY A 14 -7.10 2.69 9.25
CA GLY A 14 -6.81 1.98 10.47
C GLY A 14 -5.99 2.79 11.44
N SER A 15 -5.65 2.19 12.58
CA SER A 15 -4.89 2.89 13.60
C SER A 15 -3.40 2.90 13.27
N LYS A 16 -2.88 4.06 12.93
CA LYS A 16 -1.48 4.22 12.56
C LYS A 16 -1.08 5.69 12.63
N LYS A 17 0.21 5.98 12.56
CA LYS A 17 0.69 7.35 12.67
C LYS A 17 0.90 7.96 11.27
N TYR A 18 1.05 7.12 10.27
CA TYR A 18 1.21 7.57 8.89
C TYR A 18 -0.06 7.30 8.09
N ASN A 19 -0.75 8.37 7.72
CA ASN A 19 -2.05 8.24 7.06
C ASN A 19 -1.91 7.84 5.59
N VAL A 20 -0.74 8.06 5.03
CA VAL A 20 -0.48 7.69 3.64
C VAL A 20 0.83 6.91 3.54
N VAL A 21 0.83 5.87 2.72
CA VAL A 21 2.02 5.04 2.57
C VAL A 21 2.28 4.74 1.08
N PRO A 22 3.55 4.77 0.65
CA PRO A 22 3.93 4.42 -0.72
C PRO A 22 3.83 2.91 -0.98
N VAL A 23 3.17 2.56 -2.08
CA VAL A 23 3.00 1.17 -2.46
C VAL A 23 3.64 0.90 -3.82
N LYS A 24 3.86 -0.36 -4.11
CA LYS A 24 4.46 -0.77 -5.37
C LYS A 24 3.83 -2.07 -5.85
N SER A 25 4.15 -2.46 -7.07
CA SER A 25 3.67 -3.72 -7.61
C SER A 25 4.82 -4.71 -7.73
N ASN A 26 4.64 -5.91 -7.18
CA ASN A 26 5.69 -6.94 -7.26
C ASN A 26 5.73 -7.55 -8.66
N LYS A 27 4.85 -7.09 -9.53
CA LYS A 27 4.89 -7.47 -10.95
C LYS A 27 4.74 -6.20 -11.78
N PRO A 28 5.47 -6.11 -12.91
CA PRO A 28 5.42 -4.93 -13.80
C PRO A 28 4.01 -4.67 -14.33
N VAL A 29 3.62 -3.41 -14.31
CA VAL A 29 2.28 -3.02 -14.69
C VAL A 29 2.28 -2.35 -16.06
N GLU A 30 1.38 -2.80 -16.92
CA GLU A 30 1.19 -2.18 -18.21
C GLU A 30 0.78 -0.72 -18.01
N ILE A 31 1.58 0.20 -18.56
CA ILE A 31 1.40 1.63 -18.30
C ILE A 31 0.02 2.14 -18.75
N SER A 32 -0.62 1.42 -19.66
CA SER A 32 -1.95 1.80 -20.13
C SER A 32 -3.01 1.58 -19.05
N LYS A 33 -2.63 0.87 -17.99
CA LYS A 33 -3.56 0.56 -16.91
C LYS A 33 -3.29 1.41 -15.67
N TRP A 34 -2.29 2.30 -15.75
CA TRP A 34 -1.86 3.06 -14.58
C TRP A 34 -3.00 3.90 -14.00
N ILE A 35 -3.91 4.34 -14.86
CA ILE A 35 -5.01 5.20 -14.45
C ILE A 35 -6.10 4.40 -13.76
N ASP A 36 -6.24 3.15 -14.16
CA ASP A 36 -7.27 2.28 -13.59
C ASP A 36 -6.81 1.79 -12.22
N PHE A 37 -5.54 1.39 -12.13
CA PHE A 37 -4.95 0.95 -10.86
C PHE A 37 -5.08 2.03 -9.79
N SER A 38 -4.74 3.26 -10.15
CA SER A 38 -4.78 4.37 -9.21
C SER A 38 -6.21 4.68 -8.79
N ASN A 39 -7.15 4.55 -9.72
CA ASN A 39 -8.57 4.75 -9.42
C ASN A 39 -9.04 3.74 -8.38
N VAL A 40 -8.61 2.50 -8.53
CA VAL A 40 -8.96 1.44 -7.59
C VAL A 40 -8.38 1.73 -6.21
N LEU A 41 -7.12 2.17 -6.18
CA LEU A 41 -6.45 2.49 -4.92
C LEU A 41 -7.08 3.71 -4.24
N SER A 42 -7.77 4.52 -5.03
CA SER A 42 -8.44 5.69 -4.48
C SER A 42 -9.79 5.31 -3.87
N ARG A 43 -10.22 4.09 -4.13
CA ARG A 43 -11.46 3.57 -3.58
C ARG A 43 -11.19 2.57 -2.47
N LEU A 44 -10.03 1.94 -2.54
CA LEU A 44 -9.65 0.91 -1.57
C LEU A 44 -9.13 1.53 -0.29
N TYR A 45 -10.00 1.70 0.69
CA TYR A 45 -9.61 2.26 1.97
C TYR A 45 -9.35 1.15 2.97
N VAL A 46 -8.11 0.70 3.02
CA VAL A 46 -7.70 -0.37 3.93
C VAL A 46 -6.30 -0.07 4.46
N GLY A 47 -5.84 -0.87 5.40
CA GLY A 47 -4.50 -0.71 5.91
C GLY A 47 -4.34 -1.31 7.28
N VAL A 48 -3.10 -1.34 7.75
CA VAL A 48 -2.75 -1.90 9.04
C VAL A 48 -1.23 -1.81 9.24
N PRO A 49 -0.77 -1.51 10.47
CA PRO A 49 0.66 -1.54 10.81
C PRO A 49 1.37 -2.76 10.22
N THR A 50 2.15 -2.53 9.18
CA THR A 50 2.81 -3.59 8.45
C THR A 50 4.30 -3.30 8.28
N LYS A 51 5.05 -4.32 7.87
CA LYS A 51 6.50 -4.21 7.78
C LYS A 51 7.02 -4.60 6.40
N SER A 52 6.59 -3.84 5.38
CA SER A 52 7.07 -4.00 4.00
C SER A 52 6.60 -5.30 3.35
N GLY A 53 6.46 -5.24 2.03
CA GLY A 53 6.09 -6.42 1.25
C GLY A 53 4.70 -6.93 1.57
N ASN A 54 3.85 -6.04 2.07
CA ASN A 54 2.50 -6.44 2.46
C ASN A 54 1.52 -6.16 1.35
N VAL A 55 0.74 -7.16 0.99
CA VAL A 55 -0.20 -7.06 -0.11
C VAL A 55 -1.47 -6.31 0.31
N VAL A 56 -1.67 -5.14 -0.27
CA VAL A 56 -2.86 -4.34 -0.01
C VAL A 56 -4.02 -4.86 -0.87
N CYS A 57 -3.77 -5.02 -2.16
CA CYS A 57 -4.75 -5.58 -3.07
C CYS A 57 -4.12 -6.69 -3.89
N LYS A 58 -4.70 -7.88 -3.84
CA LYS A 58 -4.15 -9.02 -4.53
C LYS A 58 -4.99 -9.37 -5.75
N ASN A 59 -4.32 -9.64 -6.87
CA ASN A 59 -4.98 -10.04 -8.12
C ASN A 59 -5.86 -8.91 -8.66
N ILE A 60 -5.44 -7.67 -8.40
CA ILE A 60 -6.20 -6.51 -8.84
C ILE A 60 -6.32 -6.49 -10.37
N MET A 61 -7.54 -6.20 -10.85
CA MET A 61 -7.82 -6.12 -12.28
C MET A 61 -7.60 -7.47 -12.98
N ASN A 62 -7.56 -8.54 -12.19
CA ASN A 62 -7.46 -9.92 -12.71
C ASN A 62 -6.09 -10.23 -13.30
N THR A 63 -5.20 -9.25 -13.35
CA THR A 63 -3.88 -9.46 -13.93
C THR A 63 -2.96 -10.17 -12.92
N GLY A 64 -3.44 -10.29 -11.69
CA GLY A 64 -2.71 -11.02 -10.68
C GLY A 64 -1.65 -10.18 -10.00
N VAL A 65 -1.59 -8.91 -10.36
CA VAL A 65 -0.64 -8.00 -9.71
C VAL A 65 -1.04 -7.78 -8.26
N ASP A 66 -0.08 -7.94 -7.37
CA ASP A 66 -0.29 -7.66 -5.97
C ASP A 66 0.29 -6.29 -5.68
N ILE A 67 -0.53 -5.39 -5.18
CA ILE A 67 -0.06 -4.07 -4.80
C ILE A 67 0.45 -4.12 -3.37
N ILE A 68 1.75 -4.07 -3.21
CA ILE A 68 2.37 -4.25 -1.91
C ILE A 68 2.94 -2.96 -1.36
N CYS A 69 2.68 -2.69 -0.09
CA CYS A 69 3.28 -1.58 0.60
C CYS A 69 4.68 -1.97 1.06
N THR A 70 5.64 -1.09 0.85
CA THR A 70 7.03 -1.42 1.16
C THR A 70 7.54 -0.60 2.35
N LYS A 71 6.73 0.35 2.81
CA LYS A 71 7.11 1.17 3.95
C LYS A 71 6.50 0.60 5.22
N ASN A 72 7.30 0.60 6.28
CA ASN A 72 6.86 0.02 7.55
C ASN A 72 6.08 1.05 8.34
N LEU A 73 4.88 0.67 8.78
CA LEU A 73 4.00 1.57 9.49
C LEU A 73 3.90 1.21 10.96
N PRO A 74 4.61 1.95 11.83
CA PRO A 74 4.55 1.74 13.27
C PRO A 74 3.46 2.58 13.94
N LYS A 75 3.30 2.40 15.24
CA LYS A 75 2.34 3.16 16.00
C LYS A 75 3.05 3.95 17.09
N ASP A 76 2.40 4.99 17.59
CA ASP A 76 3.00 5.83 18.63
C ASP A 76 2.27 5.57 19.95
N SER A 77 2.36 6.54 20.88
CA SER A 77 1.71 6.44 22.19
C SER A 77 2.37 5.37 23.05
N LEU A 78 3.61 5.03 22.70
CA LEU A 78 4.39 4.10 23.50
C LEU A 78 5.15 4.88 24.57
N GLU A 79 5.20 4.32 25.77
CA GLU A 79 5.77 5.02 26.92
C GLU A 79 7.29 4.90 26.95
N HIS A 80 7.92 5.00 25.79
CA HIS A 80 9.38 5.01 25.73
C HIS A 80 9.90 6.35 26.20
N HIS A 81 9.09 7.39 26.02
CA HIS A 81 9.42 8.71 26.50
C HIS A 81 8.61 9.02 27.75
N HIS A 82 9.30 9.10 28.88
CA HIS A 82 8.64 9.39 30.15
C HIS A 82 8.72 10.89 30.45
N HIS A 83 7.65 11.59 30.12
CA HIS A 83 7.56 13.02 30.44
C HIS A 83 6.80 13.19 31.73
N HIS A 84 5.51 12.88 31.71
CA HIS A 84 4.69 12.86 32.91
C HIS A 84 3.95 11.53 32.97
N HIS A 85 4.60 10.52 32.42
CA HIS A 85 4.09 9.16 32.41
C HIS A 85 5.26 8.20 32.52
N MET A 1 2.92 -4.87 -24.24
CA MET A 1 3.49 -3.63 -24.81
C MET A 1 3.89 -2.66 -23.71
N HIS A 2 5.17 -2.66 -23.35
CA HIS A 2 5.73 -1.75 -22.33
C HIS A 2 5.09 -1.95 -20.95
N LYS A 3 5.74 -2.76 -20.14
CA LYS A 3 5.33 -2.97 -18.76
C LYS A 3 6.23 -2.13 -17.85
N ASP A 4 5.62 -1.31 -16.98
CA ASP A 4 6.37 -0.44 -16.09
C ASP A 4 5.86 -0.55 -14.66
N ILE A 5 6.78 -0.67 -13.71
CA ILE A 5 6.42 -0.75 -12.29
C ILE A 5 5.60 0.46 -11.85
N PHE A 6 4.46 0.19 -11.25
CA PHE A 6 3.56 1.24 -10.78
C PHE A 6 3.68 1.41 -9.27
N THR A 7 4.14 2.58 -8.85
CA THR A 7 4.28 2.91 -7.45
C THR A 7 3.45 4.15 -7.12
N SER A 8 2.78 4.15 -5.97
CA SER A 8 1.95 5.27 -5.54
C SER A 8 1.75 5.24 -4.03
N VAL A 9 1.01 6.23 -3.52
CA VAL A 9 0.65 6.25 -2.11
C VAL A 9 -0.86 6.16 -1.96
N VAL A 10 -1.31 5.24 -1.11
CA VAL A 10 -2.73 5.02 -0.89
C VAL A 10 -3.12 5.51 0.50
N ARG A 11 -4.39 5.85 0.68
CA ARG A 11 -4.89 6.35 1.95
C ARG A 11 -4.88 5.24 3.00
N VAL A 12 -4.20 5.49 4.10
CA VAL A 12 -4.02 4.48 5.13
C VAL A 12 -4.86 4.80 6.36
N ARG A 13 -5.50 3.77 6.90
CA ARG A 13 -6.30 3.87 8.11
C ARG A 13 -5.82 2.85 9.14
N GLY A 14 -6.47 2.83 10.30
CA GLY A 14 -6.16 1.80 11.28
C GLY A 14 -5.45 2.34 12.50
N SER A 15 -4.78 1.46 13.24
CA SER A 15 -4.12 1.83 14.49
C SER A 15 -2.72 2.38 14.25
N LYS A 16 -2.43 2.75 13.01
CA LYS A 16 -1.11 3.27 12.66
C LYS A 16 -1.00 4.75 13.02
N LYS A 17 0.18 5.32 12.77
CA LYS A 17 0.39 6.74 12.96
C LYS A 17 0.92 7.36 11.66
N TYR A 18 0.03 7.42 10.67
CA TYR A 18 0.34 7.93 9.34
C TYR A 18 -0.94 8.45 8.71
N ASN A 19 -0.84 8.98 7.49
CA ASN A 19 -2.03 9.42 6.75
C ASN A 19 -2.06 8.81 5.34
N VAL A 20 -0.89 8.43 4.85
CA VAL A 20 -0.75 7.82 3.53
C VAL A 20 0.35 6.77 3.60
N VAL A 21 0.22 5.72 2.80
CA VAL A 21 1.19 4.64 2.82
C VAL A 21 1.65 4.29 1.40
N PRO A 22 2.98 4.18 1.20
CA PRO A 22 3.56 3.83 -0.11
C PRO A 22 3.28 2.37 -0.50
N VAL A 23 2.83 2.19 -1.73
CA VAL A 23 2.53 0.86 -2.26
C VAL A 23 3.18 0.70 -3.63
N LYS A 24 3.48 -0.53 -4.00
CA LYS A 24 4.12 -0.82 -5.28
C LYS A 24 3.56 -2.09 -5.89
N SER A 25 3.98 -2.37 -7.12
CA SER A 25 3.54 -3.54 -7.85
C SER A 25 4.69 -4.54 -7.97
N ASN A 26 4.42 -5.79 -7.65
CA ASN A 26 5.42 -6.85 -7.71
C ASN A 26 5.74 -7.20 -9.16
N LYS A 27 4.76 -6.97 -10.03
CA LYS A 27 4.92 -7.26 -11.45
C LYS A 27 4.70 -5.99 -12.24
N PRO A 28 5.58 -5.68 -13.20
CA PRO A 28 5.50 -4.47 -14.03
C PRO A 28 4.12 -4.28 -14.65
N VAL A 29 3.60 -3.07 -14.54
CA VAL A 29 2.26 -2.77 -15.01
C VAL A 29 2.29 -2.21 -16.42
N GLU A 30 1.55 -2.84 -17.31
CA GLU A 30 1.50 -2.41 -18.69
C GLU A 30 0.90 -1.00 -18.77
N ILE A 31 1.53 -0.14 -19.56
CA ILE A 31 1.15 1.27 -19.64
C ILE A 31 -0.17 1.47 -20.39
N SER A 32 -1.21 0.98 -19.78
CA SER A 32 -2.57 1.12 -20.28
C SER A 32 -3.60 1.02 -19.15
N LYS A 33 -3.27 0.24 -18.11
CA LYS A 33 -4.12 0.13 -16.93
C LYS A 33 -3.66 1.12 -15.87
N TRP A 34 -2.67 1.93 -16.23
CA TRP A 34 -2.06 2.89 -15.30
C TRP A 34 -3.12 3.77 -14.64
N ILE A 35 -3.96 4.39 -15.45
CA ILE A 35 -4.95 5.32 -14.94
C ILE A 35 -6.07 4.57 -14.22
N ASP A 36 -6.43 3.41 -14.76
CA ASP A 36 -7.47 2.58 -14.17
C ASP A 36 -7.07 2.14 -12.77
N PHE A 37 -5.79 1.84 -12.60
CA PHE A 37 -5.23 1.48 -11.30
C PHE A 37 -5.42 2.61 -10.30
N SER A 38 -5.03 3.83 -10.69
CA SER A 38 -5.19 4.98 -9.82
C SER A 38 -6.66 5.25 -9.51
N ASN A 39 -7.55 4.84 -10.41
CA ASN A 39 -8.99 4.95 -10.18
C ASN A 39 -9.40 4.05 -9.02
N VAL A 40 -8.98 2.79 -9.10
CA VAL A 40 -9.29 1.81 -8.06
C VAL A 40 -8.66 2.22 -6.73
N LEU A 41 -7.42 2.70 -6.79
CA LEU A 41 -6.71 3.13 -5.59
C LEU A 41 -7.39 4.32 -4.92
N SER A 42 -8.08 5.14 -5.69
CA SER A 42 -8.78 6.30 -5.15
C SER A 42 -10.02 5.87 -4.37
N ARG A 43 -10.39 4.60 -4.52
CA ARG A 43 -11.52 4.05 -3.78
C ARG A 43 -11.02 3.08 -2.71
N LEU A 44 -9.71 2.98 -2.58
CA LEU A 44 -9.11 2.08 -1.61
C LEU A 44 -8.67 2.83 -0.37
N TYR A 45 -9.26 2.44 0.75
CA TYR A 45 -8.84 2.92 2.05
C TYR A 45 -8.39 1.75 2.87
N VAL A 46 -7.08 1.58 2.97
CA VAL A 46 -6.51 0.38 3.58
C VAL A 46 -6.29 0.60 5.07
N GLY A 47 -5.72 -0.38 5.74
CA GLY A 47 -5.45 -0.26 7.14
C GLY A 47 -4.54 -1.36 7.65
N VAL A 48 -4.42 -1.46 8.97
CA VAL A 48 -3.55 -2.43 9.62
C VAL A 48 -2.07 -2.09 9.38
N PRO A 49 -1.43 -1.49 10.39
CA PRO A 49 0.01 -1.17 10.32
C PRO A 49 0.85 -2.42 10.10
N THR A 50 1.41 -2.52 8.90
CA THR A 50 2.18 -3.70 8.50
C THR A 50 3.67 -3.40 8.40
N LYS A 51 4.40 -4.29 7.76
CA LYS A 51 5.83 -4.14 7.57
C LYS A 51 6.19 -4.31 6.09
N SER A 52 7.42 -3.99 5.73
CA SER A 52 7.84 -4.04 4.33
C SER A 52 7.67 -5.44 3.73
N GLY A 53 7.15 -5.48 2.51
CA GLY A 53 6.97 -6.75 1.84
C GLY A 53 5.63 -7.36 2.15
N ASN A 54 4.68 -6.53 2.53
CA ASN A 54 3.33 -7.00 2.84
C ASN A 54 2.43 -6.81 1.64
N VAL A 55 1.70 -7.85 1.26
CA VAL A 55 0.75 -7.74 0.17
C VAL A 55 -0.56 -7.15 0.67
N VAL A 56 -0.82 -5.90 0.27
CA VAL A 56 -2.05 -5.23 0.66
C VAL A 56 -3.19 -5.69 -0.23
N CYS A 57 -3.01 -5.50 -1.53
CA CYS A 57 -4.02 -5.87 -2.51
C CYS A 57 -3.50 -6.98 -3.41
N LYS A 58 -3.80 -8.22 -3.03
CA LYS A 58 -3.40 -9.37 -3.83
C LYS A 58 -4.34 -9.54 -5.01
N ASN A 59 -3.79 -9.35 -6.21
CA ASN A 59 -4.57 -9.28 -7.44
C ASN A 59 -5.47 -8.04 -7.41
N ILE A 60 -4.87 -6.90 -7.71
CA ILE A 60 -5.60 -5.64 -7.74
C ILE A 60 -6.53 -5.60 -8.94
N MET A 61 -7.82 -5.41 -8.67
CA MET A 61 -8.85 -5.29 -9.70
C MET A 61 -9.05 -6.62 -10.42
N ASN A 62 -8.12 -6.95 -11.31
CA ASN A 62 -8.12 -8.20 -12.05
C ASN A 62 -6.88 -8.23 -12.93
N THR A 63 -5.75 -8.60 -12.36
CA THR A 63 -4.47 -8.45 -13.03
C THR A 63 -3.54 -9.62 -12.77
N GLY A 64 -3.48 -10.05 -11.53
CA GLY A 64 -2.49 -11.02 -11.12
C GLY A 64 -1.29 -10.32 -10.49
N VAL A 65 -1.43 -9.02 -10.27
CA VAL A 65 -0.40 -8.23 -9.61
C VAL A 65 -0.72 -8.05 -8.14
N ASP A 66 0.26 -8.31 -7.30
CA ASP A 66 0.10 -8.15 -5.87
C ASP A 66 0.64 -6.78 -5.45
N ILE A 67 -0.25 -5.94 -4.95
CA ILE A 67 0.15 -4.61 -4.52
C ILE A 67 0.74 -4.67 -3.13
N ILE A 68 2.05 -4.66 -3.07
CA ILE A 68 2.76 -4.78 -1.81
C ILE A 68 3.15 -3.41 -1.28
N CYS A 69 3.13 -3.30 0.04
CA CYS A 69 3.63 -2.11 0.69
C CYS A 69 5.02 -2.37 1.22
N THR A 70 5.87 -1.36 1.14
CA THR A 70 7.26 -1.52 1.52
C THR A 70 7.59 -0.63 2.72
N LYS A 71 6.56 -0.02 3.29
CA LYS A 71 6.76 0.84 4.46
C LYS A 71 6.47 0.04 5.73
N ASN A 72 7.24 0.30 6.76
CA ASN A 72 7.02 -0.34 8.05
C ASN A 72 6.16 0.57 8.90
N LEU A 73 4.93 0.16 9.17
CA LEU A 73 4.01 0.97 9.95
C LEU A 73 3.96 0.47 11.39
N PRO A 74 4.30 1.31 12.36
CA PRO A 74 4.21 0.98 13.77
C PRO A 74 2.81 1.26 14.32
N LYS A 75 2.48 0.61 15.44
CA LYS A 75 1.19 0.81 16.08
C LYS A 75 1.36 1.77 17.25
N ASP A 76 2.22 1.37 18.17
CA ASP A 76 2.58 2.18 19.33
C ASP A 76 3.96 1.79 19.80
N SER A 77 4.40 2.42 20.89
CA SER A 77 5.71 2.13 21.46
C SER A 77 5.72 0.76 22.14
N LEU A 78 4.55 0.33 22.61
CA LEU A 78 4.44 -0.95 23.31
C LEU A 78 3.20 -1.70 22.84
N GLU A 79 3.36 -3.01 22.66
CA GLU A 79 2.26 -3.87 22.22
C GLU A 79 2.02 -4.99 23.23
N HIS A 80 2.78 -4.96 24.31
CA HIS A 80 2.78 -6.05 25.27
C HIS A 80 1.82 -5.82 26.42
N HIS A 81 1.17 -6.90 26.83
CA HIS A 81 0.30 -6.88 28.00
C HIS A 81 0.73 -7.99 28.95
N HIS A 82 0.87 -7.66 30.23
CA HIS A 82 1.32 -8.62 31.22
C HIS A 82 0.30 -9.73 31.40
N HIS A 83 -0.97 -9.35 31.41
CA HIS A 83 -2.04 -10.33 31.50
C HIS A 83 -2.82 -10.34 30.20
N HIS A 84 -2.49 -11.30 29.34
CA HIS A 84 -3.12 -11.41 28.04
C HIS A 84 -4.50 -12.03 28.14
N HIS A 85 -5.34 -11.77 27.14
CA HIS A 85 -6.71 -12.26 27.09
C HIS A 85 -7.55 -11.65 28.21
N MET A 1 8.80 2.00 -22.23
CA MET A 1 9.12 0.87 -23.14
C MET A 1 7.85 0.09 -23.43
N HIS A 2 7.31 -0.57 -22.39
CA HIS A 2 6.05 -1.29 -22.49
C HIS A 2 5.39 -1.36 -21.13
N LYS A 3 6.03 -2.08 -20.22
CA LYS A 3 5.51 -2.22 -18.86
C LYS A 3 6.56 -1.78 -17.86
N ASP A 4 6.12 -1.11 -16.81
CA ASP A 4 7.03 -0.60 -15.78
C ASP A 4 6.41 -0.79 -14.41
N ILE A 5 7.25 -0.88 -13.38
CA ILE A 5 6.78 -1.04 -12.02
C ILE A 5 6.00 0.20 -11.55
N PHE A 6 4.71 0.01 -11.31
CA PHE A 6 3.87 1.09 -10.83
C PHE A 6 4.06 1.27 -9.32
N THR A 7 4.07 2.52 -8.89
CA THR A 7 4.21 2.85 -7.48
C THR A 7 3.51 4.18 -7.17
N SER A 8 2.73 4.19 -6.10
CA SER A 8 1.99 5.38 -5.70
C SER A 8 1.83 5.39 -4.19
N VAL A 9 1.06 6.33 -3.68
CA VAL A 9 0.80 6.41 -2.24
C VAL A 9 -0.70 6.41 -1.97
N VAL A 10 -1.11 5.66 -0.95
CA VAL A 10 -2.52 5.59 -0.58
C VAL A 10 -2.69 6.10 0.84
N ARG A 11 -3.86 6.68 1.11
CA ARG A 11 -4.15 7.24 2.42
C ARG A 11 -4.61 6.16 3.38
N VAL A 12 -3.82 5.97 4.42
CA VAL A 12 -4.10 4.95 5.42
C VAL A 12 -4.99 5.53 6.51
N ARG A 13 -5.97 4.75 6.93
CA ARG A 13 -6.91 5.18 7.94
C ARG A 13 -6.51 4.62 9.31
N GLY A 14 -6.85 5.34 10.36
CA GLY A 14 -6.57 4.88 11.70
C GLY A 14 -5.70 5.84 12.48
N SER A 15 -5.57 5.60 13.78
CA SER A 15 -4.81 6.46 14.68
C SER A 15 -3.35 6.01 14.80
N LYS A 16 -2.86 5.35 13.76
CA LYS A 16 -1.47 4.90 13.69
C LYS A 16 -0.54 6.10 13.50
N LYS A 17 0.77 5.87 13.56
CA LYS A 17 1.74 6.96 13.55
C LYS A 17 2.11 7.40 12.13
N TYR A 18 1.20 7.19 11.20
CA TYR A 18 1.39 7.63 9.82
C TYR A 18 0.07 8.06 9.21
N ASN A 19 0.11 8.49 7.96
CA ASN A 19 -1.09 8.91 7.26
C ASN A 19 -1.19 8.27 5.88
N VAL A 20 -0.06 8.06 5.24
CA VAL A 20 -0.03 7.46 3.91
C VAL A 20 1.05 6.38 3.81
N VAL A 21 0.80 5.39 2.98
CA VAL A 21 1.80 4.36 2.69
C VAL A 21 2.03 4.23 1.19
N PRO A 22 3.31 4.18 0.76
CA PRO A 22 3.66 3.94 -0.64
C PRO A 22 3.42 2.49 -1.04
N VAL A 23 2.57 2.29 -2.03
CA VAL A 23 2.25 0.97 -2.53
C VAL A 23 2.91 0.76 -3.89
N LYS A 24 3.42 -0.44 -4.11
CA LYS A 24 4.06 -0.76 -5.37
C LYS A 24 3.49 -2.04 -5.96
N SER A 25 3.84 -2.30 -7.21
CA SER A 25 3.45 -3.52 -7.87
C SER A 25 4.69 -4.39 -8.03
N ASN A 26 4.59 -5.66 -7.65
CA ASN A 26 5.78 -6.51 -7.62
C ASN A 26 6.09 -7.03 -9.02
N LYS A 27 5.16 -6.81 -9.94
CA LYS A 27 5.34 -7.18 -11.33
C LYS A 27 4.98 -6.00 -12.22
N PRO A 28 5.70 -5.83 -13.35
CA PRO A 28 5.55 -4.66 -14.23
C PRO A 28 4.12 -4.43 -14.71
N VAL A 29 3.73 -3.17 -14.70
CA VAL A 29 2.38 -2.76 -15.06
C VAL A 29 2.36 -2.11 -16.43
N GLU A 30 1.30 -2.35 -17.18
CA GLU A 30 1.13 -1.76 -18.50
C GLU A 30 0.87 -0.26 -18.34
N ILE A 31 1.48 0.54 -19.22
CA ILE A 31 1.50 1.99 -19.06
C ILE A 31 0.18 2.67 -19.41
N SER A 32 -0.88 1.88 -19.55
CA SER A 32 -2.22 2.43 -19.70
C SER A 32 -3.19 1.79 -18.71
N LYS A 33 -2.69 0.82 -17.95
CA LYS A 33 -3.53 0.07 -17.03
C LYS A 33 -3.39 0.60 -15.61
N TRP A 34 -2.34 1.39 -15.37
CA TRP A 34 -2.11 1.98 -14.04
C TRP A 34 -3.22 2.96 -13.70
N ILE A 35 -3.92 3.45 -14.72
CA ILE A 35 -5.04 4.35 -14.54
C ILE A 35 -6.15 3.63 -13.76
N ASP A 36 -6.43 2.39 -14.14
CA ASP A 36 -7.41 1.57 -13.45
C ASP A 36 -7.01 1.41 -11.99
N PHE A 37 -5.76 1.04 -11.77
CA PHE A 37 -5.26 0.74 -10.44
C PHE A 37 -5.30 1.96 -9.53
N SER A 38 -4.90 3.12 -10.04
CA SER A 38 -4.89 4.34 -9.24
C SER A 38 -6.31 4.71 -8.79
N ASN A 39 -7.28 4.48 -9.67
CA ASN A 39 -8.68 4.74 -9.32
C ASN A 39 -9.17 3.78 -8.24
N VAL A 40 -8.68 2.54 -8.29
CA VAL A 40 -9.00 1.56 -7.27
C VAL A 40 -8.33 1.93 -5.95
N LEU A 41 -7.06 2.34 -6.04
CA LEU A 41 -6.28 2.72 -4.85
C LEU A 41 -6.92 3.92 -4.15
N SER A 42 -7.67 4.71 -4.90
CA SER A 42 -8.38 5.86 -4.34
C SER A 42 -9.44 5.42 -3.33
N ARG A 43 -9.83 4.15 -3.39
CA ARG A 43 -10.82 3.60 -2.49
C ARG A 43 -10.17 2.73 -1.42
N LEU A 44 -8.86 2.59 -1.50
CA LEU A 44 -8.13 1.64 -0.66
C LEU A 44 -7.81 2.24 0.71
N TYR A 45 -8.83 2.74 1.38
CA TYR A 45 -8.68 3.29 2.72
C TYR A 45 -8.61 2.17 3.75
N VAL A 46 -7.46 1.53 3.82
CA VAL A 46 -7.22 0.47 4.78
C VAL A 46 -6.74 1.06 6.10
N GLY A 47 -7.06 0.41 7.20
CA GLY A 47 -6.70 0.93 8.49
C GLY A 47 -5.79 0.00 9.26
N VAL A 48 -4.76 -0.46 8.60
CA VAL A 48 -3.82 -1.39 9.19
C VAL A 48 -2.38 -0.93 8.96
N PRO A 49 -1.67 -0.59 10.05
CA PRO A 49 -0.23 -0.31 9.99
C PRO A 49 0.54 -1.55 9.54
N THR A 50 0.97 -1.55 8.29
CA THR A 50 1.61 -2.70 7.70
C THR A 50 3.13 -2.63 7.77
N LYS A 51 3.78 -3.71 7.37
CA LYS A 51 5.23 -3.76 7.27
C LYS A 51 5.66 -3.50 5.83
N SER A 52 6.72 -4.13 5.42
CA SER A 52 7.10 -4.11 4.00
C SER A 52 6.73 -5.43 3.33
N GLY A 53 6.07 -5.33 2.18
CA GLY A 53 5.76 -6.53 1.40
C GLY A 53 4.41 -7.11 1.75
N ASN A 54 3.51 -6.27 2.23
CA ASN A 54 2.16 -6.72 2.58
C ASN A 54 1.28 -6.66 1.35
N VAL A 55 0.86 -7.82 0.87
CA VAL A 55 0.00 -7.86 -0.29
C VAL A 55 -1.41 -7.41 0.10
N VAL A 56 -1.76 -6.21 -0.32
CA VAL A 56 -3.09 -5.67 -0.03
C VAL A 56 -4.10 -6.27 -1.00
N CYS A 57 -3.74 -6.27 -2.27
CA CYS A 57 -4.60 -6.83 -3.31
C CYS A 57 -3.82 -7.79 -4.19
N LYS A 58 -4.11 -9.08 -4.07
CA LYS A 58 -3.48 -10.08 -4.93
C LYS A 58 -4.23 -10.20 -6.24
N ASN A 59 -3.50 -10.14 -7.35
CA ASN A 59 -4.08 -10.14 -8.69
C ASN A 59 -5.13 -9.05 -8.80
N ILE A 60 -4.68 -7.80 -8.78
CA ILE A 60 -5.61 -6.68 -8.74
C ILE A 60 -6.20 -6.41 -10.12
N MET A 61 -7.54 -6.39 -10.19
CA MET A 61 -8.28 -6.10 -11.42
C MET A 61 -8.04 -7.15 -12.50
N ASN A 62 -7.56 -8.33 -12.09
CA ASN A 62 -7.32 -9.44 -13.01
C ASN A 62 -6.21 -9.12 -14.01
N THR A 63 -5.01 -9.58 -13.72
CA THR A 63 -3.87 -9.39 -14.60
C THR A 63 -2.67 -10.21 -14.13
N GLY A 64 -2.52 -10.34 -12.82
CA GLY A 64 -1.45 -11.13 -12.27
C GLY A 64 -0.62 -10.39 -11.24
N VAL A 65 -0.72 -9.07 -11.22
CA VAL A 65 0.09 -8.28 -10.30
C VAL A 65 -0.53 -8.20 -8.92
N ASP A 66 0.34 -8.24 -7.91
CA ASP A 66 -0.08 -8.09 -6.53
C ASP A 66 0.38 -6.73 -6.04
N ILE A 67 -0.51 -5.98 -5.41
CA ILE A 67 -0.18 -4.67 -4.90
C ILE A 67 0.30 -4.77 -3.46
N ILE A 68 1.57 -4.47 -3.26
CA ILE A 68 2.18 -4.61 -1.95
C ILE A 68 2.63 -3.27 -1.41
N CYS A 69 2.33 -3.02 -0.16
CA CYS A 69 2.85 -1.83 0.52
C CYS A 69 4.21 -2.17 1.13
N THR A 70 5.17 -1.28 0.93
CA THR A 70 6.57 -1.60 1.25
C THR A 70 7.15 -0.66 2.31
N LYS A 71 6.27 0.02 3.04
CA LYS A 71 6.72 0.88 4.12
C LYS A 71 6.18 0.37 5.45
N ASN A 72 7.06 0.26 6.43
CA ASN A 72 6.67 -0.29 7.72
C ASN A 72 6.03 0.80 8.57
N LEU A 73 4.74 0.70 8.80
CA LEU A 73 4.04 1.69 9.63
C LEU A 73 4.06 1.27 11.09
N PRO A 74 4.41 2.20 11.99
CA PRO A 74 4.32 1.97 13.43
C PRO A 74 2.87 1.80 13.87
N LYS A 75 2.61 0.71 14.58
CA LYS A 75 1.26 0.38 15.03
C LYS A 75 0.66 1.46 15.92
N ASP A 76 -0.66 1.50 15.96
CA ASP A 76 -1.38 2.38 16.85
C ASP A 76 -1.38 1.80 18.26
N SER A 77 -1.92 2.54 19.21
CA SER A 77 -1.99 2.06 20.57
C SER A 77 -3.44 1.92 21.02
N LEU A 78 -3.76 0.80 21.65
CA LEU A 78 -5.10 0.59 22.18
C LEU A 78 -5.30 1.37 23.46
N GLU A 79 -5.64 2.64 23.31
CA GLU A 79 -5.90 3.50 24.45
C GLU A 79 -7.35 3.96 24.42
N HIS A 80 -7.72 4.63 23.32
CA HIS A 80 -9.10 5.04 23.07
C HIS A 80 -9.66 5.85 24.23
N HIS A 81 -9.47 7.16 24.17
CA HIS A 81 -9.87 8.04 25.26
C HIS A 81 -11.38 8.10 25.41
N HIS A 82 -11.91 7.35 26.37
CA HIS A 82 -13.32 7.41 26.71
C HIS A 82 -13.53 6.88 28.12
N HIS A 83 -13.31 5.59 28.31
CA HIS A 83 -13.34 4.99 29.65
C HIS A 83 -12.64 3.65 29.66
N HIS A 84 -12.22 3.22 30.85
CA HIS A 84 -11.59 1.91 31.06
C HIS A 84 -10.36 1.73 30.18
N HIS A 85 -9.25 2.32 30.59
CA HIS A 85 -7.99 2.12 29.92
C HIS A 85 -7.00 1.45 30.88
N MET A 1 7.62 5.79 -22.74
CA MET A 1 6.71 4.62 -22.59
C MET A 1 7.52 3.36 -22.28
N HIS A 2 7.40 2.88 -21.05
CA HIS A 2 8.10 1.69 -20.61
C HIS A 2 7.28 0.98 -19.54
N LYS A 3 7.22 -0.34 -19.60
CA LYS A 3 6.49 -1.10 -18.59
C LYS A 3 7.29 -1.16 -17.30
N ASP A 4 6.74 -0.55 -16.27
CA ASP A 4 7.45 -0.39 -15.01
C ASP A 4 6.64 -0.91 -13.84
N ILE A 5 7.22 -0.81 -12.66
CA ILE A 5 6.56 -1.22 -11.44
C ILE A 5 5.58 -0.14 -10.99
N PHE A 6 4.31 -0.49 -10.97
CA PHE A 6 3.28 0.41 -10.46
C PHE A 6 3.57 0.75 -9.00
N THR A 7 3.58 2.03 -8.69
CA THR A 7 3.74 2.48 -7.32
C THR A 7 3.09 3.86 -7.15
N SER A 8 2.35 4.02 -6.07
CA SER A 8 1.66 5.27 -5.80
C SER A 8 1.46 5.44 -4.30
N VAL A 9 1.03 6.63 -3.90
CA VAL A 9 0.84 6.94 -2.49
C VAL A 9 -0.65 7.18 -2.24
N VAL A 10 -1.24 6.36 -1.38
CA VAL A 10 -2.66 6.45 -1.11
C VAL A 10 -2.92 6.78 0.35
N ARG A 11 -4.19 7.02 0.67
CA ARG A 11 -4.60 7.31 2.03
C ARG A 11 -4.55 6.06 2.89
N VAL A 12 -3.84 6.15 4.02
CA VAL A 12 -3.68 5.01 4.91
C VAL A 12 -4.57 5.15 6.15
N ARG A 13 -5.32 4.10 6.43
CA ARG A 13 -6.28 4.09 7.53
C ARG A 13 -5.74 3.27 8.70
N GLY A 14 -6.01 3.73 9.92
CA GLY A 14 -5.60 3.01 11.10
C GLY A 14 -4.79 3.88 12.03
N SER A 15 -4.57 3.40 13.25
CA SER A 15 -3.77 4.15 14.21
C SER A 15 -2.28 3.89 13.99
N LYS A 16 -1.62 4.85 13.37
CA LYS A 16 -0.19 4.77 13.06
C LYS A 16 0.37 6.18 12.84
N LYS A 17 1.63 6.26 12.45
CA LYS A 17 2.30 7.55 12.31
C LYS A 17 2.22 8.11 10.89
N TYR A 18 1.60 7.39 9.97
CA TYR A 18 1.52 7.85 8.59
C TYR A 18 0.11 8.26 8.20
N ASN A 19 0.00 9.29 7.39
CA ASN A 19 -1.28 9.73 6.87
C ASN A 19 -1.41 9.31 5.41
N VAL A 20 -0.29 8.84 4.86
CA VAL A 20 -0.22 8.40 3.47
C VAL A 20 0.70 7.18 3.39
N VAL A 21 0.41 6.28 2.46
CA VAL A 21 1.21 5.06 2.31
C VAL A 21 1.55 4.78 0.85
N PRO A 22 2.85 4.61 0.56
CA PRO A 22 3.34 4.21 -0.76
C PRO A 22 3.15 2.72 -1.01
N VAL A 23 2.29 2.39 -1.96
CA VAL A 23 2.06 1.01 -2.35
C VAL A 23 2.74 0.76 -3.70
N LYS A 24 2.97 -0.51 -4.03
CA LYS A 24 3.58 -0.85 -5.29
C LYS A 24 3.18 -2.24 -5.76
N SER A 25 3.68 -2.63 -6.91
CA SER A 25 3.47 -3.96 -7.45
C SER A 25 4.78 -4.73 -7.38
N ASN A 26 4.70 -6.03 -7.17
CA ASN A 26 5.91 -6.85 -7.20
C ASN A 26 6.12 -7.38 -8.62
N LYS A 27 5.17 -7.06 -9.48
CA LYS A 27 5.18 -7.53 -10.85
C LYS A 27 5.01 -6.35 -11.80
N PRO A 28 5.87 -6.25 -12.82
CA PRO A 28 5.84 -5.15 -13.79
C PRO A 28 4.50 -5.05 -14.51
N VAL A 29 3.95 -3.84 -14.56
CA VAL A 29 2.67 -3.61 -15.20
C VAL A 29 2.80 -2.68 -16.39
N GLU A 30 1.68 -2.38 -17.03
CA GLU A 30 1.66 -1.45 -18.14
C GLU A 30 1.23 -0.07 -17.62
N ILE A 31 1.92 0.98 -18.04
CA ILE A 31 1.78 2.29 -17.43
C ILE A 31 0.51 3.02 -17.88
N SER A 32 -0.07 2.59 -19.00
CA SER A 32 -1.30 3.22 -19.47
C SER A 32 -2.48 2.81 -18.57
N LYS A 33 -2.28 1.74 -17.80
CA LYS A 33 -3.32 1.28 -16.88
C LYS A 33 -3.13 1.87 -15.49
N TRP A 34 -2.10 2.71 -15.34
CA TRP A 34 -1.80 3.36 -14.06
C TRP A 34 -3.04 4.10 -13.53
N ILE A 35 -3.72 4.78 -14.43
CA ILE A 35 -4.90 5.57 -14.08
C ILE A 35 -5.99 4.68 -13.50
N ASP A 36 -6.22 3.54 -14.13
CA ASP A 36 -7.30 2.65 -13.75
C ASP A 36 -7.02 2.03 -12.38
N PHE A 37 -5.78 1.61 -12.17
CA PHE A 37 -5.35 1.07 -10.88
C PHE A 37 -5.48 2.11 -9.78
N SER A 38 -5.06 3.33 -10.08
CA SER A 38 -5.09 4.42 -9.10
C SER A 38 -6.51 4.73 -8.66
N ASN A 39 -7.45 4.64 -9.59
CA ASN A 39 -8.86 4.89 -9.28
C ASN A 39 -9.41 3.81 -8.36
N VAL A 40 -8.95 2.57 -8.55
CA VAL A 40 -9.33 1.48 -7.66
C VAL A 40 -8.74 1.71 -6.28
N LEU A 41 -7.50 2.17 -6.24
CA LEU A 41 -6.81 2.46 -4.98
C LEU A 41 -7.52 3.56 -4.21
N SER A 42 -8.01 4.58 -4.92
CA SER A 42 -8.68 5.71 -4.30
C SER A 42 -10.00 5.28 -3.67
N ARG A 43 -10.44 4.07 -4.03
CA ARG A 43 -11.67 3.49 -3.49
C ARG A 43 -11.34 2.58 -2.31
N LEU A 44 -10.06 2.33 -2.10
CA LEU A 44 -9.62 1.43 -1.05
C LEU A 44 -8.85 2.17 0.04
N TYR A 45 -9.20 1.90 1.28
CA TYR A 45 -8.47 2.43 2.41
C TYR A 45 -7.64 1.34 3.06
N VAL A 46 -6.36 1.35 2.79
CA VAL A 46 -5.46 0.34 3.30
C VAL A 46 -4.72 0.85 4.53
N GLY A 47 -4.22 -0.05 5.36
CA GLY A 47 -3.53 0.36 6.55
C GLY A 47 -3.18 -0.79 7.46
N VAL A 48 -3.14 -0.52 8.76
CA VAL A 48 -2.73 -1.49 9.78
C VAL A 48 -1.22 -1.73 9.72
N PRO A 49 -0.53 -1.57 10.88
CA PRO A 49 0.91 -1.80 10.99
C PRO A 49 1.38 -3.07 10.27
N THR A 50 2.12 -2.87 9.19
CA THR A 50 2.60 -3.97 8.36
C THR A 50 4.05 -3.71 7.92
N LYS A 51 4.68 -4.72 7.35
CA LYS A 51 6.07 -4.60 6.91
C LYS A 51 6.15 -4.25 5.42
N SER A 52 7.35 -3.98 4.94
CA SER A 52 7.58 -3.73 3.54
C SER A 52 7.35 -5.00 2.72
N GLY A 53 6.40 -4.94 1.81
CA GLY A 53 6.06 -6.10 1.01
C GLY A 53 4.81 -6.77 1.51
N ASN A 54 3.91 -5.99 2.07
CA ASN A 54 2.63 -6.52 2.57
C ASN A 54 1.60 -6.48 1.46
N VAL A 55 0.90 -7.59 1.26
CA VAL A 55 -0.05 -7.73 0.17
C VAL A 55 -1.41 -7.18 0.57
N VAL A 56 -1.94 -6.28 -0.24
CA VAL A 56 -3.27 -5.75 -0.03
C VAL A 56 -4.29 -6.53 -0.85
N CYS A 57 -4.32 -6.27 -2.14
CA CYS A 57 -5.22 -6.94 -3.04
C CYS A 57 -4.45 -7.79 -4.03
N LYS A 58 -4.36 -9.08 -3.75
CA LYS A 58 -3.71 -10.01 -4.66
C LYS A 58 -4.68 -10.35 -5.78
N ASN A 59 -4.21 -10.21 -7.03
CA ASN A 59 -5.05 -10.45 -8.21
C ASN A 59 -6.19 -9.42 -8.22
N ILE A 60 -5.83 -8.17 -7.90
CA ILE A 60 -6.80 -7.09 -7.71
C ILE A 60 -7.73 -6.93 -8.90
N MET A 61 -7.16 -6.84 -10.09
CA MET A 61 -7.95 -6.66 -11.30
C MET A 61 -7.81 -7.89 -12.19
N ASN A 62 -7.63 -9.04 -11.56
CA ASN A 62 -7.46 -10.32 -12.28
C ASN A 62 -6.20 -10.29 -13.13
N THR A 63 -5.27 -9.43 -12.73
CA THR A 63 -4.05 -9.18 -13.50
C THR A 63 -2.95 -10.18 -13.15
N GLY A 64 -3.06 -10.78 -11.98
CA GLY A 64 -2.01 -11.65 -11.49
C GLY A 64 -0.97 -10.87 -10.71
N VAL A 65 -1.21 -9.58 -10.54
CA VAL A 65 -0.33 -8.72 -9.77
C VAL A 65 -0.76 -8.70 -8.30
N ASP A 66 0.21 -8.92 -7.42
CA ASP A 66 -0.01 -8.81 -6.00
C ASP A 66 0.43 -7.42 -5.55
N ILE A 67 -0.54 -6.57 -5.22
CA ILE A 67 -0.25 -5.21 -4.78
C ILE A 67 0.27 -5.21 -3.36
N ILE A 68 1.48 -4.71 -3.18
CA ILE A 68 2.14 -4.73 -1.88
C ILE A 68 2.61 -3.34 -1.47
N CYS A 69 2.40 -3.00 -0.22
CA CYS A 69 2.90 -1.74 0.32
C CYS A 69 4.33 -1.95 0.79
N THR A 70 5.23 -1.06 0.43
CA THR A 70 6.63 -1.21 0.76
C THR A 70 7.02 -0.32 1.93
N LYS A 71 6.02 0.33 2.51
CA LYS A 71 6.22 1.17 3.67
C LYS A 71 5.90 0.39 4.94
N ASN A 72 6.76 0.51 5.94
CA ASN A 72 6.51 -0.11 7.22
C ASN A 72 5.69 0.84 8.08
N LEU A 73 4.57 0.35 8.60
CA LEU A 73 3.68 1.20 9.38
C LEU A 73 3.97 1.08 10.87
N PRO A 74 4.54 2.13 11.48
CA PRO A 74 4.86 2.15 12.89
C PRO A 74 3.70 2.67 13.75
N LYS A 75 3.48 2.02 14.88
CA LYS A 75 2.44 2.41 15.81
C LYS A 75 3.09 2.81 17.14
N ASP A 76 2.40 3.63 17.92
CA ASP A 76 2.92 4.08 19.22
C ASP A 76 3.29 2.90 20.09
N SER A 77 4.58 2.68 20.27
CA SER A 77 5.07 1.55 21.04
C SER A 77 6.04 2.01 22.12
N LEU A 78 5.52 2.20 23.33
CA LEU A 78 6.30 2.55 24.50
C LEU A 78 6.97 3.93 24.39
N GLU A 79 6.51 4.86 25.22
CA GLU A 79 7.11 6.20 25.30
C GLU A 79 8.43 6.15 26.07
N HIS A 80 9.35 5.31 25.61
CA HIS A 80 10.70 5.26 26.16
C HIS A 80 11.68 5.70 25.09
N HIS A 81 11.45 5.23 23.86
CA HIS A 81 12.24 5.62 22.69
C HIS A 81 13.68 5.13 22.79
N HIS A 82 14.39 5.21 21.67
CA HIS A 82 15.82 4.94 21.64
C HIS A 82 16.44 5.72 20.49
N HIS A 83 17.05 6.85 20.82
CA HIS A 83 17.68 7.70 19.82
C HIS A 83 19.15 7.87 20.12
N HIS A 84 19.98 7.28 19.27
CA HIS A 84 21.43 7.40 19.45
C HIS A 84 22.10 7.72 18.12
N HIS A 85 22.21 9.00 17.83
CA HIS A 85 22.89 9.47 16.64
C HIS A 85 23.23 10.94 16.77
N MET A 1 2.96 -1.36 -23.68
CA MET A 1 4.27 -0.99 -24.28
C MET A 1 5.14 -0.29 -23.23
N HIS A 2 6.34 -0.84 -23.02
CA HIS A 2 7.26 -0.35 -21.99
C HIS A 2 6.57 -0.28 -20.63
N LYS A 3 6.48 -1.43 -19.97
CA LYS A 3 5.80 -1.52 -18.70
C LYS A 3 6.63 -0.91 -17.58
N ASP A 4 5.97 -0.58 -16.48
CA ASP A 4 6.64 0.04 -15.35
C ASP A 4 6.13 -0.57 -14.06
N ILE A 5 6.96 -0.58 -13.04
CA ILE A 5 6.54 -1.05 -11.73
C ILE A 5 5.60 -0.02 -11.11
N PHE A 6 4.33 -0.38 -11.03
CA PHE A 6 3.31 0.52 -10.52
C PHE A 6 3.63 0.93 -9.10
N THR A 7 4.20 2.11 -8.94
CA THR A 7 4.50 2.65 -7.64
C THR A 7 3.62 3.87 -7.40
N SER A 8 2.82 3.82 -6.35
CA SER A 8 1.85 4.87 -6.07
C SER A 8 1.56 4.95 -4.58
N VAL A 9 0.43 5.54 -4.23
CA VAL A 9 0.02 5.67 -2.84
C VAL A 9 -1.40 5.16 -2.66
N VAL A 10 -1.63 4.44 -1.57
CA VAL A 10 -2.97 4.01 -1.21
C VAL A 10 -3.42 4.79 0.02
N ARG A 11 -4.70 5.13 0.08
CA ARG A 11 -5.22 5.89 1.20
C ARG A 11 -5.48 4.99 2.38
N VAL A 12 -5.04 5.44 3.54
CA VAL A 12 -4.98 4.62 4.73
C VAL A 12 -5.92 5.16 5.81
N ARG A 13 -6.43 4.27 6.65
CA ARG A 13 -7.24 4.70 7.77
C ARG A 13 -6.42 4.56 9.06
N GLY A 14 -6.66 5.46 9.99
CA GLY A 14 -5.91 5.51 11.23
C GLY A 14 -6.21 4.38 12.20
N SER A 15 -5.89 3.17 11.79
CA SER A 15 -5.81 2.04 12.71
C SER A 15 -4.41 2.04 13.31
N LYS A 16 -3.67 3.07 12.93
CA LYS A 16 -2.33 3.32 13.35
C LYS A 16 -2.02 4.80 13.09
N LYS A 17 -0.82 5.26 13.37
CA LYS A 17 -0.52 6.67 13.24
C LYS A 17 0.07 7.00 11.87
N TYR A 18 -0.79 7.03 10.85
CA TYR A 18 -0.38 7.39 9.49
C TYR A 18 -1.62 7.47 8.60
N ASN A 19 -1.62 8.41 7.65
CA ASN A 19 -2.81 8.67 6.83
C ASN A 19 -2.73 7.99 5.46
N VAL A 20 -1.52 7.90 4.92
CA VAL A 20 -1.33 7.29 3.59
C VAL A 20 -0.03 6.49 3.56
N VAL A 21 0.11 5.63 2.57
CA VAL A 21 1.34 4.85 2.42
C VAL A 21 1.55 4.45 0.95
N PRO A 22 2.81 4.50 0.47
CA PRO A 22 3.14 4.15 -0.91
C PRO A 22 3.21 2.63 -1.13
N VAL A 23 2.79 2.21 -2.31
CA VAL A 23 2.78 0.80 -2.67
C VAL A 23 3.45 0.60 -4.03
N LYS A 24 3.72 -0.65 -4.38
CA LYS A 24 4.32 -0.98 -5.66
C LYS A 24 3.71 -2.24 -6.22
N SER A 25 4.08 -2.58 -7.44
CA SER A 25 3.63 -3.82 -8.05
C SER A 25 4.79 -4.81 -8.15
N ASN A 26 4.53 -6.07 -7.86
CA ASN A 26 5.56 -7.09 -7.89
C ASN A 26 6.03 -7.35 -9.33
N LYS A 27 5.12 -7.21 -10.27
CA LYS A 27 5.43 -7.40 -11.68
C LYS A 27 5.24 -6.10 -12.44
N PRO A 28 6.05 -5.86 -13.49
CA PRO A 28 5.94 -4.68 -14.33
C PRO A 28 4.60 -4.66 -15.07
N VAL A 29 3.82 -3.62 -14.83
CA VAL A 29 2.49 -3.54 -15.39
C VAL A 29 2.40 -2.41 -16.42
N GLU A 30 1.50 -2.57 -17.39
CA GLU A 30 1.25 -1.56 -18.40
C GLU A 30 0.99 -0.20 -17.77
N ILE A 31 1.68 0.82 -18.25
CA ILE A 31 1.54 2.18 -17.75
C ILE A 31 0.12 2.69 -17.93
N SER A 32 -0.62 2.05 -18.82
CA SER A 32 -2.01 2.42 -19.08
C SER A 32 -2.87 2.23 -17.84
N LYS A 33 -2.58 1.18 -17.07
CA LYS A 33 -3.39 0.87 -15.89
C LYS A 33 -2.79 1.46 -14.62
N TRP A 34 -1.80 2.32 -14.79
CA TRP A 34 -1.26 3.08 -13.68
C TRP A 34 -2.37 3.96 -13.12
N ILE A 35 -3.17 4.50 -14.02
CA ILE A 35 -4.31 5.33 -13.66
C ILE A 35 -5.41 4.48 -13.03
N ASP A 36 -5.63 3.30 -13.60
CA ASP A 36 -6.65 2.38 -13.11
C ASP A 36 -6.43 2.02 -11.65
N PHE A 37 -5.24 1.52 -11.34
CA PHE A 37 -4.94 1.03 -10.01
C PHE A 37 -4.92 2.17 -8.99
N SER A 38 -4.40 3.32 -9.36
CA SER A 38 -4.38 4.47 -8.46
C SER A 38 -5.80 5.00 -8.24
N ASN A 39 -6.64 4.85 -9.27
CA ASN A 39 -8.05 5.21 -9.20
C ASN A 39 -8.75 4.34 -8.15
N VAL A 40 -8.28 3.11 -8.02
CA VAL A 40 -8.82 2.19 -7.03
C VAL A 40 -8.25 2.48 -5.64
N LEU A 41 -6.93 2.67 -5.58
CA LEU A 41 -6.24 2.89 -4.30
C LEU A 41 -6.70 4.16 -3.60
N SER A 42 -7.21 5.12 -4.36
CA SER A 42 -7.68 6.36 -3.80
C SER A 42 -9.09 6.20 -3.21
N ARG A 43 -9.78 5.16 -3.65
CA ARG A 43 -11.11 4.85 -3.13
C ARG A 43 -11.00 3.76 -2.07
N LEU A 44 -9.82 3.15 -1.99
CA LEU A 44 -9.56 2.10 -1.02
C LEU A 44 -9.05 2.70 0.27
N TYR A 45 -9.49 2.15 1.39
CA TYR A 45 -9.04 2.60 2.70
C TYR A 45 -8.60 1.42 3.55
N VAL A 46 -7.28 1.24 3.66
CA VAL A 46 -6.73 0.18 4.48
C VAL A 46 -6.06 0.77 5.72
N GLY A 47 -6.20 0.10 6.86
CA GLY A 47 -5.66 0.62 8.09
C GLY A 47 -4.49 -0.17 8.60
N VAL A 48 -4.17 -1.24 7.89
CA VAL A 48 -3.11 -2.17 8.31
C VAL A 48 -1.75 -1.49 8.46
N PRO A 49 -1.13 -1.64 9.64
CA PRO A 49 0.23 -1.17 9.89
C PRO A 49 1.28 -2.27 9.75
N THR A 50 1.47 -2.71 8.53
CA THR A 50 2.38 -3.80 8.24
C THR A 50 3.81 -3.32 7.97
N LYS A 51 4.70 -4.27 7.68
CA LYS A 51 6.08 -3.96 7.32
C LYS A 51 6.23 -4.04 5.79
N SER A 52 7.45 -3.92 5.31
CA SER A 52 7.70 -3.92 3.86
C SER A 52 7.36 -5.27 3.25
N GLY A 53 6.87 -5.26 2.02
CA GLY A 53 6.57 -6.47 1.31
C GLY A 53 5.25 -7.06 1.72
N ASN A 54 4.30 -6.21 2.07
CA ASN A 54 2.98 -6.66 2.48
C ASN A 54 1.98 -6.50 1.35
N VAL A 55 1.18 -7.53 1.10
CA VAL A 55 0.21 -7.48 0.03
C VAL A 55 -1.02 -6.70 0.44
N VAL A 56 -1.26 -5.58 -0.22
CA VAL A 56 -2.42 -4.75 0.04
C VAL A 56 -3.60 -5.24 -0.79
N CYS A 57 -3.37 -5.37 -2.10
CA CYS A 57 -4.41 -5.84 -3.00
C CYS A 57 -3.89 -7.02 -3.83
N LYS A 58 -4.40 -8.20 -3.56
CA LYS A 58 -3.96 -9.40 -4.26
C LYS A 58 -4.93 -9.73 -5.39
N ASN A 59 -4.40 -9.83 -6.60
CA ASN A 59 -5.20 -10.13 -7.78
C ASN A 59 -6.21 -9.00 -8.00
N ILE A 60 -5.70 -7.80 -8.19
CA ILE A 60 -6.57 -6.63 -8.29
C ILE A 60 -7.23 -6.58 -9.66
N MET A 61 -8.57 -6.55 -9.64
CA MET A 61 -9.38 -6.50 -10.86
C MET A 61 -9.22 -7.78 -11.69
N ASN A 62 -8.82 -8.85 -11.01
CA ASN A 62 -8.58 -10.16 -11.63
C ASN A 62 -7.48 -10.06 -12.68
N THR A 63 -6.25 -10.00 -12.21
CA THR A 63 -5.10 -9.84 -13.07
C THR A 63 -4.05 -10.91 -12.77
N GLY A 64 -3.81 -11.12 -11.50
CA GLY A 64 -2.75 -12.02 -11.09
C GLY A 64 -1.58 -11.26 -10.50
N VAL A 65 -1.83 -10.01 -10.14
CA VAL A 65 -0.80 -9.16 -9.58
C VAL A 65 -1.09 -8.91 -8.10
N ASP A 66 -0.06 -8.99 -7.27
CA ASP A 66 -0.20 -8.67 -5.87
C ASP A 66 0.48 -7.34 -5.57
N ILE A 67 -0.34 -6.33 -5.32
CA ILE A 67 0.16 -4.99 -5.03
C ILE A 67 0.66 -4.94 -3.60
N ILE A 68 1.95 -4.76 -3.45
CA ILE A 68 2.58 -4.80 -2.14
C ILE A 68 3.06 -3.43 -1.69
N CYS A 69 2.90 -3.16 -0.42
CA CYS A 69 3.44 -1.94 0.16
C CYS A 69 4.85 -2.20 0.65
N THR A 70 5.74 -1.23 0.49
CA THR A 70 7.12 -1.43 0.83
C THR A 70 7.54 -0.49 1.96
N LYS A 71 6.63 0.36 2.39
CA LYS A 71 6.89 1.25 3.51
C LYS A 71 6.32 0.64 4.77
N ASN A 72 6.98 0.89 5.89
CA ASN A 72 6.58 0.28 7.15
C ASN A 72 5.65 1.22 7.88
N LEU A 73 4.45 0.74 8.21
CA LEU A 73 3.44 1.57 8.83
C LEU A 73 3.66 1.72 10.34
N PRO A 74 3.72 2.97 10.84
CA PRO A 74 3.96 3.24 12.27
C PRO A 74 2.82 2.81 13.17
N LYS A 75 2.98 1.65 13.80
CA LYS A 75 2.10 1.22 14.87
C LYS A 75 2.94 0.76 16.04
N ASP A 76 3.77 -0.24 15.77
CA ASP A 76 4.66 -0.80 16.76
C ASP A 76 5.77 0.19 17.10
N SER A 77 5.60 0.87 18.23
CA SER A 77 6.55 1.88 18.67
C SER A 77 7.56 1.27 19.62
N LEU A 78 8.83 1.41 19.28
CA LEU A 78 9.90 0.77 20.06
C LEU A 78 10.32 1.63 21.25
N GLU A 79 9.80 2.85 21.32
CA GLU A 79 10.10 3.73 22.43
C GLU A 79 9.15 3.46 23.61
N HIS A 80 9.68 2.82 24.63
CA HIS A 80 8.94 2.62 25.87
C HIS A 80 8.95 3.92 26.67
N HIS A 81 7.89 4.71 26.51
CA HIS A 81 7.81 6.02 27.14
C HIS A 81 7.45 5.90 28.62
N HIS A 82 8.14 6.68 29.44
CA HIS A 82 7.95 6.65 30.88
C HIS A 82 6.76 7.49 31.31
N HIS A 83 5.73 6.81 31.78
CA HIS A 83 4.52 7.44 32.26
C HIS A 83 3.81 6.47 33.21
N HIS A 84 3.69 5.24 32.73
CA HIS A 84 3.14 4.13 33.49
C HIS A 84 3.18 2.89 32.61
N HIS A 85 2.84 3.12 31.34
CA HIS A 85 2.96 2.11 30.30
C HIS A 85 3.13 2.80 28.95
N MET A 1 8.60 0.58 -26.03
CA MET A 1 7.69 0.61 -24.87
C MET A 1 7.87 -0.62 -23.99
N HIS A 2 8.10 -0.39 -22.70
CA HIS A 2 8.19 -1.46 -21.72
C HIS A 2 7.28 -1.12 -20.55
N LYS A 3 6.82 -2.13 -19.83
CA LYS A 3 5.91 -1.91 -18.71
C LYS A 3 6.66 -1.34 -17.51
N ASP A 4 5.92 -0.62 -16.67
CA ASP A 4 6.52 0.13 -15.57
C ASP A 4 5.98 -0.36 -14.21
N ILE A 5 6.86 -0.41 -13.22
CA ILE A 5 6.46 -0.76 -11.87
C ILE A 5 5.55 0.31 -11.28
N PHE A 6 4.27 0.00 -11.19
CA PHE A 6 3.29 0.93 -10.66
C PHE A 6 3.48 1.11 -9.16
N THR A 7 3.72 2.34 -8.74
CA THR A 7 3.86 2.66 -7.34
C THR A 7 3.21 4.02 -7.04
N SER A 8 2.61 4.14 -5.87
CA SER A 8 1.94 5.37 -5.45
C SER A 8 1.82 5.41 -3.94
N VAL A 9 1.42 6.55 -3.41
CA VAL A 9 1.18 6.69 -1.99
C VAL A 9 -0.31 6.83 -1.69
N VAL A 10 -0.85 5.88 -0.94
CA VAL A 10 -2.26 5.90 -0.61
C VAL A 10 -2.43 6.32 0.84
N ARG A 11 -3.57 6.92 1.15
CA ARG A 11 -3.84 7.39 2.51
C ARG A 11 -4.17 6.23 3.43
N VAL A 12 -3.32 6.02 4.42
CA VAL A 12 -3.47 4.92 5.35
C VAL A 12 -4.35 5.33 6.52
N ARG A 13 -5.14 4.39 7.00
CA ARG A 13 -6.04 4.63 8.11
C ARG A 13 -5.73 3.64 9.25
N GLY A 14 -6.47 3.71 10.34
CA GLY A 14 -6.30 2.75 11.41
C GLY A 14 -5.50 3.30 12.56
N SER A 15 -5.15 2.43 13.50
CA SER A 15 -4.39 2.81 14.68
C SER A 15 -2.90 2.91 14.35
N LYS A 16 -2.47 4.11 13.97
CA LYS A 16 -1.08 4.37 13.62
C LYS A 16 -0.76 5.85 13.76
N LYS A 17 0.37 6.27 13.24
CA LYS A 17 0.79 7.66 13.35
C LYS A 17 1.13 8.23 11.96
N TYR A 18 0.65 7.56 10.92
CA TYR A 18 0.91 7.98 9.55
C TYR A 18 -0.39 8.30 8.84
N ASN A 19 -0.30 8.98 7.70
CA ASN A 19 -1.48 9.28 6.91
C ASN A 19 -1.34 8.78 5.49
N VAL A 20 -0.19 8.19 5.18
CA VAL A 20 0.10 7.73 3.82
C VAL A 20 1.02 6.52 3.87
N VAL A 21 0.90 5.66 2.85
CA VAL A 21 1.77 4.51 2.72
C VAL A 21 2.07 4.21 1.25
N PRO A 22 3.36 4.23 0.88
CA PRO A 22 3.82 3.84 -0.46
C PRO A 22 3.52 2.39 -0.79
N VAL A 23 2.66 2.20 -1.78
CA VAL A 23 2.34 0.88 -2.29
C VAL A 23 2.96 0.72 -3.67
N LYS A 24 3.29 -0.51 -4.05
CA LYS A 24 3.92 -0.75 -5.33
C LYS A 24 3.52 -2.11 -5.89
N SER A 25 3.92 -2.35 -7.13
CA SER A 25 3.60 -3.59 -7.82
C SER A 25 4.86 -4.42 -7.97
N ASN A 26 4.78 -5.69 -7.59
CA ASN A 26 5.92 -6.59 -7.72
C ASN A 26 6.08 -7.05 -9.16
N LYS A 27 5.08 -6.74 -9.97
CA LYS A 27 5.10 -7.07 -11.39
C LYS A 27 4.94 -5.80 -12.22
N PRO A 28 5.62 -5.73 -13.38
CA PRO A 28 5.57 -4.55 -14.24
C PRO A 28 4.19 -4.32 -14.84
N VAL A 29 3.71 -3.09 -14.74
CA VAL A 29 2.36 -2.75 -15.16
C VAL A 29 2.40 -1.92 -16.44
N GLU A 30 1.51 -2.24 -17.35
CA GLU A 30 1.40 -1.47 -18.59
C GLU A 30 0.50 -0.26 -18.36
N ILE A 31 0.81 0.83 -19.05
CA ILE A 31 0.15 2.11 -18.80
C ILE A 31 -1.29 2.16 -19.32
N SER A 32 -1.77 1.04 -19.85
CA SER A 32 -3.16 0.92 -20.24
C SER A 32 -4.01 0.54 -19.02
N LYS A 33 -3.40 -0.23 -18.12
CA LYS A 33 -4.06 -0.67 -16.90
C LYS A 33 -3.74 0.30 -15.76
N TRP A 34 -2.83 1.23 -16.06
CA TRP A 34 -2.37 2.22 -15.08
C TRP A 34 -3.54 3.04 -14.54
N ILE A 35 -4.46 3.41 -15.43
CA ILE A 35 -5.61 4.21 -15.06
C ILE A 35 -6.53 3.45 -14.12
N ASP A 36 -6.74 2.17 -14.42
CA ASP A 36 -7.59 1.32 -13.59
C ASP A 36 -7.02 1.21 -12.18
N PHE A 37 -5.71 1.00 -12.09
CA PHE A 37 -5.03 0.90 -10.81
C PHE A 37 -5.20 2.18 -10.00
N SER A 38 -5.13 3.32 -10.69
CA SER A 38 -5.31 4.61 -10.05
C SER A 38 -6.74 4.72 -9.49
N ASN A 39 -7.70 4.20 -10.25
CA ASN A 39 -9.11 4.20 -9.82
C ASN A 39 -9.27 3.35 -8.57
N VAL A 40 -8.55 2.24 -8.51
CA VAL A 40 -8.63 1.34 -7.37
C VAL A 40 -8.03 1.99 -6.12
N LEU A 41 -6.91 2.69 -6.29
CA LEU A 41 -6.27 3.37 -5.17
C LEU A 41 -7.12 4.54 -4.68
N SER A 42 -8.00 5.02 -5.53
CA SER A 42 -8.93 6.07 -5.16
C SER A 42 -10.15 5.47 -4.43
N ARG A 43 -10.08 4.17 -4.19
CA ARG A 43 -11.13 3.46 -3.48
C ARG A 43 -10.55 2.70 -2.29
N LEU A 44 -9.31 2.26 -2.43
CA LEU A 44 -8.65 1.47 -1.41
C LEU A 44 -8.15 2.34 -0.26
N TYR A 45 -8.76 2.18 0.90
CA TYR A 45 -8.28 2.80 2.12
C TYR A 45 -7.88 1.72 3.11
N VAL A 46 -6.58 1.55 3.32
CA VAL A 46 -6.08 0.46 4.14
C VAL A 46 -5.89 0.92 5.58
N GLY A 47 -6.57 0.25 6.50
CA GLY A 47 -6.46 0.60 7.89
C GLY A 47 -5.65 -0.41 8.68
N VAL A 48 -4.79 -1.12 7.98
CA VAL A 48 -3.94 -2.12 8.61
C VAL A 48 -2.49 -1.66 8.55
N PRO A 49 -1.94 -1.20 9.68
CA PRO A 49 -0.54 -0.83 9.77
C PRO A 49 0.36 -2.05 9.79
N THR A 50 0.88 -2.41 8.63
CA THR A 50 1.77 -3.56 8.50
C THR A 50 3.20 -3.11 8.17
N LYS A 51 4.16 -3.95 8.50
CA LYS A 51 5.56 -3.59 8.39
C LYS A 51 6.23 -4.17 7.13
N SER A 52 5.96 -3.53 5.99
CA SER A 52 6.59 -3.88 4.71
C SER A 52 6.14 -5.24 4.18
N GLY A 53 6.32 -5.44 2.88
CA GLY A 53 6.09 -6.73 2.25
C GLY A 53 4.68 -7.22 2.46
N ASN A 54 3.75 -6.29 2.56
CA ASN A 54 2.36 -6.68 2.83
C ASN A 54 1.48 -6.46 1.62
N VAL A 55 0.88 -7.54 1.15
CA VAL A 55 0.01 -7.51 -0.01
C VAL A 55 -1.38 -7.04 0.39
N VAL A 56 -1.74 -5.84 -0.04
CA VAL A 56 -3.07 -5.32 0.26
C VAL A 56 -4.09 -5.78 -0.77
N CYS A 57 -3.68 -5.79 -2.03
CA CYS A 57 -4.54 -6.28 -3.10
C CYS A 57 -3.78 -7.28 -3.96
N LYS A 58 -4.04 -8.57 -3.74
CA LYS A 58 -3.42 -9.60 -4.54
C LYS A 58 -4.22 -9.82 -5.80
N ASN A 59 -3.59 -9.60 -6.95
CA ASN A 59 -4.28 -9.58 -8.24
C ASN A 59 -5.29 -8.44 -8.24
N ILE A 60 -4.77 -7.24 -8.40
CA ILE A 60 -5.61 -6.05 -8.44
C ILE A 60 -6.36 -5.99 -9.76
N MET A 61 -7.68 -5.82 -9.67
CA MET A 61 -8.56 -5.83 -10.83
C MET A 61 -8.59 -7.21 -11.47
N ASN A 62 -7.57 -7.52 -12.26
CA ASN A 62 -7.40 -8.81 -12.89
C ASN A 62 -6.24 -8.77 -13.88
N THR A 63 -5.04 -8.89 -13.36
CA THR A 63 -3.86 -8.90 -14.22
C THR A 63 -2.66 -9.55 -13.53
N GLY A 64 -2.92 -10.27 -12.44
CA GLY A 64 -1.87 -10.98 -11.75
C GLY A 64 -1.07 -10.12 -10.77
N VAL A 65 -1.08 -8.80 -10.98
CA VAL A 65 -0.27 -7.91 -10.17
C VAL A 65 -0.73 -7.86 -8.72
N ASP A 66 0.19 -8.21 -7.82
CA ASP A 66 -0.06 -8.14 -6.39
C ASP A 66 0.48 -6.81 -5.86
N ILE A 67 -0.39 -6.02 -5.26
CA ILE A 67 0.01 -4.71 -4.73
C ILE A 67 0.49 -4.85 -3.30
N ILE A 68 1.72 -4.41 -3.05
CA ILE A 68 2.32 -4.50 -1.73
C ILE A 68 2.71 -3.13 -1.21
N CYS A 69 2.49 -2.90 0.07
CA CYS A 69 2.98 -1.70 0.72
C CYS A 69 4.36 -1.99 1.29
N THR A 70 5.35 -1.23 0.87
CA THR A 70 6.73 -1.53 1.22
C THR A 70 7.21 -0.63 2.35
N LYS A 71 6.30 0.13 2.94
CA LYS A 71 6.64 0.97 4.07
C LYS A 71 6.30 0.24 5.36
N ASN A 72 7.10 0.44 6.38
CA ASN A 72 6.89 -0.26 7.63
C ASN A 72 6.03 0.57 8.55
N LEU A 73 4.77 0.19 8.66
CA LEU A 73 3.82 0.92 9.49
C LEU A 73 3.70 0.28 10.86
N PRO A 74 4.18 0.96 11.91
CA PRO A 74 4.06 0.49 13.28
C PRO A 74 2.64 0.65 13.81
N LYS A 75 1.98 -0.46 14.10
CA LYS A 75 0.63 -0.41 14.61
C LYS A 75 0.63 0.00 16.07
N ASP A 76 -0.13 1.02 16.40
CA ASP A 76 -0.22 1.52 17.76
C ASP A 76 -1.62 1.23 18.31
N SER A 77 -1.76 0.06 18.93
CA SER A 77 -3.06 -0.41 19.39
C SER A 77 -3.48 0.29 20.69
N LEU A 78 -4.32 1.29 20.56
CA LEU A 78 -4.80 2.04 21.72
C LEU A 78 -6.27 1.77 21.98
N GLU A 79 -7.00 1.40 20.94
CA GLU A 79 -8.45 1.24 21.02
C GLU A 79 -8.81 -0.20 21.38
N HIS A 80 -8.01 -0.79 22.26
CA HIS A 80 -8.22 -2.18 22.67
C HIS A 80 -7.69 -2.37 24.09
N HIS A 81 -8.09 -3.47 24.73
CA HIS A 81 -7.61 -3.85 26.07
C HIS A 81 -8.27 -3.02 27.17
N HIS A 82 -8.10 -1.69 27.10
CA HIS A 82 -8.47 -0.79 28.20
C HIS A 82 -9.86 -1.06 28.77
N HIS A 83 -10.89 -0.84 27.98
CA HIS A 83 -12.25 -0.98 28.51
C HIS A 83 -13.18 -1.62 27.48
N HIS A 84 -12.60 -2.14 26.40
CA HIS A 84 -13.37 -2.72 25.29
C HIS A 84 -14.05 -1.61 24.48
N HIS A 85 -14.13 -1.81 23.17
CA HIS A 85 -14.81 -0.87 22.31
C HIS A 85 -16.16 -1.44 21.92
N MET A 1 9.86 -1.45 -24.54
CA MET A 1 8.78 -1.92 -23.64
C MET A 1 8.24 -0.74 -22.85
N HIS A 2 6.95 -0.77 -22.53
CA HIS A 2 6.34 0.29 -21.74
C HIS A 2 5.65 -0.30 -20.52
N LYS A 3 6.20 -1.41 -20.05
CA LYS A 3 5.80 -2.03 -18.80
C LYS A 3 6.52 -1.33 -17.64
N ASP A 4 5.76 -0.59 -16.84
CA ASP A 4 6.34 0.15 -15.73
C ASP A 4 5.76 -0.32 -14.41
N ILE A 5 6.61 -0.43 -13.39
CA ILE A 5 6.17 -0.82 -12.06
C ILE A 5 5.24 0.22 -11.46
N PHE A 6 4.04 -0.21 -11.11
CA PHE A 6 3.07 0.67 -10.48
C PHE A 6 3.46 0.90 -9.02
N THR A 7 4.04 2.06 -8.76
CA THR A 7 4.40 2.45 -7.42
C THR A 7 3.79 3.80 -7.09
N SER A 8 3.08 3.88 -5.97
CA SER A 8 2.36 5.09 -5.62
C SER A 8 2.16 5.19 -4.11
N VAL A 9 1.66 6.33 -3.65
CA VAL A 9 1.35 6.51 -2.25
C VAL A 9 -0.16 6.65 -2.07
N VAL A 10 -0.75 5.71 -1.35
CA VAL A 10 -2.20 5.68 -1.18
C VAL A 10 -2.59 6.16 0.23
N ARG A 11 -3.82 6.63 0.35
CA ARG A 11 -4.32 7.18 1.61
C ARG A 11 -4.56 6.08 2.63
N VAL A 12 -3.64 5.94 3.57
CA VAL A 12 -3.79 4.96 4.63
C VAL A 12 -4.65 5.53 5.76
N ARG A 13 -5.60 4.76 6.25
CA ARG A 13 -6.50 5.21 7.30
C ARG A 13 -6.50 4.22 8.47
N GLY A 14 -7.29 4.52 9.48
CA GLY A 14 -7.37 3.65 10.63
C GLY A 14 -6.42 4.08 11.73
N SER A 15 -6.30 3.26 12.76
CA SER A 15 -5.45 3.56 13.90
C SER A 15 -3.97 3.38 13.57
N LYS A 16 -3.31 4.49 13.28
CA LYS A 16 -1.86 4.51 13.05
C LYS A 16 -1.32 5.93 13.06
N LYS A 17 -0.02 6.08 12.90
CA LYS A 17 0.63 7.39 12.94
C LYS A 17 0.62 8.07 11.57
N TYR A 18 0.61 7.27 10.51
CA TYR A 18 0.72 7.79 9.16
C TYR A 18 -0.62 8.34 8.65
N ASN A 19 -0.56 9.00 7.50
CA ASN A 19 -1.78 9.43 6.80
C ASN A 19 -1.75 8.92 5.35
N VAL A 20 -0.58 8.48 4.91
CA VAL A 20 -0.36 8.02 3.56
C VAL A 20 0.71 6.93 3.57
N VAL A 21 0.61 5.96 2.68
CA VAL A 21 1.55 4.86 2.67
C VAL A 21 1.94 4.46 1.24
N PRO A 22 3.24 4.30 0.99
CA PRO A 22 3.74 3.88 -0.33
C PRO A 22 3.53 2.39 -0.60
N VAL A 23 3.12 2.09 -1.83
CA VAL A 23 2.87 0.71 -2.26
C VAL A 23 3.52 0.48 -3.61
N LYS A 24 3.80 -0.77 -3.91
CA LYS A 24 4.46 -1.12 -5.17
C LYS A 24 3.91 -2.43 -5.73
N SER A 25 4.20 -2.70 -6.98
CA SER A 25 3.72 -3.89 -7.66
C SER A 25 4.86 -4.87 -7.90
N ASN A 26 4.56 -6.15 -7.76
CA ASN A 26 5.55 -7.20 -7.96
C ASN A 26 5.76 -7.48 -9.45
N LYS A 27 4.91 -6.88 -10.28
CA LYS A 27 4.95 -7.14 -11.71
C LYS A 27 4.75 -5.84 -12.48
N PRO A 28 5.56 -5.60 -13.52
CA PRO A 28 5.45 -4.41 -14.36
C PRO A 28 4.06 -4.28 -15.00
N VAL A 29 3.52 -3.07 -14.97
CA VAL A 29 2.16 -2.85 -15.43
C VAL A 29 2.14 -1.95 -16.67
N GLU A 30 1.20 -2.20 -17.58
CA GLU A 30 1.00 -1.31 -18.71
C GLU A 30 0.36 -0.01 -18.23
N ILE A 31 0.87 1.12 -18.70
CA ILE A 31 0.35 2.41 -18.28
C ILE A 31 -1.09 2.62 -18.76
N SER A 32 -1.58 1.73 -19.61
CA SER A 32 -2.96 1.75 -20.06
C SER A 32 -3.89 1.42 -18.89
N LYS A 33 -3.39 0.60 -17.97
CA LYS A 33 -4.15 0.19 -16.81
C LYS A 33 -3.99 1.19 -15.68
N TRP A 34 -2.95 2.03 -15.79
CA TRP A 34 -2.57 2.97 -14.73
C TRP A 34 -3.75 3.83 -14.27
N ILE A 35 -4.51 4.35 -15.23
CA ILE A 35 -5.64 5.22 -14.92
C ILE A 35 -6.69 4.51 -14.05
N ASP A 36 -7.03 3.28 -14.43
CA ASP A 36 -8.06 2.54 -13.72
C ASP A 36 -7.50 1.95 -12.44
N PHE A 37 -6.22 1.58 -12.47
CA PHE A 37 -5.50 1.15 -11.27
C PHE A 37 -5.58 2.22 -10.20
N SER A 38 -5.28 3.45 -10.59
CA SER A 38 -5.36 4.58 -9.69
C SER A 38 -6.78 4.76 -9.18
N ASN A 39 -7.75 4.66 -10.09
CA ASN A 39 -9.16 4.79 -9.75
C ASN A 39 -9.58 3.77 -8.68
N VAL A 40 -9.20 2.52 -8.87
CA VAL A 40 -9.52 1.48 -7.92
C VAL A 40 -8.83 1.73 -6.59
N LEU A 41 -7.55 2.06 -6.65
CA LEU A 41 -6.76 2.30 -5.44
C LEU A 41 -7.28 3.53 -4.68
N SER A 42 -7.79 4.51 -5.43
CA SER A 42 -8.34 5.72 -4.83
C SER A 42 -9.60 5.42 -4.02
N ARG A 43 -10.22 4.29 -4.32
CA ARG A 43 -11.43 3.87 -3.62
C ARG A 43 -11.11 2.75 -2.65
N LEU A 44 -9.84 2.48 -2.46
CA LEU A 44 -9.41 1.42 -1.57
C LEU A 44 -8.72 2.02 -0.34
N TYR A 45 -9.53 2.42 0.64
CA TYR A 45 -9.00 3.02 1.85
C TYR A 45 -8.78 1.95 2.92
N VAL A 46 -7.53 1.54 3.07
CA VAL A 46 -7.16 0.51 4.01
C VAL A 46 -6.13 1.06 5.00
N GLY A 47 -5.99 0.41 6.14
CA GLY A 47 -5.00 0.83 7.10
C GLY A 47 -4.40 -0.33 7.86
N VAL A 48 -4.29 -0.18 9.18
CA VAL A 48 -3.67 -1.18 10.05
C VAL A 48 -2.16 -1.22 9.85
N PRO A 49 -1.40 -0.85 10.89
CA PRO A 49 0.07 -0.84 10.85
C PRO A 49 0.66 -2.19 10.40
N THR A 50 1.24 -2.18 9.20
CA THR A 50 1.78 -3.40 8.61
C THR A 50 3.30 -3.39 8.57
N LYS A 51 3.87 -4.37 7.87
CA LYS A 51 5.31 -4.51 7.75
C LYS A 51 5.71 -4.60 6.29
N SER A 52 7.00 -4.47 6.01
CA SER A 52 7.49 -4.50 4.64
C SER A 52 7.20 -5.85 3.99
N GLY A 53 6.64 -5.81 2.79
CA GLY A 53 6.32 -7.03 2.09
C GLY A 53 4.91 -7.48 2.36
N ASN A 54 4.07 -6.53 2.79
CA ASN A 54 2.67 -6.86 3.06
C ASN A 54 1.85 -6.68 1.81
N VAL A 55 1.03 -7.67 1.49
CA VAL A 55 0.19 -7.60 0.30
C VAL A 55 -1.11 -6.90 0.63
N VAL A 56 -1.25 -5.67 0.16
CA VAL A 56 -2.48 -4.91 0.38
C VAL A 56 -3.62 -5.52 -0.41
N CYS A 57 -3.42 -5.64 -1.71
CA CYS A 57 -4.39 -6.28 -2.56
C CYS A 57 -3.70 -7.32 -3.44
N LYS A 58 -4.15 -8.57 -3.31
CA LYS A 58 -3.51 -9.67 -4.02
C LYS A 58 -4.22 -9.91 -5.36
N ASN A 59 -3.49 -9.63 -6.44
CA ASN A 59 -4.04 -9.67 -7.80
C ASN A 59 -5.21 -8.70 -7.90
N ILE A 60 -4.92 -7.44 -7.56
CA ILE A 60 -5.91 -6.37 -7.40
C ILE A 60 -6.92 -6.30 -8.54
N MET A 61 -6.47 -6.42 -9.77
CA MET A 61 -7.35 -6.26 -10.92
C MET A 61 -7.23 -7.43 -11.89
N ASN A 62 -6.90 -8.60 -11.35
CA ASN A 62 -6.76 -9.82 -12.14
C ASN A 62 -5.79 -9.59 -13.31
N THR A 63 -4.51 -9.51 -12.98
CA THR A 63 -3.50 -9.22 -13.99
C THR A 63 -2.13 -9.78 -13.55
N GLY A 64 -2.13 -10.64 -12.54
CA GLY A 64 -0.90 -11.21 -12.04
C GLY A 64 -0.04 -10.19 -11.33
N VAL A 65 -0.67 -9.28 -10.60
CA VAL A 65 0.05 -8.25 -9.88
C VAL A 65 -0.36 -8.23 -8.41
N ASP A 66 0.62 -8.42 -7.54
CA ASP A 66 0.40 -8.29 -6.11
C ASP A 66 0.82 -6.90 -5.68
N ILE A 67 -0.10 -6.16 -5.09
CA ILE A 67 0.20 -4.82 -4.61
C ILE A 67 0.72 -4.90 -3.19
N ILE A 68 2.03 -4.78 -3.05
CA ILE A 68 2.66 -4.93 -1.76
C ILE A 68 3.18 -3.61 -1.24
N CYS A 69 3.01 -3.39 0.05
CA CYS A 69 3.55 -2.21 0.69
C CYS A 69 4.90 -2.56 1.31
N THR A 70 5.82 -1.61 1.29
CA THR A 70 7.16 -1.84 1.76
C THR A 70 7.49 -0.88 2.91
N LYS A 71 6.49 -0.17 3.38
CA LYS A 71 6.68 0.72 4.50
C LYS A 71 6.25 0.02 5.77
N ASN A 72 7.10 0.07 6.77
CA ASN A 72 6.82 -0.54 8.05
C ASN A 72 6.14 0.47 8.96
N LEU A 73 4.90 0.19 9.33
CA LEU A 73 4.14 1.08 10.18
C LEU A 73 4.23 0.65 11.64
N PRO A 74 4.76 1.52 12.52
CA PRO A 74 4.73 1.28 13.96
C PRO A 74 3.31 1.08 14.45
N LYS A 75 3.06 -0.06 15.09
CA LYS A 75 1.71 -0.47 15.44
C LYS A 75 1.13 0.40 16.55
N ASP A 76 1.64 0.22 17.74
CA ASP A 76 1.09 0.88 18.91
C ASP A 76 2.10 1.82 19.56
N SER A 77 1.95 3.11 19.29
CA SER A 77 2.76 4.11 19.94
C SER A 77 2.35 4.20 21.41
N LEU A 78 3.15 3.57 22.26
CA LEU A 78 2.82 3.46 23.68
C LEU A 78 3.10 4.77 24.41
N GLU A 79 2.09 5.61 24.45
CA GLU A 79 2.16 6.87 25.17
C GLU A 79 0.92 7.01 26.04
N HIS A 80 1.05 6.68 27.31
CA HIS A 80 -0.08 6.69 28.22
C HIS A 80 0.06 7.81 29.24
N HIS A 81 1.00 8.70 29.01
CA HIS A 81 1.24 9.81 29.92
C HIS A 81 0.39 11.01 29.51
N HIS A 82 0.26 11.95 30.41
CA HIS A 82 -0.33 13.24 30.08
C HIS A 82 0.78 14.23 29.81
N HIS A 83 0.43 15.46 29.45
CA HIS A 83 1.44 16.42 29.01
C HIS A 83 2.50 16.63 30.08
N HIS A 84 2.07 16.89 31.31
CA HIS A 84 2.98 16.96 32.45
C HIS A 84 2.18 16.93 33.75
N HIS A 85 1.29 17.90 33.91
CA HIS A 85 0.34 17.92 35.01
C HIS A 85 -0.88 18.74 34.59
N MET A 1 3.62 -2.57 -25.10
CA MET A 1 4.11 -1.18 -25.11
C MET A 1 5.30 -1.04 -24.18
N HIS A 2 5.04 -1.13 -22.88
CA HIS A 2 6.10 -1.13 -21.89
C HIS A 2 5.56 -1.58 -20.54
N LYS A 3 6.13 -2.64 -20.01
CA LYS A 3 5.77 -3.13 -18.70
C LYS A 3 6.70 -2.50 -17.65
N ASP A 4 6.13 -1.66 -16.79
CA ASP A 4 6.89 -0.94 -15.79
C ASP A 4 6.21 -1.11 -14.43
N ILE A 5 6.85 -0.67 -13.36
CA ILE A 5 6.33 -0.92 -12.02
C ILE A 5 5.39 0.20 -11.58
N PHE A 6 4.10 -0.13 -11.44
CA PHE A 6 3.13 0.82 -10.92
C PHE A 6 3.42 1.15 -9.47
N THR A 7 3.76 2.41 -9.23
CA THR A 7 4.02 2.90 -7.90
C THR A 7 3.10 4.08 -7.60
N SER A 8 2.47 4.07 -6.43
CA SER A 8 1.54 5.11 -6.06
C SER A 8 1.49 5.25 -4.55
N VAL A 9 0.46 5.92 -4.04
CA VAL A 9 0.28 6.10 -2.61
C VAL A 9 -1.20 5.97 -2.25
N VAL A 10 -1.48 5.25 -1.18
CA VAL A 10 -2.86 5.04 -0.76
C VAL A 10 -3.04 5.54 0.68
N ARG A 11 -4.25 6.00 0.98
CA ARG A 11 -4.55 6.55 2.30
C ARG A 11 -4.66 5.44 3.33
N VAL A 12 -4.18 5.72 4.54
CA VAL A 12 -4.07 4.72 5.58
C VAL A 12 -5.15 4.89 6.65
N ARG A 13 -5.60 3.76 7.18
CA ARG A 13 -6.62 3.71 8.21
C ARG A 13 -6.24 2.64 9.24
N GLY A 14 -7.07 2.43 10.25
CA GLY A 14 -6.91 1.23 11.07
C GLY A 14 -6.46 1.50 12.48
N SER A 15 -5.82 0.51 13.07
CA SER A 15 -5.42 0.52 14.48
C SER A 15 -4.17 1.38 14.71
N LYS A 16 -3.87 2.27 13.79
CA LYS A 16 -2.79 3.23 13.97
C LYS A 16 -3.05 4.43 13.09
N LYS A 17 -2.72 5.61 13.59
CA LYS A 17 -3.02 6.81 12.85
C LYS A 17 -1.89 7.14 11.89
N TYR A 18 -1.98 6.57 10.70
CA TYR A 18 -1.02 6.89 9.66
C TYR A 18 -1.77 7.52 8.49
N ASN A 19 -1.15 8.52 7.86
CA ASN A 19 -1.83 9.28 6.82
C ASN A 19 -1.89 8.52 5.50
N VAL A 20 -0.75 8.38 4.87
CA VAL A 20 -0.66 7.72 3.56
C VAL A 20 0.53 6.77 3.50
N VAL A 21 0.37 5.70 2.73
CA VAL A 21 1.45 4.74 2.55
C VAL A 21 1.71 4.50 1.06
N PRO A 22 2.98 4.65 0.62
CA PRO A 22 3.38 4.39 -0.76
C PRO A 22 3.37 2.89 -1.10
N VAL A 23 2.78 2.58 -2.24
CA VAL A 23 2.65 1.20 -2.69
C VAL A 23 3.37 0.97 -4.01
N LYS A 24 3.55 -0.29 -4.37
CA LYS A 24 4.20 -0.66 -5.62
C LYS A 24 3.60 -1.95 -6.16
N SER A 25 4.06 -2.35 -7.33
CA SER A 25 3.65 -3.62 -7.93
C SER A 25 4.83 -4.59 -7.91
N ASN A 26 4.57 -5.81 -7.43
CA ASN A 26 5.62 -6.82 -7.37
C ASN A 26 5.87 -7.44 -8.74
N LYS A 27 4.97 -7.15 -9.67
CA LYS A 27 5.14 -7.58 -11.05
C LYS A 27 4.80 -6.41 -11.98
N PRO A 28 5.63 -6.17 -13.01
CA PRO A 28 5.44 -5.05 -13.94
C PRO A 28 4.07 -5.04 -14.61
N VAL A 29 3.54 -3.84 -14.77
CA VAL A 29 2.26 -3.62 -15.42
C VAL A 29 2.43 -2.68 -16.60
N GLU A 30 1.36 -2.49 -17.36
CA GLU A 30 1.40 -1.60 -18.51
C GLU A 30 1.49 -0.15 -18.06
N ILE A 31 2.29 0.65 -18.77
CA ILE A 31 2.33 2.08 -18.52
C ILE A 31 0.99 2.70 -18.95
N SER A 32 0.63 3.81 -18.30
CA SER A 32 -0.67 4.47 -18.52
C SER A 32 -1.82 3.67 -17.91
N LYS A 33 -1.68 2.35 -17.92
CA LYS A 33 -2.63 1.44 -17.27
C LYS A 33 -2.63 1.68 -15.76
N TRP A 34 -1.58 2.35 -15.29
CA TRP A 34 -1.43 2.71 -13.88
C TRP A 34 -2.64 3.48 -13.37
N ILE A 35 -3.18 4.36 -14.22
CA ILE A 35 -4.29 5.23 -13.83
C ILE A 35 -5.51 4.40 -13.43
N ASP A 36 -5.72 3.28 -14.11
CA ASP A 36 -6.87 2.42 -13.83
C ASP A 36 -6.73 1.78 -12.44
N PHE A 37 -5.53 1.30 -12.15
CA PHE A 37 -5.25 0.72 -10.83
C PHE A 37 -5.32 1.79 -9.75
N SER A 38 -4.85 2.99 -10.08
CA SER A 38 -4.87 4.10 -9.14
C SER A 38 -6.31 4.50 -8.82
N ASN A 39 -7.20 4.34 -9.81
CA ASN A 39 -8.63 4.59 -9.59
C ASN A 39 -9.16 3.62 -8.55
N VAL A 40 -8.75 2.36 -8.65
CA VAL A 40 -9.14 1.34 -7.68
C VAL A 40 -8.61 1.70 -6.29
N LEU A 41 -7.33 2.05 -6.21
CA LEU A 41 -6.69 2.37 -4.93
C LEU A 41 -7.26 3.64 -4.31
N SER A 42 -7.84 4.50 -5.15
CA SER A 42 -8.44 5.74 -4.68
C SER A 42 -9.64 5.45 -3.77
N ARG A 43 -10.18 4.25 -3.90
CA ARG A 43 -11.33 3.83 -3.12
C ARG A 43 -10.92 2.89 -1.99
N LEU A 44 -9.62 2.83 -1.72
CA LEU A 44 -9.09 1.90 -0.72
C LEU A 44 -8.55 2.65 0.49
N TYR A 45 -8.82 2.11 1.68
CA TYR A 45 -8.24 2.62 2.91
C TYR A 45 -7.58 1.47 3.66
N VAL A 46 -6.27 1.33 3.50
CA VAL A 46 -5.55 0.20 4.09
C VAL A 46 -5.30 0.42 5.58
N GLY A 47 -5.73 -0.53 6.38
CA GLY A 47 -5.59 -0.39 7.82
C GLY A 47 -4.58 -1.33 8.41
N VAL A 48 -4.34 -1.18 9.71
CA VAL A 48 -3.41 -2.03 10.47
C VAL A 48 -1.94 -1.70 10.13
N PRO A 49 -1.09 -1.58 11.16
CA PRO A 49 0.36 -1.43 10.97
C PRO A 49 0.96 -2.58 10.15
N THR A 50 1.48 -2.25 8.99
CA THR A 50 2.01 -3.26 8.08
C THR A 50 3.50 -3.05 7.84
N LYS A 51 4.14 -4.03 7.20
CA LYS A 51 5.57 -3.98 6.95
C LYS A 51 5.84 -4.03 5.44
N SER A 52 7.09 -3.76 5.04
CA SER A 52 7.48 -3.74 3.64
C SER A 52 7.08 -5.02 2.89
N GLY A 53 6.25 -4.87 1.88
CA GLY A 53 5.84 -5.99 1.08
C GLY A 53 4.49 -6.52 1.48
N ASN A 54 3.67 -5.65 2.08
CA ASN A 54 2.33 -6.05 2.51
C ASN A 54 1.35 -5.85 1.38
N VAL A 55 0.53 -6.86 1.12
CA VAL A 55 -0.40 -6.82 0.00
C VAL A 55 -1.72 -6.18 0.39
N VAL A 56 -2.13 -5.16 -0.35
CA VAL A 56 -3.43 -4.53 -0.12
C VAL A 56 -4.45 -5.08 -1.10
N CYS A 57 -4.02 -5.32 -2.33
CA CYS A 57 -4.87 -5.91 -3.35
C CYS A 57 -4.14 -7.06 -4.02
N LYS A 58 -4.53 -8.28 -3.69
CA LYS A 58 -3.87 -9.45 -4.24
C LYS A 58 -4.65 -9.96 -5.46
N ASN A 59 -3.93 -10.13 -6.57
CA ASN A 59 -4.54 -10.55 -7.83
C ASN A 59 -5.68 -9.60 -8.21
N ILE A 60 -5.43 -8.31 -7.96
CA ILE A 60 -6.44 -7.26 -8.04
C ILE A 60 -7.39 -7.39 -9.23
N MET A 61 -6.84 -7.56 -10.43
CA MET A 61 -7.65 -7.68 -11.63
C MET A 61 -7.16 -8.82 -12.50
N ASN A 62 -6.97 -9.98 -11.86
CA ASN A 62 -6.57 -11.26 -12.51
C ASN A 62 -5.26 -11.16 -13.31
N THR A 63 -4.60 -10.01 -13.24
CA THR A 63 -3.33 -9.82 -13.93
C THR A 63 -2.18 -10.49 -13.18
N GLY A 64 -2.46 -10.91 -11.95
CA GLY A 64 -1.44 -11.57 -11.14
C GLY A 64 -0.60 -10.59 -10.37
N VAL A 65 -0.81 -9.30 -10.62
CA VAL A 65 -0.08 -8.26 -9.92
C VAL A 65 -0.73 -8.00 -8.56
N ASP A 66 0.08 -8.05 -7.52
CA ASP A 66 -0.38 -7.75 -6.19
C ASP A 66 0.21 -6.43 -5.74
N ILE A 67 -0.66 -5.50 -5.37
CA ILE A 67 -0.21 -4.18 -4.97
C ILE A 67 0.25 -4.22 -3.52
N ILE A 68 1.53 -3.94 -3.30
CA ILE A 68 2.12 -4.06 -1.98
C ILE A 68 2.73 -2.75 -1.50
N CYS A 69 2.54 -2.45 -0.23
CA CYS A 69 3.15 -1.28 0.36
C CYS A 69 4.53 -1.66 0.90
N THR A 70 5.52 -0.79 0.68
CA THR A 70 6.87 -1.11 1.07
C THR A 70 7.29 -0.32 2.31
N LYS A 71 6.34 0.28 2.98
CA LYS A 71 6.61 1.06 4.18
C LYS A 71 6.38 0.23 5.42
N ASN A 72 7.23 0.43 6.42
CA ASN A 72 7.11 -0.25 7.69
C ASN A 72 6.37 0.65 8.66
N LEU A 73 5.10 0.37 8.88
CA LEU A 73 4.27 1.22 9.73
C LEU A 73 4.13 0.61 11.11
N PRO A 74 4.71 1.28 12.13
CA PRO A 74 4.60 0.84 13.51
C PRO A 74 3.41 1.47 14.23
N LYS A 75 3.33 1.28 15.53
CA LYS A 75 2.28 1.91 16.33
C LYS A 75 2.85 3.02 17.19
N ASP A 76 2.67 4.25 16.74
CA ASP A 76 3.05 5.44 17.51
C ASP A 76 4.57 5.48 17.74
N SER A 77 5.00 6.40 18.59
CA SER A 77 6.41 6.53 18.92
C SER A 77 6.72 5.84 20.24
N LEU A 78 7.02 4.55 20.17
CA LEU A 78 7.38 3.77 21.35
C LEU A 78 8.89 3.66 21.48
N GLU A 79 9.57 3.75 20.35
CA GLU A 79 11.02 3.61 20.31
C GLU A 79 11.52 4.09 18.95
N HIS A 80 12.77 4.55 18.90
CA HIS A 80 13.35 5.06 17.66
C HIS A 80 13.64 3.92 16.69
N HIS A 81 13.70 2.70 17.24
CA HIS A 81 13.93 1.48 16.46
C HIS A 81 15.35 1.42 15.93
N HIS A 82 15.74 0.26 15.43
CA HIS A 82 17.06 0.07 14.87
C HIS A 82 17.02 -0.88 13.67
N HIS A 83 17.55 -0.42 12.55
CA HIS A 83 17.65 -1.24 11.36
C HIS A 83 19.03 -1.88 11.31
N HIS A 84 19.92 -1.34 12.13
CA HIS A 84 21.24 -1.91 12.31
C HIS A 84 21.31 -2.61 13.66
N HIS A 85 22.49 -3.07 14.04
CA HIS A 85 22.65 -3.76 15.31
C HIS A 85 23.53 -2.93 16.25
N MET A 1 10.22 -5.11 -24.24
CA MET A 1 8.91 -4.75 -23.65
C MET A 1 9.04 -3.45 -22.87
N HIS A 2 7.89 -2.85 -22.53
CA HIS A 2 7.88 -1.61 -21.78
C HIS A 2 6.75 -1.63 -20.75
N LYS A 3 7.03 -2.25 -19.61
CA LYS A 3 6.08 -2.30 -18.50
C LYS A 3 6.77 -1.89 -17.21
N ASP A 4 6.16 -0.97 -16.49
CA ASP A 4 6.81 -0.37 -15.33
C ASP A 4 6.09 -0.77 -14.05
N ILE A 5 6.82 -0.75 -12.93
CA ILE A 5 6.25 -1.07 -11.64
C ILE A 5 5.36 0.08 -11.15
N PHE A 6 4.05 -0.17 -11.07
CA PHE A 6 3.13 0.83 -10.54
C PHE A 6 3.43 1.12 -9.08
N THR A 7 4.05 2.27 -8.83
CA THR A 7 4.31 2.70 -7.48
C THR A 7 3.46 3.92 -7.14
N SER A 8 2.64 3.80 -6.11
CA SER A 8 1.70 4.86 -5.76
C SER A 8 1.61 4.98 -4.23
N VAL A 9 0.61 5.70 -3.75
CA VAL A 9 0.40 5.87 -2.32
C VAL A 9 -1.07 5.66 -1.98
N VAL A 10 -1.33 4.83 -0.99
CA VAL A 10 -2.70 4.56 -0.55
C VAL A 10 -2.92 5.15 0.83
N ARG A 11 -4.17 5.52 1.13
CA ARG A 11 -4.50 6.17 2.39
C ARG A 11 -4.90 5.13 3.43
N VAL A 12 -4.33 5.27 4.63
CA VAL A 12 -4.42 4.22 5.64
C VAL A 12 -5.14 4.72 6.90
N ARG A 13 -6.06 3.90 7.38
CA ARG A 13 -6.74 4.16 8.64
C ARG A 13 -6.25 3.16 9.68
N GLY A 14 -6.79 3.23 10.89
CA GLY A 14 -6.54 2.21 11.88
C GLY A 14 -5.43 2.57 12.85
N SER A 15 -4.90 1.55 13.51
CA SER A 15 -3.88 1.75 14.53
C SER A 15 -2.50 1.96 13.91
N LYS A 16 -2.30 3.16 13.36
CA LYS A 16 -1.01 3.53 12.78
C LYS A 16 -0.76 5.02 12.96
N LYS A 17 0.48 5.44 12.73
CA LYS A 17 0.84 6.84 12.93
C LYS A 17 0.61 7.64 11.66
N TYR A 18 1.06 7.11 10.52
CA TYR A 18 0.92 7.79 9.24
C TYR A 18 -0.46 7.55 8.64
N ASN A 19 -0.89 8.45 7.77
CA ASN A 19 -2.21 8.34 7.15
C ASN A 19 -2.09 7.83 5.71
N VAL A 20 -0.86 7.65 5.25
CA VAL A 20 -0.61 7.17 3.90
C VAL A 20 0.60 6.23 3.86
N VAL A 21 0.53 5.23 2.99
CA VAL A 21 1.66 4.34 2.78
C VAL A 21 1.90 4.12 1.28
N PRO A 22 3.14 4.32 0.81
CA PRO A 22 3.51 4.04 -0.58
C PRO A 22 3.47 2.55 -0.90
N VAL A 23 2.78 2.22 -1.98
CA VAL A 23 2.64 0.85 -2.44
C VAL A 23 3.30 0.67 -3.80
N LYS A 24 3.57 -0.57 -4.15
CA LYS A 24 4.22 -0.90 -5.41
C LYS A 24 3.58 -2.13 -6.02
N SER A 25 4.06 -2.52 -7.18
CA SER A 25 3.58 -3.72 -7.84
C SER A 25 4.65 -4.80 -7.80
N ASN A 26 4.26 -6.02 -7.46
CA ASN A 26 5.21 -7.13 -7.39
C ASN A 26 5.61 -7.58 -8.79
N LYS A 27 4.78 -7.25 -9.76
CA LYS A 27 5.07 -7.52 -11.16
C LYS A 27 4.78 -6.28 -12.00
N PRO A 28 5.57 -6.07 -13.07
CA PRO A 28 5.46 -4.87 -13.91
C PRO A 28 4.10 -4.77 -14.62
N VAL A 29 3.54 -3.57 -14.64
CA VAL A 29 2.25 -3.33 -15.25
C VAL A 29 2.39 -2.41 -16.46
N GLU A 30 1.40 -2.43 -17.35
CA GLU A 30 1.42 -1.55 -18.51
C GLU A 30 1.23 -0.11 -18.06
N ILE A 31 1.97 0.81 -18.67
CA ILE A 31 1.92 2.22 -18.29
C ILE A 31 0.52 2.80 -18.45
N SER A 32 -0.26 2.23 -19.36
CA SER A 32 -1.61 2.68 -19.61
C SER A 32 -2.55 2.25 -18.49
N LYS A 33 -2.13 1.27 -17.70
CA LYS A 33 -2.97 0.74 -16.63
C LYS A 33 -2.75 1.49 -15.33
N TRP A 34 -1.79 2.40 -15.32
CA TRP A 34 -1.51 3.21 -14.14
C TRP A 34 -2.73 4.00 -13.72
N ILE A 35 -3.54 4.38 -14.70
CA ILE A 35 -4.78 5.10 -14.45
C ILE A 35 -5.78 4.20 -13.74
N ASP A 36 -5.95 2.98 -14.27
CA ASP A 36 -6.90 2.01 -13.70
C ASP A 36 -6.58 1.75 -12.25
N PHE A 37 -5.32 1.45 -11.97
CA PHE A 37 -4.87 1.15 -10.62
C PHE A 37 -5.05 2.35 -9.70
N SER A 38 -4.81 3.55 -10.23
CA SER A 38 -4.98 4.78 -9.45
C SER A 38 -6.44 4.97 -9.02
N ASN A 39 -7.37 4.69 -9.93
CA ASN A 39 -8.79 4.79 -9.64
C ASN A 39 -9.19 3.81 -8.54
N VAL A 40 -8.55 2.64 -8.55
CA VAL A 40 -8.81 1.62 -7.54
C VAL A 40 -8.27 2.06 -6.18
N LEU A 41 -7.02 2.52 -6.18
CA LEU A 41 -6.36 2.94 -4.94
C LEU A 41 -7.04 4.16 -4.33
N SER A 42 -7.45 5.09 -5.17
CA SER A 42 -8.13 6.29 -4.72
C SER A 42 -9.49 5.98 -4.11
N ARG A 43 -9.95 4.76 -4.30
CA ARG A 43 -11.23 4.31 -3.74
C ARG A 43 -10.97 3.39 -2.55
N LEU A 44 -9.71 3.01 -2.36
CA LEU A 44 -9.35 2.02 -1.38
C LEU A 44 -8.83 2.65 -0.09
N TYR A 45 -9.47 2.31 1.02
CA TYR A 45 -9.00 2.70 2.33
C TYR A 45 -8.82 1.47 3.21
N VAL A 46 -7.59 1.23 3.63
CA VAL A 46 -7.27 0.07 4.45
C VAL A 46 -7.03 0.49 5.89
N GLY A 47 -6.68 -0.46 6.75
CA GLY A 47 -6.44 -0.14 8.13
C GLY A 47 -5.46 -1.07 8.81
N VAL A 48 -4.35 -1.31 8.15
CA VAL A 48 -3.31 -2.18 8.67
C VAL A 48 -1.94 -1.52 8.57
N PRO A 49 -1.26 -1.32 9.72
CA PRO A 49 0.12 -0.83 9.75
C PRO A 49 1.10 -1.91 9.31
N THR A 50 1.49 -1.86 8.04
CA THR A 50 2.30 -2.91 7.44
C THR A 50 3.79 -2.58 7.44
N LYS A 51 4.60 -3.57 7.08
CA LYS A 51 6.03 -3.36 6.85
C LYS A 51 6.29 -3.22 5.36
N SER A 52 7.47 -3.63 4.93
CA SER A 52 7.81 -3.65 3.52
C SER A 52 7.49 -5.01 2.89
N GLY A 53 6.60 -4.99 1.90
CA GLY A 53 6.26 -6.21 1.18
C GLY A 53 5.02 -6.86 1.75
N ASN A 54 3.92 -6.13 1.75
CA ASN A 54 2.65 -6.66 2.28
C ASN A 54 1.55 -6.46 1.25
N VAL A 55 0.81 -7.52 0.95
CA VAL A 55 -0.17 -7.49 -0.11
C VAL A 55 -1.46 -6.81 0.35
N VAL A 56 -1.71 -5.63 -0.21
CA VAL A 56 -2.94 -4.90 0.06
C VAL A 56 -4.04 -5.41 -0.86
N CYS A 57 -3.70 -5.62 -2.12
CA CYS A 57 -4.64 -6.14 -3.10
C CYS A 57 -4.03 -7.30 -3.85
N LYS A 58 -4.45 -8.51 -3.50
CA LYS A 58 -3.95 -9.73 -4.12
C LYS A 58 -4.70 -10.02 -5.41
N ASN A 59 -3.95 -10.23 -6.49
CA ASN A 59 -4.52 -10.49 -7.81
C ASN A 59 -5.48 -9.38 -8.21
N ILE A 60 -5.00 -8.15 -8.12
CA ILE A 60 -5.82 -6.99 -8.44
C ILE A 60 -6.00 -6.85 -9.95
N MET A 61 -7.24 -6.57 -10.37
CA MET A 61 -7.56 -6.38 -11.78
C MET A 61 -7.34 -7.66 -12.60
N ASN A 62 -7.20 -8.77 -11.88
CA ASN A 62 -7.12 -10.11 -12.47
C ASN A 62 -5.92 -10.27 -13.40
N THR A 63 -4.98 -9.33 -13.35
CA THR A 63 -3.78 -9.42 -14.17
C THR A 63 -2.70 -10.24 -13.46
N GLY A 64 -2.95 -10.58 -12.20
CA GLY A 64 -2.02 -11.39 -11.45
C GLY A 64 -1.11 -10.56 -10.58
N VAL A 65 -1.09 -9.26 -10.81
CA VAL A 65 -0.27 -8.36 -10.00
C VAL A 65 -0.87 -8.20 -8.62
N ASP A 66 -0.01 -8.22 -7.62
CA ASP A 66 -0.43 -8.06 -6.24
C ASP A 66 0.19 -6.77 -5.70
N ILE A 67 -0.66 -5.86 -5.27
CA ILE A 67 -0.19 -4.56 -4.82
C ILE A 67 0.33 -4.65 -3.39
N ILE A 68 1.62 -4.40 -3.24
CA ILE A 68 2.26 -4.53 -1.95
C ILE A 68 2.78 -3.19 -1.43
N CYS A 69 2.47 -2.89 -0.19
CA CYS A 69 3.02 -1.71 0.47
C CYS A 69 4.42 -2.03 0.97
N THR A 70 5.35 -1.09 0.83
CA THR A 70 6.73 -1.38 1.16
C THR A 70 7.32 -0.39 2.16
N LYS A 71 6.50 0.49 2.70
CA LYS A 71 6.94 1.38 3.76
C LYS A 71 6.49 0.83 5.10
N ASN A 72 7.40 0.74 6.05
CA ASN A 72 7.10 0.20 7.36
C ASN A 72 6.31 1.22 8.18
N LEU A 73 5.03 0.96 8.35
CA LEU A 73 4.18 1.84 9.13
C LEU A 73 4.33 1.55 10.61
N PRO A 74 4.91 2.50 11.37
CA PRO A 74 5.14 2.34 12.80
C PRO A 74 3.84 2.21 13.58
N LYS A 75 3.67 1.07 14.21
CA LYS A 75 2.53 0.85 15.08
C LYS A 75 2.69 1.71 16.33
N ASP A 76 1.87 2.75 16.42
CA ASP A 76 1.99 3.73 17.49
C ASP A 76 1.36 3.20 18.78
N SER A 77 1.98 2.16 19.31
CA SER A 77 1.54 1.52 20.52
C SER A 77 2.54 0.44 20.92
N LEU A 78 3.02 0.50 22.16
CA LEU A 78 3.96 -0.49 22.66
C LEU A 78 3.28 -1.45 23.61
N GLU A 79 3.86 -2.62 23.79
CA GLU A 79 3.34 -3.59 24.73
C GLU A 79 3.67 -3.13 26.15
N HIS A 80 2.72 -2.45 26.76
CA HIS A 80 2.95 -1.78 28.04
C HIS A 80 2.31 -2.58 29.18
N HIS A 81 3.15 -3.18 30.01
CA HIS A 81 2.69 -4.05 31.08
C HIS A 81 3.56 -3.88 32.32
N HIS A 82 2.93 -3.51 33.43
CA HIS A 82 3.65 -3.32 34.70
C HIS A 82 3.63 -4.60 35.52
N HIS A 83 4.81 -5.00 36.00
CA HIS A 83 4.92 -6.12 36.91
C HIS A 83 6.26 -6.08 37.62
N HIS A 84 6.68 -4.88 38.02
CA HIS A 84 7.95 -4.69 38.71
C HIS A 84 7.82 -5.08 40.19
N HIS A 85 7.22 -6.23 40.44
CA HIS A 85 7.10 -6.77 41.79
C HIS A 85 7.54 -8.22 41.79
N MET A 1 10.98 1.23 -18.46
CA MET A 1 11.48 0.53 -19.66
C MET A 1 10.71 -0.76 -19.88
N HIS A 2 10.07 -0.89 -21.03
CA HIS A 2 9.22 -2.03 -21.35
C HIS A 2 8.06 -2.12 -20.36
N LYS A 3 8.23 -2.91 -19.32
CA LYS A 3 7.27 -2.96 -18.23
C LYS A 3 7.88 -2.28 -17.01
N ASP A 4 7.09 -1.51 -16.28
CA ASP A 4 7.64 -0.74 -15.16
C ASP A 4 6.92 -1.11 -13.87
N ILE A 5 7.58 -0.87 -12.74
CA ILE A 5 7.00 -1.17 -11.45
C ILE A 5 6.07 -0.04 -11.02
N PHE A 6 4.77 -0.23 -11.18
CA PHE A 6 3.79 0.77 -10.78
C PHE A 6 3.92 1.08 -9.30
N THR A 7 4.47 2.23 -8.98
CA THR A 7 4.64 2.66 -7.60
C THR A 7 3.93 3.98 -7.37
N SER A 8 3.10 4.03 -6.33
CA SER A 8 2.36 5.23 -6.00
C SER A 8 2.13 5.30 -4.50
N VAL A 9 1.28 6.21 -4.06
CA VAL A 9 0.93 6.29 -2.65
C VAL A 9 -0.57 6.13 -2.46
N VAL A 10 -0.95 5.37 -1.45
CA VAL A 10 -2.36 5.16 -1.16
C VAL A 10 -2.72 5.85 0.17
N ARG A 11 -3.97 6.24 0.31
CA ARG A 11 -4.42 6.92 1.51
C ARG A 11 -4.91 5.91 2.53
N VAL A 12 -4.14 5.79 3.60
CA VAL A 12 -4.37 4.79 4.61
C VAL A 12 -5.14 5.39 5.78
N ARG A 13 -6.07 4.65 6.35
CA ARG A 13 -6.92 5.20 7.40
C ARG A 13 -6.20 5.19 8.75
N GLY A 14 -6.48 6.23 9.54
CA GLY A 14 -5.73 6.49 10.75
C GLY A 14 -5.97 5.52 11.88
N SER A 15 -5.10 4.53 11.97
CA SER A 15 -4.99 3.69 13.16
C SER A 15 -3.59 3.87 13.73
N LYS A 16 -2.92 4.90 13.22
CA LYS A 16 -1.52 5.16 13.47
C LYS A 16 -1.17 6.54 12.91
N LYS A 17 0.11 6.89 12.84
CA LYS A 17 0.49 8.22 12.38
C LYS A 17 0.62 8.32 10.86
N TYR A 18 1.19 7.30 10.21
CA TYR A 18 1.43 7.37 8.77
C TYR A 18 0.18 6.99 7.99
N ASN A 19 -0.56 8.00 7.54
CA ASN A 19 -1.84 7.75 6.87
C ASN A 19 -1.71 7.82 5.36
N VAL A 20 -0.48 7.85 4.87
CA VAL A 20 -0.21 7.75 3.44
C VAL A 20 1.03 6.91 3.22
N VAL A 21 0.89 5.84 2.46
CA VAL A 21 1.99 4.90 2.31
C VAL A 21 2.25 4.56 0.83
N PRO A 22 3.53 4.46 0.45
CA PRO A 22 3.94 4.05 -0.90
C PRO A 22 3.68 2.57 -1.18
N VAL A 23 2.93 2.30 -2.23
CA VAL A 23 2.64 0.95 -2.68
C VAL A 23 3.25 0.71 -4.05
N LYS A 24 3.53 -0.53 -4.37
CA LYS A 24 4.15 -0.86 -5.64
C LYS A 24 3.62 -2.18 -6.17
N SER A 25 4.10 -2.57 -7.34
CA SER A 25 3.70 -3.82 -7.95
C SER A 25 4.86 -4.81 -7.90
N ASN A 26 4.57 -6.00 -7.38
CA ASN A 26 5.58 -7.06 -7.25
C ASN A 26 6.08 -7.50 -8.61
N LYS A 27 5.26 -7.30 -9.62
CA LYS A 27 5.62 -7.64 -10.99
C LYS A 27 5.52 -6.39 -11.87
N PRO A 28 6.43 -6.23 -12.83
CA PRO A 28 6.42 -5.08 -13.72
C PRO A 28 5.18 -5.05 -14.61
N VAL A 29 4.51 -3.91 -14.61
CA VAL A 29 3.26 -3.75 -15.35
C VAL A 29 3.44 -2.78 -16.51
N GLU A 30 2.66 -2.99 -17.56
CA GLU A 30 2.55 -2.00 -18.62
C GLU A 30 1.82 -0.78 -18.07
N ILE A 31 2.46 0.38 -18.11
CA ILE A 31 1.89 1.56 -17.49
C ILE A 31 0.79 2.18 -18.36
N SER A 32 -0.39 1.62 -18.19
CA SER A 32 -1.60 2.13 -18.84
C SER A 32 -2.78 2.11 -17.87
N LYS A 33 -2.61 1.47 -16.72
CA LYS A 33 -3.70 1.25 -15.78
C LYS A 33 -3.62 2.20 -14.60
N TRP A 34 -2.86 3.28 -14.74
CA TRP A 34 -2.68 4.22 -13.63
C TRP A 34 -4.02 4.86 -13.27
N ILE A 35 -4.92 4.93 -14.25
CA ILE A 35 -6.26 5.46 -14.02
C ILE A 35 -7.09 4.45 -13.24
N ASP A 36 -7.06 3.20 -13.67
CA ASP A 36 -7.84 2.14 -13.03
C ASP A 36 -7.32 1.83 -11.64
N PHE A 37 -6.00 1.83 -11.48
CA PHE A 37 -5.40 1.53 -10.19
C PHE A 37 -5.78 2.60 -9.17
N SER A 38 -5.64 3.88 -9.53
CA SER A 38 -6.01 4.97 -8.64
C SER A 38 -7.52 4.97 -8.42
N ASN A 39 -8.25 4.52 -9.44
CA ASN A 39 -9.70 4.36 -9.37
C ASN A 39 -10.07 3.44 -8.21
N VAL A 40 -9.41 2.29 -8.16
CA VAL A 40 -9.62 1.33 -7.10
C VAL A 40 -9.06 1.83 -5.78
N LEU A 41 -7.93 2.51 -5.83
CA LEU A 41 -7.31 3.07 -4.62
C LEU A 41 -8.21 4.10 -3.97
N SER A 42 -9.08 4.72 -4.75
CA SER A 42 -10.01 5.73 -4.24
C SER A 42 -11.19 5.08 -3.51
N ARG A 43 -11.15 3.76 -3.36
CA ARG A 43 -12.14 3.04 -2.59
C ARG A 43 -11.47 1.89 -1.82
N LEU A 44 -10.15 1.98 -1.71
CA LEU A 44 -9.38 0.96 -1.03
C LEU A 44 -8.73 1.54 0.22
N TYR A 45 -9.56 2.06 1.12
CA TYR A 45 -9.07 2.69 2.34
C TYR A 45 -8.80 1.65 3.41
N VAL A 46 -7.57 1.17 3.46
CA VAL A 46 -7.17 0.20 4.46
C VAL A 46 -6.59 0.94 5.66
N GLY A 47 -6.77 0.39 6.85
CA GLY A 47 -6.30 1.07 8.04
C GLY A 47 -5.53 0.17 8.97
N VAL A 48 -4.57 -0.54 8.42
CA VAL A 48 -3.71 -1.40 9.22
C VAL A 48 -2.23 -1.14 8.89
N PRO A 49 -1.41 -0.91 9.93
CA PRO A 49 0.05 -0.79 9.79
C PRO A 49 0.69 -2.11 9.38
N THR A 50 1.57 -2.07 8.39
CA THR A 50 2.16 -3.27 7.84
C THR A 50 3.68 -3.14 7.68
N LYS A 51 4.31 -4.19 7.18
CA LYS A 51 5.75 -4.19 6.95
C LYS A 51 6.03 -4.41 5.47
N SER A 52 7.27 -4.22 5.05
CA SER A 52 7.63 -4.26 3.63
C SER A 52 7.28 -5.61 3.00
N GLY A 53 6.56 -5.56 1.88
CA GLY A 53 6.24 -6.75 1.15
C GLY A 53 4.87 -7.31 1.52
N ASN A 54 3.99 -6.44 1.97
CA ASN A 54 2.65 -6.85 2.37
C ASN A 54 1.67 -6.64 1.21
N VAL A 55 0.79 -7.60 0.99
CA VAL A 55 -0.21 -7.50 -0.06
C VAL A 55 -1.35 -6.58 0.37
N VAL A 56 -1.53 -5.49 -0.37
CA VAL A 56 -2.64 -4.59 -0.13
C VAL A 56 -3.85 -5.07 -0.92
N CYS A 57 -3.69 -5.18 -2.23
CA CYS A 57 -4.73 -5.69 -3.10
C CYS A 57 -4.17 -6.78 -4.01
N LYS A 58 -4.58 -8.01 -3.75
CA LYS A 58 -4.09 -9.15 -4.51
C LYS A 58 -4.92 -9.32 -5.79
N ASN A 59 -4.25 -9.24 -6.94
CA ASN A 59 -4.93 -9.32 -8.24
C ASN A 59 -5.99 -8.23 -8.35
N ILE A 60 -5.55 -7.00 -8.07
CA ILE A 60 -6.44 -5.84 -7.98
C ILE A 60 -7.36 -5.71 -9.19
N MET A 61 -6.79 -5.78 -10.39
CA MET A 61 -7.57 -5.62 -11.61
C MET A 61 -7.27 -6.76 -12.59
N ASN A 62 -7.26 -7.98 -12.05
CA ASN A 62 -7.06 -9.18 -12.86
C ASN A 62 -5.70 -9.14 -13.58
N THR A 63 -4.74 -8.48 -12.97
CA THR A 63 -3.43 -8.30 -13.57
C THR A 63 -2.51 -9.48 -13.26
N GLY A 64 -2.84 -10.22 -12.21
CA GLY A 64 -1.95 -11.26 -11.73
C GLY A 64 -0.83 -10.67 -10.91
N VAL A 65 -0.95 -9.39 -10.61
CA VAL A 65 0.04 -8.65 -9.84
C VAL A 65 -0.48 -8.41 -8.43
N ASP A 66 0.41 -8.58 -7.47
CA ASP A 66 0.09 -8.35 -6.08
C ASP A 66 0.56 -6.95 -5.70
N ILE A 67 -0.40 -6.03 -5.53
CA ILE A 67 -0.06 -4.67 -5.14
C ILE A 67 0.37 -4.66 -3.68
N ILE A 68 1.66 -4.48 -3.48
CA ILE A 68 2.24 -4.61 -2.16
C ILE A 68 2.78 -3.30 -1.64
N CYS A 69 2.67 -3.10 -0.34
CA CYS A 69 3.27 -1.96 0.34
C CYS A 69 4.66 -2.33 0.78
N THR A 70 5.59 -1.40 0.69
CA THR A 70 6.98 -1.69 0.98
C THR A 70 7.50 -0.82 2.12
N LYS A 71 6.62 -0.07 2.74
CA LYS A 71 7.00 0.75 3.87
C LYS A 71 6.55 0.06 5.15
N ASN A 72 7.30 0.24 6.22
CA ASN A 72 6.97 -0.38 7.50
C ASN A 72 6.25 0.65 8.37
N LEU A 73 4.97 0.42 8.60
CA LEU A 73 4.15 1.38 9.34
C LEU A 73 4.22 1.10 10.84
N PRO A 74 4.76 2.05 11.61
CA PRO A 74 4.83 1.96 13.08
C PRO A 74 3.47 2.28 13.71
N LYS A 75 3.19 1.66 14.84
CA LYS A 75 1.92 1.85 15.52
C LYS A 75 2.10 1.78 17.03
N ASP A 76 1.15 2.37 17.75
CA ASP A 76 1.09 2.32 19.22
C ASP A 76 2.06 3.33 19.84
N SER A 77 2.14 3.34 21.16
CA SER A 77 2.89 4.35 21.86
C SER A 77 4.14 3.76 22.52
N LEU A 78 4.57 2.59 22.06
CA LEU A 78 5.77 1.97 22.58
C LEU A 78 7.00 2.76 22.15
N GLU A 79 7.92 2.96 23.08
CA GLU A 79 9.14 3.71 22.80
C GLU A 79 10.07 2.91 21.90
N HIS A 80 10.78 3.61 21.03
CA HIS A 80 11.76 2.96 20.16
C HIS A 80 12.92 3.92 19.88
N HIS A 81 13.98 3.75 20.64
CA HIS A 81 15.15 4.63 20.53
C HIS A 81 16.39 3.79 20.24
N HIS A 82 16.98 4.01 19.08
CA HIS A 82 18.16 3.25 18.69
C HIS A 82 19.41 3.82 19.34
N HIS A 83 19.90 3.11 20.35
CA HIS A 83 21.09 3.49 21.07
C HIS A 83 21.86 2.24 21.46
N HIS A 84 23.10 2.16 21.02
CA HIS A 84 23.93 0.97 21.27
C HIS A 84 24.27 0.87 22.74
N HIS A 85 23.65 -0.09 23.41
CA HIS A 85 23.92 -0.34 24.82
C HIS A 85 24.53 -1.74 24.98
N MET A 1 8.23 -2.76 -24.97
CA MET A 1 8.75 -2.35 -23.65
C MET A 1 8.03 -1.07 -23.20
N HIS A 2 6.88 -1.25 -22.56
CA HIS A 2 6.07 -0.13 -22.12
C HIS A 2 5.43 -0.45 -20.78
N LYS A 3 5.97 -1.45 -20.10
CA LYS A 3 5.47 -1.86 -18.79
C LYS A 3 6.41 -1.36 -17.70
N ASP A 4 5.83 -0.93 -16.59
CA ASP A 4 6.60 -0.34 -15.51
C ASP A 4 6.06 -0.81 -14.16
N ILE A 5 6.84 -0.63 -13.11
CA ILE A 5 6.38 -0.94 -11.77
C ILE A 5 5.39 0.12 -11.30
N PHE A 6 4.14 -0.28 -11.14
CA PHE A 6 3.11 0.63 -10.66
C PHE A 6 3.49 1.17 -9.29
N THR A 7 3.84 2.43 -9.23
CA THR A 7 4.29 3.04 -7.99
C THR A 7 3.48 4.30 -7.68
N SER A 8 2.81 4.29 -6.54
CA SER A 8 2.00 5.43 -6.13
C SER A 8 1.87 5.43 -4.61
N VAL A 9 0.82 6.06 -4.10
CA VAL A 9 0.57 6.08 -2.66
C VAL A 9 -0.88 5.73 -2.36
N VAL A 10 -1.11 5.08 -1.25
CA VAL A 10 -2.46 4.71 -0.86
C VAL A 10 -2.84 5.41 0.45
N ARG A 11 -4.13 5.67 0.60
CA ARG A 11 -4.63 6.39 1.78
C ARG A 11 -4.85 5.42 2.93
N VAL A 12 -4.17 5.68 4.04
CA VAL A 12 -4.17 4.75 5.17
C VAL A 12 -5.14 5.21 6.26
N ARG A 13 -6.14 4.39 6.54
CA ARG A 13 -7.15 4.72 7.54
C ARG A 13 -7.38 3.54 8.46
N GLY A 14 -6.84 3.63 9.66
CA GLY A 14 -6.91 2.52 10.61
C GLY A 14 -6.11 2.81 11.86
N SER A 15 -5.97 1.81 12.72
CA SER A 15 -5.24 1.98 13.96
C SER A 15 -3.73 1.94 13.71
N LYS A 16 -3.13 3.13 13.66
CA LYS A 16 -1.69 3.27 13.42
C LYS A 16 -1.26 4.72 13.60
N LYS A 17 -0.05 5.04 13.15
CA LYS A 17 0.43 6.42 13.16
C LYS A 17 0.94 6.83 11.80
N TYR A 18 0.02 7.02 10.86
CA TYR A 18 0.34 7.40 9.48
C TYR A 18 -0.89 7.98 8.80
N ASN A 19 -0.74 8.44 7.56
CA ASN A 19 -1.88 8.96 6.80
C ASN A 19 -1.83 8.46 5.37
N VAL A 20 -0.68 8.60 4.75
CA VAL A 20 -0.47 8.13 3.40
C VAL A 20 0.82 7.32 3.32
N VAL A 21 0.76 6.16 2.67
CA VAL A 21 1.91 5.28 2.59
C VAL A 21 2.18 4.90 1.12
N PRO A 22 3.45 4.84 0.71
CA PRO A 22 3.82 4.48 -0.66
C PRO A 22 3.55 3.01 -0.95
N VAL A 23 3.00 2.75 -2.13
CA VAL A 23 2.60 1.42 -2.53
C VAL A 23 3.07 1.15 -3.96
N LYS A 24 3.42 -0.09 -4.25
CA LYS A 24 3.98 -0.43 -5.55
C LYS A 24 3.54 -1.81 -6.01
N SER A 25 3.98 -2.22 -7.18
CA SER A 25 3.59 -3.49 -7.74
C SER A 25 4.78 -4.44 -7.72
N ASN A 26 4.54 -5.63 -7.19
CA ASN A 26 5.54 -6.69 -7.16
C ASN A 26 6.05 -6.99 -8.56
N LYS A 27 5.13 -6.97 -9.51
CA LYS A 27 5.42 -7.39 -10.86
C LYS A 27 5.17 -6.23 -11.82
N PRO A 28 6.03 -6.05 -12.83
CA PRO A 28 5.88 -4.97 -13.81
C PRO A 28 4.55 -5.06 -14.56
N VAL A 29 3.81 -3.96 -14.54
CA VAL A 29 2.46 -3.94 -15.09
C VAL A 29 2.35 -2.87 -16.19
N GLU A 30 1.39 -3.04 -17.08
CA GLU A 30 1.15 -2.11 -18.16
C GLU A 30 0.67 -0.77 -17.63
N ILE A 31 1.33 0.31 -18.03
CA ILE A 31 0.92 1.65 -17.62
C ILE A 31 -0.33 2.09 -18.38
N SER A 32 -0.74 1.28 -19.35
CA SER A 32 -1.97 1.51 -20.10
C SER A 32 -3.17 1.50 -19.14
N LYS A 33 -3.08 0.70 -18.09
CA LYS A 33 -4.15 0.58 -17.12
C LYS A 33 -3.77 1.29 -15.81
N TRP A 34 -2.73 2.11 -15.87
CA TRP A 34 -2.23 2.82 -14.70
C TRP A 34 -3.33 3.67 -14.06
N ILE A 35 -4.18 4.25 -14.91
CA ILE A 35 -5.26 5.12 -14.47
C ILE A 35 -6.28 4.34 -13.64
N ASP A 36 -6.56 3.11 -14.06
CA ASP A 36 -7.57 2.30 -13.38
C ASP A 36 -7.04 1.83 -12.03
N PHE A 37 -5.77 1.41 -12.01
CA PHE A 37 -5.12 0.98 -10.78
C PHE A 37 -5.14 2.08 -9.72
N SER A 38 -4.79 3.30 -10.14
CA SER A 38 -4.71 4.43 -9.21
C SER A 38 -6.09 4.83 -8.70
N ASN A 39 -7.12 4.59 -9.52
CA ASN A 39 -8.49 4.88 -9.10
C ASN A 39 -8.97 3.85 -8.08
N VAL A 40 -8.36 2.67 -8.09
CA VAL A 40 -8.66 1.66 -7.08
C VAL A 40 -8.07 2.09 -5.74
N LEU A 41 -6.82 2.57 -5.77
CA LEU A 41 -6.12 2.99 -4.55
C LEU A 41 -6.88 4.08 -3.82
N SER A 42 -7.38 5.05 -4.58
CA SER A 42 -8.10 6.19 -4.01
C SER A 42 -9.52 5.81 -3.62
N ARG A 43 -9.86 4.55 -3.80
CA ARG A 43 -11.18 4.04 -3.46
C ARG A 43 -11.09 3.10 -2.26
N LEU A 44 -9.89 2.64 -1.96
CA LEU A 44 -9.68 1.66 -0.91
C LEU A 44 -9.82 2.27 0.48
N TYR A 45 -8.84 3.09 0.84
CA TYR A 45 -8.74 3.66 2.19
C TYR A 45 -8.68 2.56 3.24
N VAL A 46 -7.49 2.00 3.40
CA VAL A 46 -7.27 0.89 4.31
C VAL A 46 -6.16 1.24 5.29
N GLY A 47 -6.28 0.80 6.53
CA GLY A 47 -5.30 1.16 7.53
C GLY A 47 -4.95 0.01 8.45
N VAL A 48 -3.96 -0.76 8.05
CA VAL A 48 -3.49 -1.89 8.85
C VAL A 48 -1.98 -1.82 9.02
N PRO A 49 -1.49 -1.74 10.28
CA PRO A 49 -0.06 -1.74 10.57
C PRO A 49 0.64 -2.99 10.02
N THR A 50 1.47 -2.81 9.02
CA THR A 50 2.10 -3.92 8.33
C THR A 50 3.58 -3.64 8.07
N LYS A 51 4.29 -4.65 7.60
CA LYS A 51 5.72 -4.54 7.31
C LYS A 51 5.95 -4.34 5.81
N SER A 52 7.21 -4.19 5.42
CA SER A 52 7.55 -3.99 4.02
C SER A 52 7.30 -5.26 3.21
N GLY A 53 6.58 -5.14 2.12
CA GLY A 53 6.25 -6.29 1.31
C GLY A 53 4.89 -6.85 1.68
N ASN A 54 4.02 -5.98 2.15
CA ASN A 54 2.68 -6.38 2.54
C ASN A 54 1.75 -6.30 1.34
N VAL A 55 0.99 -7.36 1.11
CA VAL A 55 0.10 -7.41 -0.03
C VAL A 55 -1.27 -6.84 0.32
N VAL A 56 -1.59 -5.69 -0.24
CA VAL A 56 -2.90 -5.09 -0.03
C VAL A 56 -3.94 -5.77 -0.92
N CYS A 57 -3.76 -5.63 -2.23
CA CYS A 57 -4.68 -6.24 -3.19
C CYS A 57 -4.07 -7.52 -3.74
N LYS A 58 -4.73 -8.64 -3.48
CA LYS A 58 -4.26 -9.94 -3.96
C LYS A 58 -4.72 -10.15 -5.39
N ASN A 59 -3.82 -10.00 -6.35
CA ASN A 59 -4.17 -10.12 -7.78
C ASN A 59 -5.31 -9.17 -8.10
N ILE A 60 -5.01 -7.89 -8.01
CA ILE A 60 -6.01 -6.84 -8.16
C ILE A 60 -6.66 -6.86 -9.54
N MET A 61 -7.94 -7.23 -9.59
CA MET A 61 -8.73 -7.22 -10.81
C MET A 61 -8.18 -8.22 -11.84
N ASN A 62 -7.51 -9.26 -11.34
CA ASN A 62 -6.94 -10.32 -12.19
C ASN A 62 -5.88 -9.76 -13.14
N THR A 63 -4.67 -9.62 -12.63
CA THR A 63 -3.57 -9.05 -13.39
C THR A 63 -2.29 -9.89 -13.27
N GLY A 64 -2.20 -10.70 -12.22
CA GLY A 64 -0.98 -11.42 -11.95
C GLY A 64 -0.03 -10.62 -11.09
N VAL A 65 -0.53 -9.48 -10.61
CA VAL A 65 0.24 -8.59 -9.75
C VAL A 65 -0.41 -8.50 -8.38
N ASP A 66 0.38 -8.71 -7.35
CA ASP A 66 -0.03 -8.43 -6.00
C ASP A 66 0.45 -7.04 -5.61
N ILE A 67 -0.46 -6.21 -5.15
CA ILE A 67 -0.13 -4.82 -4.83
C ILE A 67 0.44 -4.75 -3.43
N ILE A 68 1.72 -4.44 -3.34
CA ILE A 68 2.42 -4.48 -2.07
C ILE A 68 2.94 -3.11 -1.64
N CYS A 69 2.80 -2.82 -0.36
CA CYS A 69 3.39 -1.63 0.20
C CYS A 69 4.78 -1.97 0.75
N THR A 70 5.70 -1.04 0.67
CA THR A 70 7.08 -1.33 1.03
C THR A 70 7.51 -0.51 2.25
N LYS A 71 6.63 0.35 2.74
CA LYS A 71 6.94 1.11 3.93
C LYS A 71 6.32 0.40 5.13
N ASN A 72 6.94 0.55 6.29
CA ASN A 72 6.49 -0.17 7.48
C ASN A 72 5.60 0.73 8.33
N LEU A 73 4.48 0.18 8.75
CA LEU A 73 3.55 0.92 9.59
C LEU A 73 3.51 0.32 10.99
N PRO A 74 4.33 0.86 11.91
CA PRO A 74 4.44 0.34 13.26
C PRO A 74 3.48 1.04 14.24
N LYS A 75 2.86 0.24 15.11
CA LYS A 75 2.05 0.78 16.19
C LYS A 75 2.23 -0.08 17.44
N ASP A 76 2.86 0.49 18.46
CA ASP A 76 3.11 -0.23 19.70
C ASP A 76 2.55 0.57 20.87
N SER A 77 1.63 -0.04 21.61
CA SER A 77 0.99 0.66 22.72
C SER A 77 0.65 -0.29 23.87
N LEU A 78 1.29 -0.09 25.01
CA LEU A 78 0.90 -0.79 26.23
C LEU A 78 -0.34 -0.09 26.78
N GLU A 79 -1.49 -0.74 26.62
CA GLU A 79 -2.76 -0.05 26.80
C GLU A 79 -3.22 -0.03 28.26
N HIS A 80 -2.65 0.91 29.02
CA HIS A 80 -3.13 1.27 30.36
C HIS A 80 -3.14 0.11 31.35
N HIS A 81 -2.29 -0.88 31.16
CA HIS A 81 -2.21 -2.00 32.10
C HIS A 81 -1.22 -1.68 33.22
N HIS A 82 -1.06 -0.40 33.53
CA HIS A 82 -0.20 0.02 34.63
C HIS A 82 -0.53 1.44 35.04
N HIS A 83 -1.35 1.56 36.07
CA HIS A 83 -1.79 2.84 36.60
C HIS A 83 -2.53 2.60 37.91
N HIS A 84 -3.57 1.78 37.82
CA HIS A 84 -4.26 1.30 39.02
C HIS A 84 -3.56 0.05 39.50
N HIS A 85 -2.25 0.19 39.74
CA HIS A 85 -1.38 -0.93 40.06
C HIS A 85 -1.27 -1.88 38.87
N MET A 1 11.36 -0.19 -21.34
CA MET A 1 10.37 -1.12 -20.74
C MET A 1 8.95 -0.66 -21.02
N HIS A 2 8.11 -1.58 -21.49
CA HIS A 2 6.71 -1.28 -21.73
C HIS A 2 5.90 -1.53 -20.48
N LYS A 3 6.48 -2.30 -19.57
CA LYS A 3 5.87 -2.57 -18.28
C LYS A 3 6.74 -2.00 -17.17
N ASP A 4 6.15 -1.12 -16.36
CA ASP A 4 6.90 -0.42 -15.33
C ASP A 4 6.26 -0.64 -13.97
N ILE A 5 7.08 -0.66 -12.93
CA ILE A 5 6.60 -0.90 -11.58
C ILE A 5 5.67 0.22 -11.12
N PHE A 6 4.44 -0.14 -10.81
CA PHE A 6 3.45 0.81 -10.36
C PHE A 6 3.68 1.15 -8.89
N THR A 7 4.37 2.26 -8.66
CA THR A 7 4.57 2.76 -7.32
C THR A 7 3.69 3.99 -7.10
N SER A 8 2.88 3.95 -6.06
CA SER A 8 1.96 5.04 -5.78
C SER A 8 1.70 5.15 -4.28
N VAL A 9 0.72 5.95 -3.90
CA VAL A 9 0.39 6.13 -2.50
C VAL A 9 -1.08 5.81 -2.25
N VAL A 10 -1.36 5.13 -1.15
CA VAL A 10 -2.72 4.75 -0.80
C VAL A 10 -3.07 5.30 0.58
N ARG A 11 -4.36 5.45 0.85
CA ARG A 11 -4.83 5.95 2.13
C ARG A 11 -4.80 4.86 3.19
N VAL A 12 -4.26 5.17 4.35
CA VAL A 12 -4.16 4.21 5.43
C VAL A 12 -4.90 4.72 6.66
N ARG A 13 -5.59 3.81 7.31
CA ARG A 13 -6.34 4.09 8.52
C ARG A 13 -5.80 3.23 9.67
N GLY A 14 -6.23 3.50 10.89
CA GLY A 14 -5.80 2.67 12.00
C GLY A 14 -4.97 3.43 13.00
N SER A 15 -4.63 2.77 14.11
CA SER A 15 -3.90 3.39 15.20
C SER A 15 -2.43 3.62 14.84
N LYS A 16 -2.16 4.75 14.19
CA LYS A 16 -0.80 5.22 13.93
C LYS A 16 -0.84 6.57 13.21
N LYS A 17 0.30 7.26 13.19
CA LYS A 17 0.36 8.63 12.69
C LYS A 17 0.71 8.68 11.20
N TYR A 18 0.25 7.69 10.45
CA TYR A 18 0.50 7.63 9.02
C TYR A 18 -0.80 7.39 8.25
N ASN A 19 -1.33 8.44 7.65
CA ASN A 19 -2.60 8.37 6.95
C ASN A 19 -2.41 8.00 5.49
N VAL A 20 -1.16 7.93 5.06
CA VAL A 20 -0.83 7.56 3.68
C VAL A 20 0.43 6.68 3.66
N VAL A 21 0.45 5.70 2.77
CA VAL A 21 1.62 4.85 2.61
C VAL A 21 1.87 4.55 1.13
N PRO A 22 3.14 4.58 0.71
CA PRO A 22 3.53 4.20 -0.65
C PRO A 22 3.45 2.70 -0.90
N VAL A 23 2.78 2.32 -1.97
CA VAL A 23 2.65 0.93 -2.36
C VAL A 23 3.34 0.68 -3.70
N LYS A 24 3.64 -0.57 -3.98
CA LYS A 24 4.30 -0.94 -5.22
C LYS A 24 3.56 -2.09 -5.89
N SER A 25 4.01 -2.45 -7.08
CA SER A 25 3.44 -3.57 -7.81
C SER A 25 4.42 -4.73 -7.85
N ASN A 26 3.94 -5.92 -7.50
CA ASN A 26 4.75 -7.14 -7.52
C ASN A 26 5.37 -7.36 -8.90
N LYS A 27 4.59 -7.19 -9.95
CA LYS A 27 5.05 -7.40 -11.30
C LYS A 27 4.89 -6.11 -12.10
N PRO A 28 5.87 -5.80 -12.98
CA PRO A 28 5.83 -4.60 -13.83
C PRO A 28 4.48 -4.43 -14.53
N VAL A 29 3.93 -3.23 -14.45
CA VAL A 29 2.62 -2.93 -14.98
C VAL A 29 2.72 -2.22 -16.32
N GLU A 30 2.04 -2.75 -17.32
CA GLU A 30 2.00 -2.14 -18.65
C GLU A 30 1.58 -0.68 -18.53
N ILE A 31 2.28 0.19 -19.25
CA ILE A 31 2.01 1.62 -19.22
C ILE A 31 0.65 1.93 -19.86
N SER A 32 -0.40 1.73 -19.08
CA SER A 32 -1.77 1.93 -19.51
C SER A 32 -2.71 1.61 -18.35
N LYS A 33 -2.40 0.55 -17.61
CA LYS A 33 -3.23 0.11 -16.49
C LYS A 33 -3.00 0.98 -15.26
N TRP A 34 -2.04 1.88 -15.35
CA TRP A 34 -1.72 2.79 -14.25
C TRP A 34 -2.94 3.61 -13.84
N ILE A 35 -3.77 3.95 -14.83
CA ILE A 35 -4.98 4.72 -14.57
C ILE A 35 -5.95 3.93 -13.69
N ASP A 36 -6.30 2.72 -14.13
CA ASP A 36 -7.24 1.87 -13.41
C ASP A 36 -6.72 1.52 -12.02
N PHE A 37 -5.42 1.28 -11.92
CA PHE A 37 -4.80 0.92 -10.65
C PHE A 37 -4.91 2.06 -9.63
N SER A 38 -4.51 3.25 -10.03
CA SER A 38 -4.61 4.42 -9.16
C SER A 38 -6.08 4.73 -8.88
N ASN A 39 -6.91 4.43 -9.88
CA ASN A 39 -8.36 4.57 -9.79
C ASN A 39 -8.89 3.78 -8.60
N VAL A 40 -8.57 2.49 -8.56
CA VAL A 40 -9.03 1.62 -7.48
C VAL A 40 -8.53 2.11 -6.13
N LEU A 41 -7.26 2.51 -6.09
CA LEU A 41 -6.65 2.99 -4.84
C LEU A 41 -7.38 4.23 -4.32
N SER A 42 -8.00 4.99 -5.23
CA SER A 42 -8.68 6.22 -4.87
C SER A 42 -9.94 5.95 -4.03
N ARG A 43 -10.35 4.69 -3.93
CA ARG A 43 -11.45 4.32 -3.06
C ARG A 43 -11.07 3.15 -2.18
N LEU A 44 -9.77 2.94 -2.01
CA LEU A 44 -9.26 1.84 -1.21
C LEU A 44 -8.63 2.38 0.08
N TYR A 45 -9.23 2.03 1.20
CA TYR A 45 -8.71 2.44 2.50
C TYR A 45 -8.31 1.22 3.32
N VAL A 46 -7.02 1.09 3.56
CA VAL A 46 -6.51 -0.02 4.35
C VAL A 46 -6.31 0.40 5.79
N GLY A 47 -5.86 -0.53 6.62
CA GLY A 47 -5.66 -0.22 8.02
C GLY A 47 -4.46 -0.94 8.59
N VAL A 48 -4.15 -0.66 9.86
CA VAL A 48 -3.02 -1.29 10.57
C VAL A 48 -1.67 -0.78 10.04
N PRO A 49 -0.70 -0.54 10.94
CA PRO A 49 0.68 -0.25 10.55
C PRO A 49 1.33 -1.44 9.84
N THR A 50 1.73 -1.23 8.60
CA THR A 50 2.24 -2.30 7.77
C THR A 50 3.77 -2.28 7.69
N LYS A 51 4.35 -3.37 7.20
CA LYS A 51 5.79 -3.46 7.00
C LYS A 51 6.13 -3.25 5.53
N SER A 52 7.19 -3.89 5.08
CA SER A 52 7.47 -3.93 3.65
C SER A 52 7.05 -5.29 3.11
N GLY A 53 6.15 -5.30 2.14
CA GLY A 53 5.65 -6.54 1.57
C GLY A 53 4.30 -6.92 2.12
N ASN A 54 3.37 -5.97 2.10
CA ASN A 54 2.01 -6.22 2.58
C ASN A 54 1.06 -6.26 1.40
N VAL A 55 0.56 -7.44 1.08
CA VAL A 55 -0.36 -7.59 -0.04
C VAL A 55 -1.71 -6.95 0.29
N VAL A 56 -2.00 -5.87 -0.41
CA VAL A 56 -3.27 -5.18 -0.25
C VAL A 56 -4.32 -5.83 -1.13
N CYS A 57 -4.09 -5.78 -2.42
CA CYS A 57 -4.96 -6.44 -3.38
C CYS A 57 -4.13 -7.27 -4.36
N LYS A 58 -4.32 -8.58 -4.31
CA LYS A 58 -3.59 -9.48 -5.18
C LYS A 58 -4.46 -9.85 -6.38
N ASN A 59 -3.84 -9.95 -7.55
CA ASN A 59 -4.55 -10.21 -8.80
C ASN A 59 -5.59 -9.11 -9.02
N ILE A 60 -5.16 -7.88 -8.74
CA ILE A 60 -6.07 -6.74 -8.77
C ILE A 60 -6.59 -6.50 -10.19
N MET A 61 -7.91 -6.30 -10.30
CA MET A 61 -8.55 -6.06 -11.59
C MET A 61 -8.42 -7.27 -12.50
N ASN A 62 -8.18 -8.44 -11.89
CA ASN A 62 -7.97 -9.69 -12.62
C ASN A 62 -6.67 -9.62 -13.44
N THR A 63 -5.89 -8.57 -13.16
CA THR A 63 -4.64 -8.33 -13.86
C THR A 63 -3.59 -9.37 -13.48
N GLY A 64 -3.50 -9.66 -12.19
CA GLY A 64 -2.56 -10.66 -11.72
C GLY A 64 -1.52 -10.07 -10.80
N VAL A 65 -1.24 -8.79 -10.97
CA VAL A 65 -0.25 -8.10 -10.14
C VAL A 65 -0.74 -8.00 -8.69
N ASP A 66 0.19 -8.18 -7.76
CA ASP A 66 -0.09 -8.00 -6.34
C ASP A 66 0.32 -6.60 -5.94
N ILE A 67 -0.62 -5.85 -5.39
CA ILE A 67 -0.34 -4.50 -4.93
C ILE A 67 0.11 -4.56 -3.48
N ILE A 68 1.39 -4.37 -3.26
CA ILE A 68 1.96 -4.55 -1.93
C ILE A 68 2.51 -3.25 -1.37
N CYS A 69 2.17 -2.98 -0.12
CA CYS A 69 2.73 -1.85 0.59
C CYS A 69 4.19 -2.16 0.94
N THR A 70 5.06 -1.17 0.86
CA THR A 70 6.49 -1.41 1.02
C THR A 70 7.11 -0.51 2.10
N LYS A 71 6.30 0.31 2.75
CA LYS A 71 6.82 1.20 3.78
C LYS A 71 6.49 0.66 5.16
N ASN A 72 7.51 0.58 6.01
CA ASN A 72 7.36 -0.03 7.33
C ASN A 72 6.87 1.02 8.32
N LEU A 73 5.61 0.92 8.70
CA LEU A 73 5.02 1.86 9.64
C LEU A 73 5.08 1.30 11.06
N PRO A 74 5.65 2.06 12.01
CA PRO A 74 5.69 1.66 13.42
C PRO A 74 4.29 1.42 13.97
N LYS A 75 4.11 0.30 14.66
CA LYS A 75 2.80 -0.08 15.16
C LYS A 75 2.62 0.35 16.62
N ASP A 76 3.12 -0.46 17.53
CA ASP A 76 2.95 -0.21 18.96
C ASP A 76 3.97 0.81 19.46
N SER A 77 3.58 2.07 19.45
CA SER A 77 4.44 3.14 19.93
C SER A 77 4.28 3.30 21.43
N LEU A 78 5.14 2.63 22.17
CA LEU A 78 5.16 2.76 23.63
C LEU A 78 6.15 3.83 24.03
N GLU A 79 5.88 5.05 23.58
CA GLU A 79 6.77 6.17 23.82
C GLU A 79 6.69 6.64 25.26
N HIS A 80 7.85 6.88 25.86
CA HIS A 80 7.91 7.45 27.19
C HIS A 80 7.71 8.95 27.09
N HIS A 81 6.65 9.45 27.73
CA HIS A 81 6.32 10.87 27.66
C HIS A 81 7.49 11.72 28.16
N HIS A 82 8.03 11.36 29.31
CA HIS A 82 9.24 12.01 29.79
C HIS A 82 10.11 11.02 30.55
N HIS A 83 9.73 10.70 31.78
CA HIS A 83 10.57 9.85 32.62
C HIS A 83 9.74 9.04 33.61
N HIS A 84 9.78 7.73 33.47
CA HIS A 84 9.09 6.82 34.36
C HIS A 84 9.81 5.49 34.43
N HIS A 85 10.08 5.02 35.63
CA HIS A 85 10.69 3.71 35.83
C HIS A 85 10.46 3.22 37.26
#